data_2LFN
#
_entry.id   2LFN
#
_entity_poly.entity_id   1
_entity_poly.type   'polypeptide(L)'
_entity_poly.pdbx_seq_one_letter_code
;SATTIGPNTCSIDDYKPYCCQSMSGSASLGCVVGVIGSQCGASVKCCKDDVTNTGNSGLIINAANCVA
;
_entity_poly.pdbx_strand_id   A
#
# COMPACT_ATOMS: atom_id res chain seq x y z
N SER A 1 10.45 1.53 -9.27
CA SER A 1 9.62 2.74 -9.36
C SER A 1 10.16 3.86 -8.48
N ALA A 2 9.68 5.07 -8.68
CA ALA A 2 10.06 6.21 -7.85
C ALA A 2 8.93 7.22 -7.79
N THR A 3 7.71 6.71 -7.78
CA THR A 3 6.52 7.55 -7.77
C THR A 3 6.34 8.23 -6.41
N THR A 4 5.93 9.50 -6.44
CA THR A 4 5.68 10.25 -5.23
C THR A 4 4.33 9.86 -4.64
N ILE A 5 4.32 9.54 -3.36
CA ILE A 5 3.11 9.08 -2.69
C ILE A 5 2.40 10.23 -1.99
N GLY A 6 1.09 10.28 -2.15
CA GLY A 6 0.26 11.24 -1.45
C GLY A 6 -1.20 10.85 -1.50
N PRO A 7 -2.03 11.39 -0.61
CA PRO A 7 -3.48 11.17 -0.61
C PRO A 7 -4.17 11.71 -1.87
N ASN A 8 -3.78 11.20 -3.02
CA ASN A 8 -4.32 11.63 -4.30
C ASN A 8 -4.25 10.48 -5.29
N THR A 9 -3.11 9.79 -5.31
CA THR A 9 -2.91 8.66 -6.18
C THR A 9 -3.92 7.55 -5.91
N CYS A 10 -3.96 7.06 -4.68
CA CYS A 10 -4.88 6.01 -4.30
C CYS A 10 -5.75 6.47 -3.14
N SER A 11 -6.96 6.94 -3.45
CA SER A 11 -7.89 7.42 -2.43
C SER A 11 -9.29 7.50 -3.01
N ILE A 12 -9.49 6.86 -4.16
CA ILE A 12 -10.75 6.94 -4.87
C ILE A 12 -11.79 6.01 -4.25
N ASP A 13 -11.69 4.72 -4.55
CA ASP A 13 -12.61 3.73 -4.01
C ASP A 13 -12.24 3.40 -2.55
N ASP A 14 -12.25 4.43 -1.71
CA ASP A 14 -11.86 4.32 -0.30
C ASP A 14 -10.50 3.66 -0.16
N TYR A 15 -9.55 4.12 -0.97
CA TYR A 15 -8.25 3.49 -1.05
C TYR A 15 -7.20 4.28 -0.28
N LYS A 16 -6.10 3.59 0.03
CA LYS A 16 -4.94 4.21 0.60
C LYS A 16 -3.74 3.88 -0.27
N PRO A 17 -2.78 4.81 -0.40
CA PRO A 17 -1.55 4.54 -1.15
C PRO A 17 -0.61 3.63 -0.36
N TYR A 18 -0.56 2.38 -0.76
CA TYR A 18 0.21 1.39 -0.04
C TYR A 18 1.55 1.12 -0.72
N CYS A 19 2.63 1.36 0.00
CA CYS A 19 3.95 1.05 -0.48
C CYS A 19 4.29 -0.39 -0.10
N CYS A 20 3.90 -1.33 -0.96
CA CYS A 20 4.10 -2.74 -0.68
C CYS A 20 5.54 -3.14 -0.95
N GLN A 21 6.24 -3.51 0.10
CA GLN A 21 7.63 -3.92 0.00
C GLN A 21 7.74 -5.38 -0.41
N SER A 22 7.22 -5.68 -1.59
CA SER A 22 7.26 -7.02 -2.13
C SER A 22 8.65 -7.32 -2.70
N MET A 23 9.39 -8.18 -2.02
CA MET A 23 10.74 -8.50 -2.42
C MET A 23 10.88 -9.98 -2.74
N SER A 24 12.11 -10.46 -2.81
CA SER A 24 12.39 -11.86 -3.04
C SER A 24 11.88 -12.70 -1.88
N GLY A 25 10.78 -13.41 -2.10
CA GLY A 25 10.18 -14.20 -1.03
C GLY A 25 9.16 -13.41 -0.24
N SER A 26 8.11 -12.97 -0.90
CA SER A 26 7.05 -12.21 -0.24
C SER A 26 5.68 -12.64 -0.75
N ALA A 27 5.04 -13.54 -0.01
CA ALA A 27 3.70 -14.01 -0.37
C ALA A 27 2.66 -12.98 0.05
N SER A 28 2.93 -12.32 1.15
CA SER A 28 2.10 -11.23 1.61
C SER A 28 2.87 -9.93 1.45
N LEU A 29 2.26 -8.93 0.84
CA LEU A 29 2.93 -7.69 0.55
C LEU A 29 2.96 -6.80 1.79
N GLY A 30 4.17 -6.41 2.20
CA GLY A 30 4.31 -5.51 3.32
C GLY A 30 4.04 -4.08 2.91
N CYS A 31 2.77 -3.74 2.79
CA CYS A 31 2.37 -2.43 2.31
C CYS A 31 2.30 -1.42 3.44
N VAL A 32 3.33 -0.61 3.57
CA VAL A 32 3.34 0.48 4.53
C VAL A 32 2.55 1.65 3.98
N VAL A 33 1.81 2.34 4.84
CA VAL A 33 1.03 3.50 4.41
C VAL A 33 1.96 4.56 3.83
N GLY A 34 1.71 4.93 2.59
CA GLY A 34 2.53 5.92 1.95
C GLY A 34 2.38 7.28 2.58
N VAL A 35 3.48 7.81 3.12
CA VAL A 35 3.48 9.12 3.71
C VAL A 35 3.56 10.18 2.61
N ILE A 36 2.81 11.25 2.78
CA ILE A 36 2.77 12.31 1.79
C ILE A 36 4.17 12.91 1.59
N GLY A 37 4.77 12.62 0.44
CA GLY A 37 6.10 13.12 0.16
C GLY A 37 7.08 11.98 -0.07
N SER A 38 6.75 10.81 0.43
CA SER A 38 7.60 9.64 0.27
C SER A 38 7.49 9.08 -1.15
N GLN A 39 8.48 8.29 -1.54
CA GLN A 39 8.45 7.63 -2.85
C GLN A 39 8.32 6.13 -2.68
N CYS A 40 7.60 5.50 -3.60
CA CYS A 40 7.47 4.05 -3.61
C CYS A 40 8.42 3.45 -4.62
N GLY A 41 9.44 2.75 -4.12
CA GLY A 41 10.40 2.13 -4.99
C GLY A 41 9.94 0.78 -5.47
N ALA A 42 9.15 0.11 -4.62
CA ALA A 42 8.63 -1.20 -4.94
C ALA A 42 7.23 -1.08 -5.55
N SER A 43 6.36 -2.01 -5.21
CA SER A 43 5.03 -2.06 -5.76
C SER A 43 4.07 -1.14 -5.02
N VAL A 44 3.78 0.02 -5.61
CA VAL A 44 2.80 0.93 -5.05
C VAL A 44 1.40 0.46 -5.43
N LYS A 45 0.61 0.07 -4.44
CA LYS A 45 -0.72 -0.48 -4.68
C LYS A 45 -1.80 0.41 -4.11
N CYS A 46 -2.92 0.49 -4.79
CA CYS A 46 -4.06 1.25 -4.31
C CYS A 46 -5.07 0.30 -3.67
N CYS A 47 -4.83 -0.03 -2.41
CA CYS A 47 -5.70 -0.96 -1.70
C CYS A 47 -6.63 -0.21 -0.76
N LYS A 48 -7.78 -0.82 -0.46
CA LYS A 48 -8.78 -0.22 0.40
C LYS A 48 -8.26 -0.06 1.82
N ASP A 49 -8.11 -1.19 2.50
CA ASP A 49 -7.69 -1.20 3.90
C ASP A 49 -7.32 -2.61 4.31
N ASP A 50 -8.25 -3.54 4.05
CA ASP A 50 -8.10 -4.96 4.35
C ASP A 50 -8.38 -5.16 5.82
N VAL A 51 -7.50 -4.60 6.65
CA VAL A 51 -7.59 -4.73 8.09
C VAL A 51 -6.40 -4.00 8.73
N THR A 52 -6.68 -2.91 9.41
CA THR A 52 -5.63 -2.09 10.00
C THR A 52 -5.20 -2.65 11.36
N ASN A 53 -5.02 -3.96 11.42
CA ASN A 53 -4.61 -4.63 12.64
C ASN A 53 -3.83 -5.90 12.27
N THR A 54 -2.94 -6.32 13.17
CA THR A 54 -2.04 -7.44 12.88
C THR A 54 -1.20 -7.11 11.63
N GLY A 55 -0.49 -6.00 11.70
CA GLY A 55 0.30 -5.54 10.57
C GLY A 55 0.44 -4.04 10.56
N ASN A 56 0.98 -3.50 11.65
CA ASN A 56 1.15 -2.05 11.78
C ASN A 56 2.46 -1.62 11.14
N SER A 57 3.51 -2.40 11.35
CA SER A 57 4.80 -2.13 10.74
C SER A 57 4.82 -2.67 9.32
N GLY A 58 4.01 -2.06 8.46
CA GLY A 58 3.82 -2.57 7.13
C GLY A 58 2.60 -3.43 7.06
N LEU A 59 1.49 -2.86 6.59
CA LEU A 59 0.21 -3.56 6.58
C LEU A 59 0.27 -4.81 5.72
N ILE A 60 -0.04 -5.94 6.32
CA ILE A 60 -0.03 -7.22 5.63
C ILE A 60 -1.30 -7.38 4.80
N ILE A 61 -1.31 -6.77 3.63
CA ILE A 61 -2.45 -6.84 2.74
C ILE A 61 -2.46 -8.19 2.01
N ASN A 62 -3.63 -8.79 1.90
CA ASN A 62 -3.76 -10.09 1.24
C ASN A 62 -3.75 -9.93 -0.28
N ALA A 63 -3.39 -8.73 -0.74
CA ALA A 63 -3.26 -8.42 -2.17
C ALA A 63 -4.60 -8.46 -2.90
N ALA A 64 -5.68 -8.69 -2.17
CA ALA A 64 -6.99 -8.84 -2.79
C ALA A 64 -7.94 -7.75 -2.32
N ASN A 65 -7.41 -6.56 -2.07
CA ASN A 65 -8.22 -5.42 -1.65
C ASN A 65 -7.81 -4.17 -2.42
N CYS A 66 -7.26 -4.38 -3.60
CA CYS A 66 -6.73 -3.28 -4.39
C CYS A 66 -7.20 -3.37 -5.84
N VAL A 67 -7.23 -2.24 -6.53
CA VAL A 67 -7.57 -2.22 -7.95
C VAL A 67 -6.39 -2.74 -8.76
N ALA A 68 -5.23 -2.13 -8.54
CA ALA A 68 -4.00 -2.49 -9.22
C ALA A 68 -2.83 -1.80 -8.55
N SER A 1 10.05 3.54 -11.54
CA SER A 1 10.43 2.73 -10.36
C SER A 1 10.01 3.43 -9.07
N ALA A 2 10.59 4.60 -8.82
CA ALA A 2 10.29 5.36 -7.62
C ALA A 2 9.11 6.28 -7.86
N THR A 3 7.95 5.87 -7.37
CA THR A 3 6.74 6.67 -7.49
C THR A 3 6.59 7.59 -6.27
N THR A 4 6.21 8.83 -6.51
CA THR A 4 6.03 9.79 -5.42
C THR A 4 4.64 9.63 -4.82
N ILE A 5 4.56 9.70 -3.51
CA ILE A 5 3.31 9.41 -2.81
C ILE A 5 2.64 10.68 -2.29
N GLY A 6 1.34 10.75 -2.54
CA GLY A 6 0.53 11.80 -1.96
C GLY A 6 -0.80 11.23 -1.46
N PRO A 7 -1.36 11.78 -0.37
CA PRO A 7 -2.63 11.31 0.20
C PRO A 7 -3.75 11.20 -0.82
N ASN A 8 -3.75 12.10 -1.79
CA ASN A 8 -4.77 12.07 -2.83
C ASN A 8 -4.22 11.46 -4.12
N THR A 9 -3.94 10.17 -4.06
CA THR A 9 -3.48 9.43 -5.23
C THR A 9 -4.63 8.65 -5.84
N CYS A 10 -5.18 7.74 -5.06
CA CYS A 10 -6.39 7.02 -5.43
C CYS A 10 -7.50 7.38 -4.44
N SER A 11 -8.72 7.49 -4.93
CA SER A 11 -9.82 7.99 -4.10
C SER A 11 -11.16 7.56 -4.67
N ILE A 12 -11.20 6.41 -5.30
CA ILE A 12 -12.45 5.82 -5.75
C ILE A 12 -13.11 5.18 -4.54
N ASP A 13 -12.48 4.11 -4.08
CA ASP A 13 -12.78 3.50 -2.80
C ASP A 13 -11.79 4.06 -1.79
N ASP A 14 -11.69 3.45 -0.62
CA ASP A 14 -10.63 3.80 0.31
C ASP A 14 -9.31 3.18 -0.13
N TYR A 15 -8.98 3.40 -1.40
CA TYR A 15 -7.78 2.88 -2.00
C TYR A 15 -6.62 3.82 -1.73
N LYS A 16 -6.07 3.75 -0.53
CA LYS A 16 -4.99 4.64 -0.14
C LYS A 16 -3.67 4.17 -0.73
N PRO A 17 -2.69 5.08 -0.88
CA PRO A 17 -1.36 4.74 -1.37
C PRO A 17 -0.62 3.85 -0.37
N TYR A 18 -0.32 2.65 -0.79
CA TYR A 18 0.34 1.69 0.07
C TYR A 18 1.60 1.13 -0.61
N CYS A 19 2.69 1.13 0.12
CA CYS A 19 3.95 0.60 -0.39
C CYS A 19 4.12 -0.85 0.04
N CYS A 20 3.81 -1.76 -0.86
CA CYS A 20 3.92 -3.18 -0.59
C CYS A 20 5.34 -3.67 -0.80
N GLN A 21 5.93 -4.23 0.25
CA GLN A 21 7.30 -4.74 0.16
C GLN A 21 7.29 -6.23 -0.17
N SER A 22 7.67 -6.56 -1.40
CA SER A 22 7.82 -7.95 -1.81
C SER A 22 9.13 -8.50 -1.28
N MET A 23 9.05 -9.36 -0.28
CA MET A 23 10.23 -9.87 0.39
C MET A 23 10.62 -11.23 -0.16
N SER A 24 11.82 -11.68 0.20
CA SER A 24 12.36 -12.95 -0.30
C SER A 24 11.57 -14.14 0.24
N GLY A 25 11.40 -14.18 1.55
CA GLY A 25 10.67 -15.26 2.17
C GLY A 25 9.21 -14.91 2.40
N SER A 26 8.96 -13.71 2.91
CA SER A 26 7.61 -13.26 3.17
C SER A 26 6.94 -12.79 1.89
N ALA A 27 6.03 -13.61 1.37
CA ALA A 27 5.32 -13.30 0.13
C ALA A 27 4.04 -12.52 0.42
N SER A 28 3.80 -12.26 1.69
CA SER A 28 2.66 -11.47 2.10
C SER A 28 2.88 -10.00 1.74
N LEU A 29 1.82 -9.34 1.32
CA LEU A 29 1.92 -7.95 0.86
C LEU A 29 1.95 -6.98 2.04
N GLY A 30 3.14 -6.73 2.54
CA GLY A 30 3.31 -5.75 3.61
C GLY A 30 3.23 -4.33 3.09
N CYS A 31 2.00 -3.86 2.88
CA CYS A 31 1.75 -2.53 2.35
C CYS A 31 1.66 -1.50 3.48
N VAL A 32 2.67 -0.64 3.56
CA VAL A 32 2.66 0.43 4.54
C VAL A 32 2.10 1.70 3.90
N VAL A 33 1.53 2.59 4.72
CA VAL A 33 0.95 3.83 4.23
C VAL A 33 2.02 4.70 3.58
N GLY A 34 1.72 5.18 2.38
CA GLY A 34 2.64 6.05 1.68
C GLY A 34 2.79 7.39 2.38
N VAL A 35 4.04 7.82 2.54
CA VAL A 35 4.32 9.08 3.21
C VAL A 35 4.13 10.25 2.26
N ILE A 36 3.51 11.31 2.77
CA ILE A 36 3.22 12.51 1.99
C ILE A 36 4.51 13.20 1.54
N GLY A 37 4.77 13.17 0.24
CA GLY A 37 5.92 13.85 -0.30
C GLY A 37 7.15 12.97 -0.33
N SER A 38 6.95 11.67 -0.18
CA SER A 38 8.06 10.72 -0.24
C SER A 38 7.95 9.86 -1.50
N GLN A 39 8.99 9.09 -1.77
CA GLN A 39 9.04 8.25 -2.95
C GLN A 39 9.24 6.79 -2.56
N CYS A 40 8.49 5.90 -3.19
CA CYS A 40 8.59 4.48 -2.91
C CYS A 40 9.09 3.73 -4.14
N GLY A 41 10.06 2.84 -3.92
CA GLY A 41 10.62 2.08 -5.02
C GLY A 41 10.23 0.62 -4.96
N ALA A 42 9.06 0.35 -4.40
CA ALA A 42 8.55 -1.01 -4.30
C ALA A 42 7.21 -1.11 -5.02
N SER A 43 6.40 -2.08 -4.63
CA SER A 43 5.08 -2.23 -5.21
C SER A 43 4.11 -1.23 -4.59
N VAL A 44 4.11 -0.01 -5.13
CA VAL A 44 3.21 1.03 -4.67
C VAL A 44 1.83 0.83 -5.28
N LYS A 45 0.87 0.44 -4.45
CA LYS A 45 -0.47 0.14 -4.92
C LYS A 45 -1.51 0.97 -4.20
N CYS A 46 -2.68 1.08 -4.80
CA CYS A 46 -3.82 1.68 -4.15
C CYS A 46 -4.64 0.58 -3.49
N CYS A 47 -4.48 0.42 -2.20
CA CYS A 47 -5.08 -0.70 -1.50
C CYS A 47 -6.23 -0.25 -0.62
N LYS A 48 -7.26 -1.10 -0.54
CA LYS A 48 -8.44 -0.79 0.25
C LYS A 48 -8.17 -1.05 1.73
N ASP A 49 -8.26 0.01 2.53
CA ASP A 49 -8.14 -0.11 3.98
C ASP A 49 -9.37 -0.78 4.55
N ASP A 50 -9.16 -1.94 5.16
CA ASP A 50 -10.25 -2.72 5.72
C ASP A 50 -10.31 -2.58 7.22
N VAL A 51 -9.42 -1.77 7.77
CA VAL A 51 -9.33 -1.60 9.21
C VAL A 51 -9.63 -0.17 9.61
N THR A 52 -8.90 0.78 9.02
CA THR A 52 -9.03 2.19 9.34
C THR A 52 -8.93 2.41 10.84
N ASN A 53 -7.81 1.98 11.41
CA ASN A 53 -7.59 2.07 12.84
C ASN A 53 -6.63 3.22 13.15
N THR A 54 -6.62 3.66 14.40
CA THR A 54 -5.73 4.73 14.83
C THR A 54 -4.29 4.25 14.91
N GLY A 55 -4.09 2.96 14.69
CA GLY A 55 -2.77 2.39 14.66
C GLY A 55 -2.44 1.82 13.29
N ASN A 56 -2.81 2.55 12.25
CA ASN A 56 -2.58 2.12 10.88
C ASN A 56 -1.10 2.23 10.53
N SER A 57 -0.46 1.09 10.32
CA SER A 57 0.96 1.07 10.02
C SER A 57 1.25 0.25 8.76
N GLY A 58 1.55 -1.02 8.97
CA GLY A 58 1.84 -1.90 7.85
C GLY A 58 0.72 -2.89 7.62
N LEU A 59 -0.15 -2.59 6.68
CA LEU A 59 -1.30 -3.41 6.40
C LEU A 59 -0.91 -4.60 5.52
N ILE A 60 -1.08 -5.80 6.05
CA ILE A 60 -0.80 -7.00 5.29
C ILE A 60 -1.99 -7.35 4.42
N ILE A 61 -1.92 -6.95 3.16
CA ILE A 61 -3.00 -7.19 2.22
C ILE A 61 -2.83 -8.54 1.55
N ASN A 62 -3.94 -9.16 1.17
CA ASN A 62 -3.88 -10.45 0.49
C ASN A 62 -4.10 -10.29 -1.01
N ALA A 63 -3.41 -9.29 -1.57
CA ALA A 63 -3.34 -9.05 -3.02
C ALA A 63 -4.64 -8.48 -3.60
N ALA A 64 -5.75 -9.17 -3.39
CA ALA A 64 -7.02 -8.83 -4.03
C ALA A 64 -7.51 -7.41 -3.70
N ASN A 65 -7.11 -6.90 -2.55
CA ASN A 65 -7.56 -5.57 -2.12
C ASN A 65 -6.58 -4.49 -2.55
N CYS A 66 -5.70 -4.80 -3.50
CA CYS A 66 -4.71 -3.85 -3.99
C CYS A 66 -4.76 -3.73 -5.51
N VAL A 67 -5.03 -2.53 -6.00
CA VAL A 67 -5.10 -2.31 -7.44
C VAL A 67 -4.20 -1.15 -7.85
N ALA A 68 -3.14 -1.46 -8.59
CA ALA A 68 -2.22 -0.48 -9.14
C ALA A 68 -1.12 -1.20 -9.89
N SER A 1 10.09 3.72 -10.55
CA SER A 1 11.24 3.63 -9.62
C SER A 1 10.91 4.29 -8.29
N ALA A 2 11.46 5.48 -8.06
CA ALA A 2 11.21 6.19 -6.82
C ALA A 2 9.97 7.07 -6.94
N THR A 3 8.82 6.44 -6.94
CA THR A 3 7.55 7.15 -7.06
C THR A 3 7.27 8.00 -5.82
N THR A 4 7.12 9.30 -6.05
CA THR A 4 6.76 10.22 -4.99
C THR A 4 5.26 10.13 -4.71
N ILE A 5 4.90 9.88 -3.46
CA ILE A 5 3.52 9.57 -3.12
C ILE A 5 2.81 10.74 -2.45
N GLY A 6 1.60 11.02 -2.94
CA GLY A 6 0.69 11.91 -2.26
C GLY A 6 -0.61 11.20 -1.99
N PRO A 7 -1.33 11.54 -0.91
CA PRO A 7 -2.55 10.82 -0.51
C PRO A 7 -3.75 11.14 -1.39
N ASN A 8 -3.55 11.18 -2.70
CA ASN A 8 -4.62 11.48 -3.63
C ASN A 8 -4.37 10.80 -4.98
N THR A 9 -3.62 9.70 -4.94
CA THR A 9 -3.37 8.91 -6.14
C THR A 9 -4.57 8.05 -6.49
N CYS A 10 -5.39 7.76 -5.48
CA CYS A 10 -6.61 6.99 -5.66
C CYS A 10 -7.67 7.51 -4.68
N SER A 11 -8.93 7.49 -5.09
CA SER A 11 -9.99 8.13 -4.32
C SER A 11 -11.36 7.61 -4.74
N ILE A 12 -11.41 6.39 -5.27
CA ILE A 12 -12.68 5.79 -5.64
C ILE A 12 -13.35 5.27 -4.38
N ASP A 13 -12.73 4.29 -3.77
CA ASP A 13 -13.10 3.85 -2.44
C ASP A 13 -12.11 4.44 -1.45
N ASP A 14 -11.89 3.76 -0.34
CA ASP A 14 -10.81 4.12 0.56
C ASP A 14 -9.52 3.50 0.05
N TYR A 15 -9.30 3.68 -1.25
CA TYR A 15 -8.14 3.15 -1.94
C TYR A 15 -6.97 4.08 -1.72
N LYS A 16 -6.35 3.99 -0.57
CA LYS A 16 -5.21 4.83 -0.26
C LYS A 16 -3.95 4.27 -0.90
N PRO A 17 -3.00 5.14 -1.26
CA PRO A 17 -1.71 4.72 -1.82
C PRO A 17 -0.94 3.87 -0.83
N TYR A 18 -0.52 2.70 -1.24
CA TYR A 18 0.16 1.77 -0.36
C TYR A 18 1.45 1.27 -0.97
N CYS A 19 2.52 1.35 -0.20
CA CYS A 19 3.81 0.82 -0.59
C CYS A 19 3.87 -0.67 -0.28
N CYS A 20 3.35 -1.48 -1.19
CA CYS A 20 3.25 -2.91 -0.97
C CYS A 20 4.61 -3.58 -1.06
N GLN A 21 5.22 -3.80 0.09
CA GLN A 21 6.48 -4.52 0.16
C GLN A 21 6.21 -6.01 0.19
N SER A 22 6.22 -6.63 -0.97
CA SER A 22 5.98 -8.06 -1.10
C SER A 22 7.01 -8.85 -0.30
N MET A 23 6.54 -9.86 0.42
CA MET A 23 7.43 -10.70 1.19
C MET A 23 8.11 -11.72 0.29
N SER A 24 9.39 -11.96 0.53
CA SER A 24 10.15 -12.90 -0.26
C SER A 24 9.84 -14.35 0.13
N GLY A 25 8.56 -14.71 0.02
CA GLY A 25 8.12 -16.04 0.37
C GLY A 25 6.62 -16.16 0.26
N SER A 26 5.92 -15.33 1.01
CA SER A 26 4.47 -15.30 0.96
C SER A 26 3.98 -14.39 -0.16
N ALA A 27 2.74 -14.58 -0.59
CA ALA A 27 2.18 -13.79 -1.67
C ALA A 27 1.68 -12.45 -1.15
N SER A 28 1.47 -12.38 0.17
CA SER A 28 1.00 -11.17 0.82
C SER A 28 2.10 -10.10 0.82
N LEU A 29 1.68 -8.85 0.88
CA LEU A 29 2.61 -7.73 0.81
C LEU A 29 2.47 -6.84 2.04
N GLY A 30 3.60 -6.40 2.57
CA GLY A 30 3.59 -5.45 3.65
C GLY A 30 3.43 -4.03 3.14
N CYS A 31 2.21 -3.70 2.75
CA CYS A 31 1.91 -2.40 2.18
C CYS A 31 1.77 -1.35 3.27
N VAL A 32 2.81 -0.57 3.45
CA VAL A 32 2.76 0.58 4.34
C VAL A 32 2.11 1.75 3.61
N VAL A 33 1.35 2.56 4.32
CA VAL A 33 0.68 3.70 3.71
C VAL A 33 1.70 4.63 3.05
N GLY A 34 1.38 5.07 1.83
CA GLY A 34 2.24 5.97 1.10
C GLY A 34 2.53 7.23 1.88
N VAL A 35 3.80 7.46 2.18
CA VAL A 35 4.19 8.61 2.96
C VAL A 35 4.22 9.86 2.10
N ILE A 36 3.40 10.83 2.47
CA ILE A 36 3.26 12.06 1.70
C ILE A 36 4.60 12.76 1.52
N GLY A 37 4.95 13.02 0.26
CA GLY A 37 6.18 13.74 -0.03
C GLY A 37 7.38 12.83 0.02
N SER A 38 7.14 11.52 0.03
CA SER A 38 8.21 10.55 0.09
C SER A 38 8.08 9.57 -1.08
N GLN A 39 9.13 8.79 -1.31
CA GLN A 39 9.14 7.82 -2.40
C GLN A 39 9.15 6.40 -1.87
N CYS A 40 8.49 5.50 -2.59
CA CYS A 40 8.48 4.09 -2.24
C CYS A 40 8.93 3.25 -3.42
N GLY A 41 10.01 2.50 -3.23
CA GLY A 41 10.52 1.65 -4.29
C GLY A 41 9.91 0.26 -4.25
N ALA A 42 8.59 0.18 -4.41
CA ALA A 42 7.89 -1.09 -4.38
C ALA A 42 6.59 -0.97 -5.16
N SER A 43 5.70 -1.92 -5.01
CA SER A 43 4.40 -1.84 -5.66
C SER A 43 3.54 -0.78 -4.99
N VAL A 44 3.50 0.40 -5.60
CA VAL A 44 2.66 1.48 -5.10
C VAL A 44 1.26 1.37 -5.68
N LYS A 45 0.40 0.68 -4.98
CA LYS A 45 -0.95 0.42 -5.45
C LYS A 45 -1.98 1.03 -4.52
N CYS A 46 -3.20 1.18 -5.01
CA CYS A 46 -4.29 1.61 -4.16
C CYS A 46 -4.93 0.39 -3.51
N CYS A 47 -4.79 0.28 -2.20
CA CYS A 47 -5.29 -0.89 -1.48
C CYS A 47 -6.41 -0.51 -0.52
N LYS A 48 -7.33 -1.44 -0.31
CA LYS A 48 -8.44 -1.24 0.61
C LYS A 48 -7.97 -1.31 2.06
N ASP A 49 -8.15 -0.24 2.80
CA ASP A 49 -7.82 -0.24 4.21
C ASP A 49 -9.04 -0.60 5.04
N ASP A 50 -9.46 -1.85 4.93
CA ASP A 50 -10.54 -2.37 5.75
C ASP A 50 -9.97 -3.24 6.85
N VAL A 51 -8.65 -3.39 6.83
CA VAL A 51 -7.95 -4.19 7.84
C VAL A 51 -7.63 -3.34 9.06
N THR A 52 -7.56 -2.03 8.85
CA THR A 52 -7.26 -1.11 9.93
C THR A 52 -8.20 0.10 9.91
N ASN A 53 -8.26 0.75 8.75
CA ASN A 53 -9.04 1.99 8.58
C ASN A 53 -8.46 3.09 9.46
N THR A 54 -7.13 3.16 9.47
CA THR A 54 -6.41 4.11 10.31
C THR A 54 -4.97 4.24 9.82
N GLY A 55 -4.30 3.10 9.73
CA GLY A 55 -2.91 3.08 9.31
C GLY A 55 -2.08 2.18 10.21
N ASN A 56 -0.99 1.65 9.69
CA ASN A 56 -0.15 0.75 10.45
C ASN A 56 1.27 0.74 9.91
N SER A 57 2.23 0.41 10.77
CA SER A 57 3.63 0.36 10.37
C SER A 57 3.97 -1.00 9.76
N GLY A 58 3.09 -1.97 9.99
CA GLY A 58 3.28 -3.29 9.43
C GLY A 58 1.98 -3.86 8.91
N LEU A 59 1.47 -3.27 7.84
CA LEU A 59 0.19 -3.68 7.28
C LEU A 59 0.38 -4.79 6.26
N ILE A 60 0.19 -6.03 6.70
CA ILE A 60 0.24 -7.16 5.80
C ILE A 60 -1.08 -7.29 5.06
N ILE A 61 -1.09 -6.85 3.81
CA ILE A 61 -2.31 -6.85 3.02
C ILE A 61 -2.35 -8.05 2.09
N ASN A 62 -3.52 -8.69 2.03
CA ASN A 62 -3.74 -9.84 1.16
C ASN A 62 -3.63 -9.42 -0.29
N ALA A 63 -3.10 -10.31 -1.13
CA ALA A 63 -2.88 -10.00 -2.54
C ALA A 63 -4.18 -10.05 -3.35
N ALA A 64 -5.22 -9.47 -2.80
CA ALA A 64 -6.52 -9.41 -3.46
C ALA A 64 -7.31 -8.20 -2.97
N ASN A 65 -6.61 -7.24 -2.38
CA ASN A 65 -7.24 -6.05 -1.83
C ASN A 65 -6.69 -4.78 -2.44
N CYS A 66 -5.96 -4.93 -3.54
CA CYS A 66 -5.32 -3.79 -4.20
C CYS A 66 -5.68 -3.74 -5.68
N VAL A 67 -5.86 -2.55 -6.23
CA VAL A 67 -6.16 -2.40 -7.65
C VAL A 67 -4.94 -1.89 -8.40
N ALA A 68 -4.88 -2.24 -9.68
CA ALA A 68 -3.79 -1.82 -10.55
C ALA A 68 -4.31 -1.67 -11.97
N SER A 1 11.52 3.23 -9.97
CA SER A 1 12.27 4.08 -9.01
C SER A 1 11.39 4.42 -7.83
N ALA A 2 11.88 5.32 -6.97
CA ALA A 2 11.11 5.76 -5.81
C ALA A 2 10.07 6.78 -6.22
N THR A 3 8.83 6.35 -6.29
CA THR A 3 7.70 7.20 -6.66
C THR A 3 7.32 8.13 -5.51
N THR A 4 7.04 9.39 -5.83
CA THR A 4 6.61 10.35 -4.81
C THR A 4 5.15 10.11 -4.45
N ILE A 5 4.86 10.09 -3.16
CA ILE A 5 3.53 9.73 -2.70
C ILE A 5 2.74 10.93 -2.20
N GLY A 6 1.48 10.97 -2.56
CA GLY A 6 0.54 11.94 -2.05
C GLY A 6 -0.86 11.41 -2.17
N PRO A 7 -1.78 11.83 -1.29
CA PRO A 7 -3.20 11.43 -1.35
C PRO A 7 -3.93 11.92 -2.60
N ASN A 8 -3.41 11.54 -3.76
CA ASN A 8 -4.02 11.88 -5.03
C ASN A 8 -3.94 10.69 -5.98
N THR A 9 -2.95 9.82 -5.76
CA THR A 9 -2.77 8.62 -6.57
C THR A 9 -4.06 7.81 -6.62
N CYS A 10 -4.61 7.53 -5.45
CA CYS A 10 -5.87 6.82 -5.34
C CYS A 10 -6.68 7.37 -4.17
N SER A 11 -7.97 7.57 -4.41
CA SER A 11 -8.88 8.10 -3.41
C SER A 11 -10.30 8.03 -3.94
N ILE A 12 -10.53 7.02 -4.79
CA ILE A 12 -11.84 6.77 -5.35
C ILE A 12 -12.69 6.05 -4.33
N ASP A 13 -12.38 4.79 -4.15
CA ASP A 13 -12.91 4.01 -3.05
C ASP A 13 -12.04 4.29 -1.82
N ASP A 14 -12.11 3.44 -0.83
CA ASP A 14 -11.20 3.52 0.31
C ASP A 14 -9.84 2.96 -0.09
N TYR A 15 -9.42 3.28 -1.31
CA TYR A 15 -8.15 2.83 -1.84
C TYR A 15 -7.07 3.84 -1.52
N LYS A 16 -6.51 3.72 -0.32
CA LYS A 16 -5.46 4.63 0.11
C LYS A 16 -4.13 4.21 -0.50
N PRO A 17 -3.22 5.16 -0.75
CA PRO A 17 -1.91 4.87 -1.34
C PRO A 17 -1.08 3.96 -0.45
N TYR A 18 -0.58 2.88 -1.03
CA TYR A 18 0.16 1.89 -0.27
C TYR A 18 1.46 1.53 -0.95
N CYS A 19 2.45 1.15 -0.16
CA CYS A 19 3.73 0.71 -0.68
C CYS A 19 3.90 -0.79 -0.43
N CYS A 20 3.29 -1.59 -1.29
CA CYS A 20 3.33 -3.04 -1.14
C CYS A 20 4.66 -3.60 -1.62
N GLN A 21 5.51 -3.92 -0.67
CA GLN A 21 6.83 -4.45 -0.96
C GLN A 21 6.75 -5.91 -1.40
N SER A 22 7.00 -6.12 -2.68
CA SER A 22 7.05 -7.46 -3.27
C SER A 22 7.63 -7.37 -4.67
N MET A 23 8.34 -8.42 -5.08
CA MET A 23 8.96 -8.44 -6.41
C MET A 23 8.18 -9.35 -7.34
N SER A 24 7.81 -10.52 -6.84
CA SER A 24 7.01 -11.45 -7.61
C SER A 24 6.02 -12.19 -6.69
N GLY A 25 6.51 -13.18 -5.96
CA GLY A 25 5.65 -13.92 -5.06
C GLY A 25 6.42 -14.71 -4.04
N SER A 26 6.97 -14.02 -3.05
CA SER A 26 7.71 -14.68 -1.99
C SER A 26 6.80 -14.93 -0.78
N ALA A 27 5.91 -13.98 -0.53
CA ALA A 27 4.91 -14.11 0.50
C ALA A 27 3.79 -13.12 0.21
N SER A 28 3.16 -12.61 1.25
CA SER A 28 2.15 -11.58 1.10
C SER A 28 2.83 -10.24 0.84
N LEU A 29 2.09 -9.28 0.33
CA LEU A 29 2.68 -7.98 0.00
C LEU A 29 2.82 -7.14 1.25
N GLY A 30 4.06 -6.85 1.61
CA GLY A 30 4.32 -6.04 2.79
C GLY A 30 4.12 -4.58 2.49
N CYS A 31 2.88 -4.14 2.62
CA CYS A 31 2.51 -2.77 2.32
C CYS A 31 2.74 -1.86 3.51
N VAL A 32 3.16 -0.64 3.22
CA VAL A 32 3.20 0.43 4.20
C VAL A 32 2.37 1.59 3.66
N VAL A 33 1.92 2.48 4.53
CA VAL A 33 1.13 3.62 4.10
C VAL A 33 1.98 4.52 3.22
N GLY A 34 1.41 4.94 2.09
CA GLY A 34 2.10 5.86 1.23
C GLY A 34 2.48 7.13 1.96
N VAL A 35 3.77 7.40 2.02
CA VAL A 35 4.27 8.52 2.79
C VAL A 35 4.06 9.83 2.05
N ILE A 36 3.12 10.61 2.55
CA ILE A 36 2.73 11.86 1.93
C ILE A 36 3.88 12.86 1.93
N GLY A 37 4.34 13.22 0.74
CA GLY A 37 5.45 14.14 0.62
C GLY A 37 6.78 13.43 0.58
N SER A 38 6.73 12.11 0.64
CA SER A 38 7.94 11.30 0.61
C SER A 38 7.90 10.35 -0.59
N GLN A 39 8.87 9.46 -0.68
CA GLN A 39 8.96 8.56 -1.82
C GLN A 39 8.77 7.11 -1.39
N CYS A 40 8.11 6.34 -2.25
CA CYS A 40 7.86 4.93 -1.99
C CYS A 40 9.14 4.12 -2.17
N GLY A 41 9.23 3.00 -1.46
CA GLY A 41 10.39 2.15 -1.59
C GLY A 41 10.08 0.87 -2.32
N ALA A 42 8.82 0.73 -2.72
CA ALA A 42 8.36 -0.46 -3.41
C ALA A 42 7.23 -0.10 -4.38
N SER A 43 6.47 -1.12 -4.79
CA SER A 43 5.38 -0.93 -5.73
C SER A 43 4.22 -0.18 -5.08
N VAL A 44 3.76 0.87 -5.75
CA VAL A 44 2.64 1.66 -5.26
C VAL A 44 1.33 0.95 -5.55
N LYS A 45 0.57 0.69 -4.51
CA LYS A 45 -0.72 0.02 -4.65
C LYS A 45 -1.83 0.89 -4.09
N CYS A 46 -3.07 0.51 -4.39
CA CYS A 46 -4.23 1.20 -3.86
C CYS A 46 -5.19 0.17 -3.31
N CYS A 47 -5.13 -0.05 -2.01
CA CYS A 47 -5.92 -1.09 -1.38
C CYS A 47 -6.79 -0.52 -0.28
N LYS A 48 -7.76 -1.31 0.15
CA LYS A 48 -8.57 -0.98 1.31
C LYS A 48 -7.80 -1.36 2.57
N ASP A 49 -8.51 -1.70 3.63
CA ASP A 49 -7.85 -2.19 4.84
C ASP A 49 -7.23 -3.56 4.56
N ASP A 50 -8.09 -4.55 4.31
CA ASP A 50 -7.67 -5.91 3.88
C ASP A 50 -6.92 -6.68 4.97
N VAL A 51 -5.90 -6.06 5.53
CA VAL A 51 -4.97 -6.70 6.45
C VAL A 51 -5.63 -7.53 7.53
N THR A 52 -5.21 -8.78 7.62
CA THR A 52 -5.60 -9.65 8.71
C THR A 52 -4.63 -9.46 9.88
N ASN A 53 -4.30 -8.20 10.14
CA ASN A 53 -3.32 -7.85 11.15
C ASN A 53 -3.70 -6.54 11.82
N THR A 54 -3.25 -6.35 13.05
CA THR A 54 -3.55 -5.15 13.81
C THR A 54 -2.71 -3.96 13.34
N GLY A 55 -1.77 -4.23 12.45
CA GLY A 55 -0.90 -3.18 11.95
C GLY A 55 0.44 -3.17 12.65
N ASN A 56 0.86 -4.33 13.13
CA ASN A 56 2.11 -4.46 13.87
C ASN A 56 3.28 -4.54 12.92
N SER A 57 3.35 -5.63 12.17
CA SER A 57 4.43 -5.85 11.23
C SER A 57 4.10 -5.18 9.88
N GLY A 58 3.72 -3.90 9.94
CA GLY A 58 3.31 -3.19 8.75
C GLY A 58 1.91 -3.59 8.32
N LEU A 59 1.61 -3.41 7.05
CA LEU A 59 0.32 -3.78 6.52
C LEU A 59 0.48 -4.96 5.57
N ILE A 60 0.38 -6.16 6.12
CA ILE A 60 0.48 -7.37 5.31
C ILE A 60 -0.83 -7.62 4.59
N ILE A 61 -0.90 -7.14 3.35
CA ILE A 61 -2.11 -7.24 2.56
C ILE A 61 -2.22 -8.64 1.95
N ASN A 62 -3.45 -9.16 1.95
CA ASN A 62 -3.73 -10.49 1.40
C ASN A 62 -3.86 -10.42 -0.11
N ALA A 63 -3.70 -9.21 -0.64
CA ALA A 63 -3.81 -8.93 -2.08
C ALA A 63 -5.22 -9.20 -2.58
N ALA A 64 -6.20 -9.04 -1.70
CA ALA A 64 -7.59 -9.29 -2.05
C ALA A 64 -8.33 -7.98 -2.29
N ASN A 65 -8.30 -7.10 -1.31
CA ASN A 65 -9.01 -5.83 -1.39
C ASN A 65 -8.07 -4.75 -1.92
N CYS A 66 -7.46 -5.01 -3.06
CA CYS A 66 -6.49 -4.09 -3.66
C CYS A 66 -6.50 -4.23 -5.17
N VAL A 67 -5.91 -3.24 -5.86
CA VAL A 67 -5.83 -3.26 -7.31
C VAL A 67 -4.37 -3.27 -7.76
N ALA A 68 -4.13 -3.86 -8.93
CA ALA A 68 -2.79 -3.91 -9.50
C ALA A 68 -2.37 -2.53 -9.97
N SER A 1 12.03 1.47 -8.03
CA SER A 1 11.08 2.40 -8.67
C SER A 1 10.76 3.55 -7.72
N ALA A 2 10.66 4.76 -8.24
CA ALA A 2 10.38 5.92 -7.42
C ALA A 2 9.10 6.62 -7.88
N THR A 3 8.14 6.73 -6.98
CA THR A 3 6.90 7.43 -7.27
C THR A 3 6.45 8.22 -6.04
N THR A 4 5.73 9.32 -6.27
CA THR A 4 5.33 10.21 -5.18
C THR A 4 4.16 9.65 -4.40
N ILE A 5 4.23 9.76 -3.08
CA ILE A 5 3.19 9.25 -2.21
C ILE A 5 2.31 10.37 -1.66
N GLY A 6 1.02 10.24 -1.86
CA GLY A 6 0.06 11.16 -1.29
C GLY A 6 -1.32 10.56 -1.26
N PRO A 7 -2.21 11.04 -0.37
CA PRO A 7 -3.59 10.55 -0.27
C PRO A 7 -4.39 10.80 -1.55
N ASN A 8 -3.78 11.51 -2.50
CA ASN A 8 -4.44 11.79 -3.77
C ASN A 8 -3.80 11.02 -4.91
N THR A 9 -2.88 10.12 -4.61
CA THR A 9 -2.35 9.21 -5.61
C THR A 9 -3.51 8.35 -6.12
N CYS A 10 -4.27 7.82 -5.19
CA CYS A 10 -5.56 7.21 -5.50
C CYS A 10 -6.65 8.24 -5.27
N SER A 11 -7.85 8.02 -5.80
CA SER A 11 -8.86 9.07 -5.82
C SER A 11 -10.18 8.45 -6.24
N ILE A 12 -10.36 7.22 -5.84
CA ILE A 12 -11.49 6.44 -6.28
C ILE A 12 -12.22 5.84 -5.10
N ASP A 13 -12.11 4.54 -4.94
CA ASP A 13 -12.90 3.82 -3.96
C ASP A 13 -12.11 3.49 -2.70
N ASP A 14 -12.01 4.47 -1.81
CA ASP A 14 -11.34 4.30 -0.50
C ASP A 14 -9.97 3.63 -0.66
N TYR A 15 -9.24 4.09 -1.66
CA TYR A 15 -7.92 3.53 -1.93
C TYR A 15 -6.84 4.52 -1.55
N LYS A 16 -5.82 4.03 -0.86
CA LYS A 16 -4.72 4.86 -0.41
C LYS A 16 -3.40 4.32 -0.97
N PRO A 17 -2.34 5.15 -0.99
CA PRO A 17 -1.03 4.74 -1.48
C PRO A 17 -0.37 3.73 -0.55
N TYR A 18 -0.17 2.52 -1.04
CA TYR A 18 0.45 1.47 -0.25
C TYR A 18 1.68 0.93 -0.96
N CYS A 19 2.79 0.91 -0.26
CA CYS A 19 4.03 0.40 -0.81
C CYS A 19 4.10 -1.10 -0.58
N CYS A 20 3.55 -1.85 -1.53
CA CYS A 20 3.58 -3.31 -1.46
C CYS A 20 4.97 -3.83 -1.79
N GLN A 21 5.71 -4.22 -0.76
CA GLN A 21 7.07 -4.67 -0.93
C GLN A 21 7.12 -6.17 -1.20
N SER A 22 8.28 -6.64 -1.63
CA SER A 22 8.48 -8.05 -1.94
C SER A 22 8.57 -8.89 -0.67
N MET A 23 8.60 -10.21 -0.84
CA MET A 23 8.62 -11.13 0.29
C MET A 23 10.04 -11.35 0.79
N SER A 24 10.61 -10.33 1.41
CA SER A 24 11.93 -10.45 1.99
C SER A 24 11.89 -11.21 3.32
N GLY A 25 11.43 -10.55 4.37
CA GLY A 25 11.31 -11.20 5.67
C GLY A 25 9.89 -11.62 5.97
N SER A 26 8.95 -11.14 5.16
CA SER A 26 7.54 -11.50 5.32
C SER A 26 7.02 -12.12 4.04
N ALA A 27 6.38 -13.28 4.16
CA ALA A 27 5.87 -14.00 3.00
C ALA A 27 4.43 -13.58 2.70
N SER A 28 4.20 -12.28 2.72
CA SER A 28 2.88 -11.72 2.46
C SER A 28 3.01 -10.46 1.63
N LEU A 29 1.89 -9.90 1.20
CA LEU A 29 1.89 -8.63 0.50
C LEU A 29 2.07 -7.50 1.49
N GLY A 30 3.32 -7.15 1.76
CA GLY A 30 3.63 -6.13 2.73
C GLY A 30 3.39 -4.74 2.19
N CYS A 31 2.13 -4.39 2.04
CA CYS A 31 1.73 -3.07 1.60
C CYS A 31 1.66 -2.12 2.78
N VAL A 32 2.75 -1.42 3.05
CA VAL A 32 2.77 -0.43 4.12
C VAL A 32 2.22 0.89 3.60
N VAL A 33 1.53 1.63 4.47
CA VAL A 33 1.00 2.93 4.09
C VAL A 33 2.12 3.85 3.63
N GLY A 34 1.93 4.48 2.49
CA GLY A 34 2.94 5.36 1.95
C GLY A 34 3.19 6.58 2.82
N VAL A 35 4.43 7.01 2.89
CA VAL A 35 4.79 8.22 3.60
C VAL A 35 4.44 9.43 2.75
N ILE A 36 3.35 10.09 3.09
CA ILE A 36 2.89 11.25 2.34
C ILE A 36 3.96 12.33 2.29
N GLY A 37 4.41 12.66 1.10
CA GLY A 37 5.46 13.64 0.93
C GLY A 37 6.78 13.01 0.57
N SER A 38 6.82 11.68 0.63
CA SER A 38 8.03 10.94 0.29
C SER A 38 7.80 10.10 -0.97
N GLN A 39 8.81 9.36 -1.38
CA GLN A 39 8.70 8.52 -2.57
C GLN A 39 8.60 7.05 -2.19
N CYS A 40 7.78 6.32 -2.92
CA CYS A 40 7.65 4.88 -2.73
C CYS A 40 8.70 4.16 -3.54
N GLY A 41 9.51 3.34 -2.87
CA GLY A 41 10.55 2.60 -3.56
C GLY A 41 10.07 1.26 -4.06
N ALA A 42 8.94 0.80 -3.53
CA ALA A 42 8.38 -0.48 -3.92
C ALA A 42 7.18 -0.28 -4.83
N SER A 43 6.45 -1.36 -5.09
CA SER A 43 5.28 -1.31 -5.94
C SER A 43 4.17 -0.47 -5.28
N VAL A 44 3.93 0.71 -5.85
CA VAL A 44 2.91 1.61 -5.35
C VAL A 44 1.53 1.16 -5.80
N LYS A 45 0.79 0.56 -4.90
CA LYS A 45 -0.51 0.02 -5.22
C LYS A 45 -1.60 0.80 -4.47
N CYS A 46 -2.77 0.88 -5.08
CA CYS A 46 -3.91 1.53 -4.45
C CYS A 46 -4.72 0.50 -3.67
N CYS A 47 -4.41 0.40 -2.38
CA CYS A 47 -5.07 -0.58 -1.53
C CYS A 47 -5.70 0.12 -0.32
N LYS A 48 -6.25 -0.67 0.59
CA LYS A 48 -6.74 -0.15 1.84
C LYS A 48 -6.73 -1.25 2.89
N ASP A 49 -6.37 -0.91 4.10
CA ASP A 49 -6.39 -1.85 5.20
C ASP A 49 -7.74 -1.80 5.90
N ASP A 50 -8.60 -2.75 5.57
CA ASP A 50 -9.93 -2.81 6.15
C ASP A 50 -10.02 -3.99 7.11
N VAL A 51 -8.88 -4.42 7.64
CA VAL A 51 -8.83 -5.54 8.56
C VAL A 51 -8.18 -5.14 9.89
N THR A 52 -7.13 -4.33 9.82
CA THR A 52 -6.45 -3.87 11.02
C THR A 52 -7.05 -2.55 11.51
N ASN A 53 -6.86 -1.49 10.72
CA ASN A 53 -7.45 -0.16 10.98
C ASN A 53 -6.75 0.57 12.12
N THR A 54 -6.04 -0.16 12.97
CA THR A 54 -5.45 0.41 14.17
C THR A 54 -4.21 1.27 13.87
N GLY A 55 -3.68 1.14 12.66
CA GLY A 55 -2.48 1.87 12.31
C GLY A 55 -1.24 1.08 12.70
N ASN A 56 -1.07 -0.07 12.08
CA ASN A 56 0.00 -0.98 12.42
C ASN A 56 1.22 -0.77 11.52
N SER A 57 2.40 -0.80 12.11
CA SER A 57 3.64 -0.67 11.34
C SER A 57 3.98 -1.98 10.65
N GLY A 58 4.10 -1.92 9.33
CA GLY A 58 4.28 -3.13 8.55
C GLY A 58 2.94 -3.78 8.28
N LEU A 59 2.18 -3.20 7.36
CA LEU A 59 0.83 -3.65 7.09
C LEU A 59 0.82 -4.74 6.02
N ILE A 60 0.00 -5.76 6.26
CA ILE A 60 -0.14 -6.85 5.32
C ILE A 60 -1.55 -6.90 4.77
N ILE A 61 -1.68 -6.68 3.48
CA ILE A 61 -2.96 -6.78 2.81
C ILE A 61 -3.00 -8.08 2.02
N ASN A 62 -3.93 -8.95 2.36
CA ASN A 62 -3.97 -10.29 1.77
C ASN A 62 -4.60 -10.26 0.38
N ALA A 63 -3.94 -9.55 -0.52
CA ALA A 63 -4.28 -9.51 -1.95
C ALA A 63 -5.63 -8.84 -2.24
N ALA A 64 -6.72 -9.49 -1.84
CA ALA A 64 -8.07 -9.07 -2.22
C ALA A 64 -8.56 -7.85 -1.41
N ASN A 65 -7.78 -6.78 -1.44
CA ASN A 65 -8.15 -5.52 -0.82
C ASN A 65 -7.35 -4.40 -1.47
N CYS A 66 -6.98 -4.62 -2.72
CA CYS A 66 -6.12 -3.72 -3.45
C CYS A 66 -6.27 -3.95 -4.95
N VAL A 67 -6.11 -2.89 -5.74
CA VAL A 67 -6.15 -3.02 -7.18
C VAL A 67 -4.74 -3.29 -7.72
N ALA A 68 -4.49 -4.53 -8.09
CA ALA A 68 -3.19 -4.93 -8.58
C ALA A 68 -3.01 -4.52 -10.03
N SER A 1 10.47 0.46 -8.64
CA SER A 1 11.01 1.79 -8.99
C SER A 1 10.56 2.84 -8.00
N ALA A 2 11.31 3.93 -7.90
CA ALA A 2 11.02 4.99 -6.96
C ALA A 2 10.01 5.97 -7.53
N THR A 3 8.92 6.16 -6.80
CA THR A 3 7.90 7.12 -7.19
C THR A 3 7.51 7.96 -5.98
N THR A 4 7.25 9.25 -6.22
CA THR A 4 6.88 10.17 -5.15
C THR A 4 5.44 9.96 -4.74
N ILE A 5 5.21 9.71 -3.46
CA ILE A 5 3.89 9.38 -2.96
C ILE A 5 3.10 10.62 -2.56
N GLY A 6 1.90 10.73 -3.10
CA GLY A 6 0.96 11.73 -2.65
C GLY A 6 -0.36 11.07 -2.29
N PRO A 7 -0.90 11.34 -1.08
CA PRO A 7 -2.15 10.74 -0.59
C PRO A 7 -3.27 10.66 -1.61
N ASN A 8 -3.40 11.69 -2.45
CA ASN A 8 -4.52 11.77 -3.38
C ASN A 8 -4.25 11.03 -4.68
N THR A 9 -3.49 9.94 -4.62
CA THR A 9 -3.31 9.08 -5.76
C THR A 9 -4.56 8.26 -5.99
N CYS A 10 -5.09 7.73 -4.90
CA CYS A 10 -6.34 7.01 -4.91
C CYS A 10 -7.21 7.50 -3.76
N SER A 11 -8.52 7.61 -4.02
CA SER A 11 -9.44 8.17 -3.03
C SER A 11 -10.86 7.80 -3.41
N ILE A 12 -10.98 6.80 -4.27
CA ILE A 12 -12.27 6.37 -4.78
C ILE A 12 -12.99 5.50 -3.78
N ASP A 13 -12.67 4.22 -3.79
CA ASP A 13 -13.37 3.24 -2.99
C ASP A 13 -12.59 2.90 -1.72
N ASP A 14 -12.21 3.93 -0.96
CA ASP A 14 -11.35 3.77 0.22
C ASP A 14 -9.98 3.25 -0.19
N TYR A 15 -9.65 3.45 -1.46
CA TYR A 15 -8.37 3.03 -1.98
C TYR A 15 -7.31 4.06 -1.62
N LYS A 16 -6.20 3.60 -1.07
CA LYS A 16 -5.14 4.49 -0.64
C LYS A 16 -3.82 4.07 -1.26
N PRO A 17 -2.86 5.01 -1.35
CA PRO A 17 -1.50 4.70 -1.82
C PRO A 17 -0.74 3.83 -0.83
N TYR A 18 -0.42 2.62 -1.25
CA TYR A 18 0.28 1.69 -0.39
C TYR A 18 1.61 1.28 -1.00
N CYS A 19 2.66 1.31 -0.19
CA CYS A 19 3.98 0.90 -0.64
C CYS A 19 4.10 -0.62 -0.58
N CYS A 20 3.65 -1.27 -1.64
CA CYS A 20 3.60 -2.73 -1.67
C CYS A 20 4.95 -3.36 -1.94
N GLN A 21 5.77 -3.44 -0.90
CA GLN A 21 7.02 -4.18 -0.98
C GLN A 21 6.71 -5.67 -0.87
N SER A 22 7.26 -6.47 -1.78
CA SER A 22 6.86 -7.88 -1.87
C SER A 22 8.03 -8.77 -2.29
N MET A 23 7.73 -10.06 -2.39
CA MET A 23 8.68 -11.05 -2.88
C MET A 23 7.91 -12.08 -3.71
N SER A 24 8.62 -13.00 -4.33
CA SER A 24 8.02 -13.98 -5.22
C SER A 24 6.88 -14.76 -4.55
N GLY A 25 7.24 -15.66 -3.64
CA GLY A 25 6.23 -16.50 -3.00
C GLY A 25 5.67 -15.86 -1.74
N SER A 26 4.98 -14.75 -1.89
CA SER A 26 4.36 -14.09 -0.77
C SER A 26 3.18 -13.23 -1.24
N ALA A 27 1.98 -13.76 -1.06
CA ALA A 27 0.77 -13.03 -1.40
C ALA A 27 0.43 -12.04 -0.29
N SER A 28 0.88 -12.36 0.91
CA SER A 28 0.76 -11.46 2.05
C SER A 28 1.68 -10.26 1.86
N LEU A 29 1.09 -9.14 1.49
CA LEU A 29 1.84 -7.96 1.09
C LEU A 29 2.18 -7.09 2.30
N GLY A 30 3.34 -6.44 2.23
CA GLY A 30 3.74 -5.55 3.29
C GLY A 30 3.62 -4.10 2.89
N CYS A 31 2.47 -3.74 2.32
CA CYS A 31 2.23 -2.39 1.86
C CYS A 31 1.86 -1.48 3.01
N VAL A 32 2.79 -0.61 3.39
CA VAL A 32 2.53 0.42 4.37
C VAL A 32 1.92 1.64 3.69
N VAL A 33 1.33 2.53 4.48
CA VAL A 33 0.70 3.72 3.93
C VAL A 33 1.74 4.64 3.30
N GLY A 34 1.43 5.15 2.12
CA GLY A 34 2.32 6.08 1.46
C GLY A 34 2.47 7.38 2.23
N VAL A 35 3.69 7.65 2.68
CA VAL A 35 3.97 8.84 3.45
C VAL A 35 4.10 10.05 2.53
N ILE A 36 3.48 11.15 2.92
CA ILE A 36 3.47 12.37 2.11
C ILE A 36 4.88 12.94 1.99
N GLY A 37 5.43 12.87 0.79
CA GLY A 37 6.78 13.37 0.55
C GLY A 37 7.79 12.26 0.44
N SER A 38 7.36 11.05 0.76
CA SER A 38 8.24 9.89 0.68
C SER A 38 8.16 9.25 -0.70
N GLN A 39 9.03 8.30 -0.96
CA GLN A 39 9.05 7.59 -2.23
C GLN A 39 8.94 6.09 -1.98
N CYS A 40 8.19 5.42 -2.83
CA CYS A 40 8.03 3.98 -2.73
C CYS A 40 9.27 3.28 -3.25
N GLY A 41 9.59 2.14 -2.65
CA GLY A 41 10.76 1.40 -3.07
C GLY A 41 10.48 0.46 -4.22
N ALA A 42 9.45 -0.36 -4.05
CA ALA A 42 9.05 -1.29 -5.09
C ALA A 42 8.03 -0.67 -6.03
N SER A 43 6.75 -0.82 -5.70
CA SER A 43 5.68 -0.26 -6.51
C SER A 43 4.55 0.25 -5.63
N VAL A 44 4.00 1.41 -5.98
CA VAL A 44 2.85 1.95 -5.28
C VAL A 44 1.57 1.29 -5.78
N LYS A 45 0.80 0.75 -4.87
CA LYS A 45 -0.47 0.11 -5.22
C LYS A 45 -1.62 0.84 -4.57
N CYS A 46 -2.81 0.69 -5.12
CA CYS A 46 -4.00 1.29 -4.56
C CYS A 46 -4.80 0.22 -3.83
N CYS A 47 -4.67 0.19 -2.52
CA CYS A 47 -5.33 -0.84 -1.73
C CYS A 47 -6.37 -0.25 -0.79
N LYS A 48 -7.42 -1.02 -0.55
CA LYS A 48 -8.48 -0.63 0.36
C LYS A 48 -8.28 -1.31 1.71
N ASP A 49 -8.45 -0.55 2.78
CA ASP A 49 -8.21 -1.07 4.13
C ASP A 49 -9.46 -1.77 4.65
N ASP A 50 -9.58 -3.05 4.32
CA ASP A 50 -10.70 -3.85 4.78
C ASP A 50 -10.50 -4.21 6.25
N VAL A 51 -9.60 -5.16 6.50
CA VAL A 51 -9.28 -5.58 7.85
C VAL A 51 -7.76 -5.66 8.00
N THR A 52 -7.08 -4.80 7.26
CA THR A 52 -5.64 -4.85 7.16
C THR A 52 -4.96 -3.93 8.16
N ASN A 53 -5.75 -3.05 8.78
CA ASN A 53 -5.25 -2.06 9.72
C ASN A 53 -4.57 -2.68 10.92
N THR A 54 -4.99 -3.88 11.29
CA THR A 54 -4.42 -4.57 12.44
C THR A 54 -3.04 -5.14 12.13
N GLY A 55 -2.02 -4.28 12.16
CA GLY A 55 -0.68 -4.72 11.89
C GLY A 55 0.35 -3.93 12.69
N ASN A 56 -0.13 -3.18 13.67
CA ASN A 56 0.71 -2.38 14.56
C ASN A 56 1.36 -1.21 13.82
N SER A 57 2.49 -1.45 13.18
CA SER A 57 3.20 -0.40 12.45
C SER A 57 3.29 -0.73 10.96
N GLY A 58 2.43 -1.63 10.52
CA GLY A 58 2.41 -2.01 9.11
C GLY A 58 1.09 -2.62 8.74
N LEU A 59 0.83 -2.74 7.45
CA LEU A 59 -0.42 -3.32 6.97
C LEU A 59 -0.15 -4.55 6.12
N ILE A 60 -0.56 -5.70 6.63
CA ILE A 60 -0.39 -6.95 5.91
C ILE A 60 -1.53 -7.15 4.94
N ILE A 61 -1.37 -6.62 3.74
CA ILE A 61 -2.39 -6.70 2.71
C ILE A 61 -2.63 -8.16 2.30
N ASN A 62 -3.89 -8.56 2.33
CA ASN A 62 -4.26 -9.95 2.05
C ASN A 62 -4.45 -10.17 0.55
N ALA A 63 -3.52 -9.62 -0.24
CA ALA A 63 -3.51 -9.76 -1.69
C ALA A 63 -4.67 -9.01 -2.35
N ALA A 64 -5.89 -9.50 -2.14
CA ALA A 64 -7.07 -8.99 -2.83
C ALA A 64 -7.60 -7.71 -2.17
N ASN A 65 -6.74 -6.71 -2.03
CA ASN A 65 -7.14 -5.42 -1.48
C ASN A 65 -6.74 -4.29 -2.42
N CYS A 66 -5.86 -4.60 -3.37
CA CYS A 66 -5.31 -3.58 -4.26
C CYS A 66 -5.83 -3.74 -5.68
N VAL A 67 -6.96 -3.09 -5.94
CA VAL A 67 -7.59 -3.06 -7.28
C VAL A 67 -7.76 -4.47 -7.85
N ALA A 68 -6.89 -4.81 -8.78
CA ALA A 68 -6.95 -6.09 -9.48
C ALA A 68 -5.60 -6.39 -10.10
N SER A 1 14.31 5.75 -10.71
CA SER A 1 13.42 6.83 -10.21
C SER A 1 12.29 6.25 -9.38
N ALA A 2 12.20 6.64 -8.13
CA ALA A 2 11.15 6.16 -7.24
C ALA A 2 9.91 7.02 -7.36
N THR A 3 8.77 6.47 -7.00
CA THR A 3 7.52 7.18 -7.06
C THR A 3 7.25 7.93 -5.76
N THR A 4 7.16 9.24 -5.84
CA THR A 4 6.89 10.05 -4.66
C THR A 4 5.41 9.99 -4.30
N ILE A 5 5.12 9.52 -3.10
CA ILE A 5 3.75 9.26 -2.69
C ILE A 5 3.08 10.48 -2.09
N GLY A 6 1.90 10.79 -2.63
CA GLY A 6 1.00 11.73 -2.01
C GLY A 6 -0.29 11.02 -1.65
N PRO A 7 -0.85 11.26 -0.46
CA PRO A 7 -2.01 10.52 0.06
C PRO A 7 -3.33 10.86 -0.64
N ASN A 8 -3.30 10.95 -1.96
CA ASN A 8 -4.51 11.20 -2.74
C ASN A 8 -4.36 10.71 -4.18
N THR A 9 -3.50 9.73 -4.38
CA THR A 9 -3.34 9.11 -5.69
C THR A 9 -4.59 8.28 -6.00
N CYS A 10 -4.86 7.32 -5.14
CA CYS A 10 -6.06 6.51 -5.22
C CYS A 10 -7.16 7.15 -4.38
N SER A 11 -8.38 7.21 -4.93
CA SER A 11 -9.48 7.89 -4.26
C SER A 11 -10.80 7.57 -4.96
N ILE A 12 -10.85 6.42 -5.60
CA ILE A 12 -12.07 5.97 -6.26
C ILE A 12 -13.01 5.41 -5.21
N ASP A 13 -12.59 4.30 -4.63
CA ASP A 13 -13.25 3.74 -3.47
C ASP A 13 -12.45 4.13 -2.23
N ASP A 14 -12.46 3.29 -1.22
CA ASP A 14 -11.59 3.48 -0.07
C ASP A 14 -10.20 2.93 -0.39
N TYR A 15 -9.77 3.18 -1.63
CA TYR A 15 -8.48 2.73 -2.10
C TYR A 15 -7.41 3.71 -1.66
N LYS A 16 -6.55 3.27 -0.76
CA LYS A 16 -5.49 4.12 -0.25
C LYS A 16 -4.17 3.74 -0.89
N PRO A 17 -3.31 4.72 -1.18
CA PRO A 17 -1.96 4.47 -1.68
C PRO A 17 -1.14 3.67 -0.68
N TYR A 18 -0.59 2.54 -1.13
CA TYR A 18 0.16 1.67 -0.26
C TYR A 18 1.45 1.23 -0.93
N CYS A 19 2.58 1.48 -0.28
CA CYS A 19 3.88 1.11 -0.82
C CYS A 19 4.22 -0.32 -0.41
N CYS A 20 3.89 -1.26 -1.27
CA CYS A 20 4.21 -2.66 -1.04
C CYS A 20 5.69 -2.90 -1.27
N GLN A 21 6.42 -2.96 -0.18
CA GLN A 21 7.88 -3.04 -0.23
C GLN A 21 8.37 -4.27 0.54
N SER A 22 7.57 -4.71 1.51
CA SER A 22 7.95 -5.84 2.35
C SER A 22 7.73 -7.16 1.62
N MET A 23 8.57 -7.42 0.63
CA MET A 23 8.52 -8.66 -0.12
C MET A 23 9.92 -9.22 -0.27
N SER A 24 10.79 -8.88 0.68
CA SER A 24 12.17 -9.32 0.66
C SER A 24 12.32 -10.69 1.31
N GLY A 25 11.68 -10.86 2.45
CA GLY A 25 11.72 -12.13 3.15
C GLY A 25 10.35 -12.76 3.25
N SER A 26 9.40 -12.16 2.55
CA SER A 26 8.02 -12.62 2.56
C SER A 26 7.40 -12.43 1.19
N ALA A 27 6.44 -13.27 0.84
CA ALA A 27 5.72 -13.12 -0.42
C ALA A 27 4.38 -12.44 -0.18
N SER A 28 4.19 -11.97 1.04
CA SER A 28 2.96 -11.31 1.44
C SER A 28 2.96 -9.85 1.00
N LEU A 29 1.79 -9.25 0.91
CA LEU A 29 1.66 -7.86 0.47
C LEU A 29 1.99 -6.90 1.60
N GLY A 30 3.28 -6.71 1.86
CA GLY A 30 3.72 -5.76 2.87
C GLY A 30 3.71 -4.34 2.34
N CYS A 31 2.57 -3.70 2.43
CA CYS A 31 2.41 -2.36 1.90
C CYS A 31 2.27 -1.34 3.03
N VAL A 32 3.24 -0.45 3.14
CA VAL A 32 3.17 0.61 4.13
C VAL A 32 2.26 1.73 3.63
N VAL A 33 1.69 2.48 4.57
CA VAL A 33 0.80 3.59 4.25
C VAL A 33 1.51 4.58 3.32
N GLY A 34 0.77 5.08 2.34
CA GLY A 34 1.31 6.12 1.47
C GLY A 34 1.56 7.40 2.22
N VAL A 35 2.76 7.50 2.77
CA VAL A 35 3.17 8.67 3.53
C VAL A 35 3.57 9.80 2.58
N ILE A 36 3.12 11.01 2.90
CA ILE A 36 3.43 12.17 2.09
C ILE A 36 4.93 12.44 2.08
N GLY A 37 5.56 12.20 0.93
CA GLY A 37 6.98 12.44 0.80
C GLY A 37 7.78 11.16 0.73
N SER A 38 7.10 10.03 0.87
CA SER A 38 7.77 8.75 0.78
C SER A 38 8.02 8.37 -0.68
N GLN A 39 9.27 8.04 -0.98
CA GLN A 39 9.65 7.64 -2.32
C GLN A 39 9.59 6.12 -2.47
N CYS A 40 8.46 5.63 -2.94
CA CYS A 40 8.26 4.20 -3.09
C CYS A 40 9.03 3.67 -4.28
N GLY A 41 9.95 2.75 -4.02
CA GLY A 41 10.76 2.19 -5.08
C GLY A 41 10.21 0.86 -5.57
N ALA A 42 9.14 0.39 -4.93
CA ALA A 42 8.56 -0.89 -5.26
C ALA A 42 7.15 -0.72 -5.83
N SER A 43 6.23 -1.52 -5.33
CA SER A 43 4.86 -1.51 -5.83
C SER A 43 4.03 -0.45 -5.10
N VAL A 44 3.86 0.69 -5.75
CA VAL A 44 2.98 1.73 -5.24
C VAL A 44 1.54 1.39 -5.58
N LYS A 45 0.95 0.53 -4.77
CA LYS A 45 -0.35 -0.02 -5.06
C LYS A 45 -1.47 0.82 -4.45
N CYS A 46 -2.69 0.43 -4.76
CA CYS A 46 -3.87 1.05 -4.20
C CYS A 46 -4.75 -0.03 -3.60
N CYS A 47 -4.78 -0.10 -2.27
CA CYS A 47 -5.49 -1.17 -1.59
C CYS A 47 -6.57 -0.61 -0.67
N LYS A 48 -7.64 -1.37 -0.50
CA LYS A 48 -8.74 -0.95 0.33
C LYS A 48 -8.54 -1.36 1.78
N ASP A 49 -8.05 -0.43 2.58
CA ASP A 49 -7.90 -0.66 4.01
C ASP A 49 -9.00 0.07 4.76
N ASP A 50 -10.00 -0.69 5.20
CA ASP A 50 -11.18 -0.10 5.84
C ASP A 50 -10.80 0.57 7.16
N VAL A 51 -10.27 -0.22 8.08
CA VAL A 51 -9.89 0.30 9.39
C VAL A 51 -8.49 0.90 9.35
N THR A 52 -8.09 1.52 10.44
CA THR A 52 -6.79 2.14 10.51
C THR A 52 -5.88 1.35 11.44
N ASN A 53 -4.58 1.48 11.23
CA ASN A 53 -3.56 0.85 12.07
C ASN A 53 -3.55 -0.66 11.88
N THR A 54 -4.03 -1.13 10.73
CA THR A 54 -4.04 -2.54 10.41
C THR A 54 -2.64 -3.04 10.05
N GLY A 55 -1.80 -3.22 11.07
CA GLY A 55 -0.43 -3.60 10.85
C GLY A 55 0.53 -2.63 11.48
N ASN A 56 0.00 -1.47 11.89
CA ASN A 56 0.78 -0.43 12.54
C ASN A 56 1.89 0.10 11.64
N SER A 57 3.13 -0.30 11.91
CA SER A 57 4.27 0.13 11.13
C SER A 57 4.54 -0.81 9.95
N GLY A 58 3.89 -1.96 9.99
CA GLY A 58 4.07 -2.94 8.93
C GLY A 58 2.73 -3.51 8.48
N LEU A 59 2.08 -2.79 7.58
CA LEU A 59 0.73 -3.16 7.15
C LEU A 59 0.78 -4.26 6.09
N ILE A 60 0.72 -5.51 6.53
CA ILE A 60 0.61 -6.63 5.63
C ILE A 60 -0.83 -6.75 5.16
N ILE A 61 -1.09 -6.29 3.93
CA ILE A 61 -2.43 -6.17 3.43
C ILE A 61 -2.86 -7.46 2.72
N ASN A 62 -4.15 -7.76 2.82
CA ASN A 62 -4.74 -8.89 2.10
C ASN A 62 -4.76 -8.59 0.61
N ALA A 63 -4.11 -9.45 -0.18
CA ALA A 63 -3.93 -9.21 -1.60
C ALA A 63 -5.19 -9.56 -2.40
N ALA A 64 -6.35 -9.31 -1.81
CA ALA A 64 -7.62 -9.57 -2.48
C ALA A 64 -8.51 -8.34 -2.43
N ASN A 65 -7.91 -7.19 -2.07
CA ASN A 65 -8.67 -5.95 -1.99
C ASN A 65 -7.86 -4.79 -2.57
N CYS A 66 -7.13 -5.07 -3.65
CA CYS A 66 -6.37 -4.05 -4.35
C CYS A 66 -6.68 -4.10 -5.84
N VAL A 67 -6.52 -2.97 -6.52
CA VAL A 67 -6.76 -2.92 -7.95
C VAL A 67 -5.68 -3.66 -8.72
N ALA A 68 -4.45 -3.18 -8.62
CA ALA A 68 -3.32 -3.80 -9.29
C ALA A 68 -2.04 -3.41 -8.59
N SER A 1 11.86 3.65 -10.83
CA SER A 1 12.05 2.93 -9.55
C SER A 1 11.54 3.75 -8.38
N ALA A 2 11.65 5.07 -8.49
CA ALA A 2 11.19 5.96 -7.44
C ALA A 2 9.91 6.67 -7.89
N THR A 3 9.02 6.90 -6.94
CA THR A 3 7.77 7.60 -7.21
C THR A 3 7.34 8.43 -6.02
N THR A 4 7.07 9.71 -6.22
CA THR A 4 6.63 10.58 -5.15
C THR A 4 5.17 10.32 -4.82
N ILE A 5 4.92 9.99 -3.56
CA ILE A 5 3.60 9.56 -3.12
C ILE A 5 2.71 10.72 -2.69
N GLY A 6 1.52 10.76 -3.27
CA GLY A 6 0.48 11.64 -2.79
C GLY A 6 -0.67 10.82 -2.22
N PRO A 7 -1.24 11.22 -1.08
CA PRO A 7 -2.31 10.47 -0.39
C PRO A 7 -3.59 10.29 -1.21
N ASN A 8 -3.65 10.92 -2.38
CA ASN A 8 -4.84 10.85 -3.19
C ASN A 8 -4.54 10.22 -4.56
N THR A 9 -3.62 9.26 -4.58
CA THR A 9 -3.31 8.54 -5.81
C THR A 9 -4.52 7.78 -6.31
N CYS A 10 -5.31 7.30 -5.36
CA CYS A 10 -6.57 6.64 -5.66
C CYS A 10 -7.65 7.16 -4.71
N SER A 11 -8.88 7.25 -5.20
CA SER A 11 -9.93 7.94 -4.46
C SER A 11 -11.30 7.33 -4.77
N ILE A 12 -11.30 6.13 -5.33
CA ILE A 12 -12.53 5.44 -5.63
C ILE A 12 -13.08 4.84 -4.34
N ASP A 13 -12.41 3.82 -3.88
CA ASP A 13 -12.69 3.26 -2.57
C ASP A 13 -11.76 3.90 -1.56
N ASP A 14 -11.57 3.26 -0.42
CA ASP A 14 -10.58 3.69 0.54
C ASP A 14 -9.19 3.23 0.10
N TYR A 15 -8.95 3.33 -1.20
CA TYR A 15 -7.73 2.84 -1.80
C TYR A 15 -6.62 3.85 -1.70
N LYS A 16 -6.11 4.05 -0.50
CA LYS A 16 -5.02 4.98 -0.29
C LYS A 16 -3.69 4.35 -0.69
N PRO A 17 -2.70 5.17 -1.04
CA PRO A 17 -1.37 4.69 -1.47
C PRO A 17 -0.68 3.87 -0.40
N TYR A 18 -0.26 2.68 -0.78
CA TYR A 18 0.44 1.78 0.11
C TYR A 18 1.73 1.31 -0.54
N CYS A 19 2.84 1.53 0.13
CA CYS A 19 4.12 1.04 -0.33
C CYS A 19 4.26 -0.43 0.04
N CYS A 20 3.66 -1.28 -0.75
CA CYS A 20 3.67 -2.71 -0.50
C CYS A 20 5.00 -3.31 -0.89
N GLN A 21 5.67 -3.93 0.08
CA GLN A 21 6.92 -4.61 -0.20
C GLN A 21 6.67 -5.80 -1.12
N SER A 22 7.69 -6.15 -1.89
CA SER A 22 7.63 -7.25 -2.85
C SER A 22 7.09 -8.52 -2.20
N MET A 23 5.94 -8.97 -2.67
CA MET A 23 5.31 -10.16 -2.14
C MET A 23 6.00 -11.41 -2.71
N SER A 24 6.42 -12.29 -1.82
CA SER A 24 7.13 -13.49 -2.23
C SER A 24 6.47 -14.73 -1.65
N GLY A 25 5.63 -15.38 -2.44
CA GLY A 25 4.95 -16.56 -1.99
C GLY A 25 3.63 -16.24 -1.31
N SER A 26 3.69 -15.32 -0.36
CA SER A 26 2.51 -14.86 0.35
C SER A 26 1.58 -14.11 -0.60
N ALA A 27 0.28 -14.16 -0.32
CA ALA A 27 -0.70 -13.44 -1.11
C ALA A 27 -0.95 -12.06 -0.52
N SER A 28 -0.32 -11.81 0.62
CA SER A 28 -0.44 -10.53 1.28
C SER A 28 0.87 -9.75 1.16
N LEU A 29 0.77 -8.47 0.85
CA LEU A 29 1.94 -7.64 0.66
C LEU A 29 2.17 -6.76 1.88
N GLY A 30 3.44 -6.47 2.16
CA GLY A 30 3.77 -5.62 3.29
C GLY A 30 3.58 -4.15 2.96
N CYS A 31 2.33 -3.72 2.97
CA CYS A 31 1.99 -2.35 2.59
C CYS A 31 2.09 -1.39 3.76
N VAL A 32 2.94 -0.40 3.63
CA VAL A 32 2.99 0.72 4.57
C VAL A 32 2.39 1.95 3.91
N VAL A 33 1.68 2.78 4.68
CA VAL A 33 1.03 3.96 4.11
C VAL A 33 2.05 4.88 3.43
N GLY A 34 1.73 5.28 2.21
CA GLY A 34 2.60 6.18 1.48
C GLY A 34 2.65 7.55 2.11
N VAL A 35 3.83 7.94 2.58
CA VAL A 35 4.01 9.21 3.25
C VAL A 35 4.08 10.34 2.22
N ILE A 36 3.29 11.39 2.47
CA ILE A 36 3.24 12.55 1.60
C ILE A 36 4.63 13.16 1.43
N GLY A 37 5.10 13.21 0.19
CA GLY A 37 6.39 13.82 -0.09
C GLY A 37 7.51 12.80 -0.14
N SER A 38 7.20 11.54 0.17
CA SER A 38 8.19 10.48 0.15
C SER A 38 8.15 9.74 -1.19
N GLN A 39 9.19 8.95 -1.45
CA GLN A 39 9.29 8.22 -2.71
C GLN A 39 9.21 6.72 -2.46
N CYS A 40 8.29 6.06 -3.13
CA CYS A 40 8.15 4.62 -3.02
C CYS A 40 9.16 3.93 -3.91
N GLY A 41 9.81 2.89 -3.37
CA GLY A 41 10.76 2.12 -4.14
C GLY A 41 10.29 0.69 -4.34
N ALA A 42 9.09 0.40 -3.85
CA ALA A 42 8.51 -0.92 -3.97
C ALA A 42 7.20 -0.86 -4.73
N SER A 43 6.35 -1.86 -4.54
CA SER A 43 5.08 -1.90 -5.21
C SER A 43 4.08 -0.96 -4.56
N VAL A 44 4.00 0.27 -5.06
CA VAL A 44 3.05 1.24 -4.54
C VAL A 44 1.67 0.95 -5.11
N LYS A 45 0.79 0.49 -4.24
CA LYS A 45 -0.55 0.07 -4.65
C LYS A 45 -1.61 0.93 -3.97
N CYS A 46 -2.84 0.77 -4.41
CA CYS A 46 -3.98 1.41 -3.76
C CYS A 46 -4.85 0.35 -3.10
N CYS A 47 -4.75 0.24 -1.79
CA CYS A 47 -5.51 -0.77 -1.05
C CYS A 47 -6.38 -0.11 0.01
N LYS A 48 -7.43 -0.81 0.42
CA LYS A 48 -8.37 -0.26 1.39
C LYS A 48 -8.04 -0.77 2.79
N ASP A 49 -8.46 -0.01 3.79
CA ASP A 49 -8.23 -0.37 5.18
C ASP A 49 -9.23 -1.42 5.65
N ASP A 50 -9.11 -2.63 5.10
CA ASP A 50 -10.01 -3.73 5.45
C ASP A 50 -9.70 -4.25 6.85
N VAL A 51 -8.52 -3.94 7.33
CA VAL A 51 -8.12 -4.30 8.68
C VAL A 51 -7.80 -3.03 9.46
N THR A 52 -8.83 -2.25 9.72
CA THR A 52 -8.68 -0.94 10.35
C THR A 52 -8.44 -1.07 11.86
N ASN A 53 -7.43 -1.85 12.23
CA ASN A 53 -7.06 -2.03 13.62
C ASN A 53 -5.61 -1.62 13.81
N THR A 54 -5.42 -0.44 14.37
CA THR A 54 -4.09 0.13 14.54
C THR A 54 -3.20 -0.74 15.44
N GLY A 55 -1.93 -0.81 15.10
CA GLY A 55 -0.98 -1.58 15.88
C GLY A 55 0.43 -1.13 15.63
N ASN A 56 1.38 -2.00 15.93
CA ASN A 56 2.80 -1.70 15.71
C ASN A 56 3.32 -2.46 14.51
N SER A 57 2.40 -2.98 13.71
CA SER A 57 2.75 -3.78 12.55
C SER A 57 2.30 -3.11 11.27
N GLY A 58 2.90 -3.52 10.15
CA GLY A 58 2.50 -2.99 8.86
C GLY A 58 1.22 -3.61 8.37
N LEU A 59 0.61 -3.00 7.38
CA LEU A 59 -0.66 -3.48 6.85
C LEU A 59 -0.43 -4.52 5.77
N ILE A 60 -0.36 -5.78 6.18
CA ILE A 60 -0.18 -6.88 5.25
C ILE A 60 -1.51 -7.25 4.59
N ILE A 61 -1.92 -6.44 3.63
CA ILE A 61 -3.18 -6.64 2.93
C ILE A 61 -3.00 -7.63 1.79
N ASN A 62 -4.08 -8.33 1.46
CA ASN A 62 -4.06 -9.30 0.36
C ASN A 62 -4.00 -8.60 -0.99
N ALA A 63 -3.19 -9.14 -1.90
CA ALA A 63 -3.02 -8.55 -3.22
C ALA A 63 -4.33 -8.50 -4.01
N ALA A 64 -5.24 -9.41 -3.68
CA ALA A 64 -6.54 -9.46 -4.34
C ALA A 64 -7.48 -8.40 -3.80
N ASN A 65 -7.04 -7.70 -2.76
CA ASN A 65 -7.86 -6.66 -2.13
C ASN A 65 -7.51 -5.29 -2.71
N CYS A 66 -6.40 -5.22 -3.43
CA CYS A 66 -5.95 -3.99 -4.06
C CYS A 66 -6.65 -3.81 -5.40
N VAL A 67 -6.47 -2.64 -6.01
CA VAL A 67 -7.08 -2.35 -7.31
C VAL A 67 -6.61 -3.34 -8.38
N ALA A 68 -5.32 -3.52 -8.48
CA ALA A 68 -4.74 -4.41 -9.49
C ALA A 68 -3.41 -4.94 -8.99
N SER A 1 12.97 3.89 -10.32
CA SER A 1 11.76 3.40 -9.64
C SER A 1 11.57 4.09 -8.29
N ALA A 2 11.98 5.36 -8.21
CA ALA A 2 11.83 6.14 -6.99
C ALA A 2 10.58 7.00 -7.10
N THR A 3 9.43 6.35 -7.13
CA THR A 3 8.16 7.02 -7.30
C THR A 3 7.77 7.83 -6.07
N THR A 4 7.53 9.13 -6.27
CA THR A 4 7.08 10.01 -5.20
C THR A 4 5.58 9.83 -4.97
N ILE A 5 5.19 9.72 -3.71
CA ILE A 5 3.82 9.41 -3.34
C ILE A 5 3.01 10.64 -2.98
N GLY A 6 1.79 10.68 -3.49
CA GLY A 6 0.81 11.65 -3.06
C GLY A 6 -0.55 10.98 -2.87
N PRO A 7 -1.20 11.16 -1.70
CA PRO A 7 -2.47 10.49 -1.37
C PRO A 7 -3.63 10.79 -2.33
N ASN A 8 -3.36 11.55 -3.39
CA ASN A 8 -4.37 11.88 -4.38
C ASN A 8 -4.47 10.78 -5.44
N THR A 9 -3.61 9.76 -5.30
CA THR A 9 -3.58 8.64 -6.23
C THR A 9 -4.89 7.86 -6.22
N CYS A 10 -5.27 7.40 -5.04
CA CYS A 10 -6.50 6.64 -4.86
C CYS A 10 -7.21 7.15 -3.61
N SER A 11 -8.54 7.08 -3.60
CA SER A 11 -9.33 7.62 -2.49
C SER A 11 -10.80 7.27 -2.67
N ILE A 12 -11.06 6.30 -3.53
CA ILE A 12 -12.43 5.93 -3.86
C ILE A 12 -13.04 5.05 -2.78
N ASP A 13 -12.87 3.75 -2.94
CA ASP A 13 -13.42 2.79 -2.00
C ASP A 13 -12.46 2.55 -0.84
N ASP A 14 -12.26 3.58 -0.02
CA ASP A 14 -11.32 3.53 1.11
C ASP A 14 -9.92 3.17 0.63
N TYR A 15 -9.63 3.52 -0.62
CA TYR A 15 -8.33 3.25 -1.21
C TYR A 15 -7.38 4.39 -0.94
N LYS A 16 -6.11 4.08 -0.83
CA LYS A 16 -5.06 5.09 -0.71
C LYS A 16 -3.72 4.46 -1.08
N PRO A 17 -2.70 5.28 -1.37
CA PRO A 17 -1.37 4.79 -1.76
C PRO A 17 -0.75 3.90 -0.68
N TYR A 18 -0.28 2.74 -1.10
CA TYR A 18 0.32 1.79 -0.19
C TYR A 18 1.66 1.30 -0.73
N CYS A 19 2.68 1.29 0.11
CA CYS A 19 4.01 0.81 -0.28
C CYS A 19 4.15 -0.66 0.10
N CYS A 20 3.87 -1.54 -0.85
CA CYS A 20 3.98 -2.97 -0.61
C CYS A 20 5.42 -3.43 -0.89
N GLN A 21 6.10 -3.82 0.18
CA GLN A 21 7.50 -4.21 0.08
C GLN A 21 7.62 -5.67 -0.31
N SER A 22 7.35 -5.96 -1.56
CA SER A 22 7.50 -7.29 -2.10
C SER A 22 8.98 -7.64 -2.23
N MET A 23 9.45 -8.56 -1.40
CA MET A 23 10.85 -8.94 -1.39
C MET A 23 11.14 -9.90 -2.53
N SER A 24 10.15 -10.74 -2.85
CA SER A 24 10.27 -11.70 -3.93
C SER A 24 8.88 -12.22 -4.30
N GLY A 25 8.63 -13.50 -4.00
CA GLY A 25 7.33 -14.07 -4.27
C GLY A 25 6.39 -13.87 -3.09
N SER A 26 5.78 -12.70 -3.03
CA SER A 26 4.90 -12.35 -1.93
C SER A 26 3.46 -12.15 -2.41
N ALA A 27 2.58 -13.05 -2.01
CA ALA A 27 1.16 -12.94 -2.35
C ALA A 27 0.50 -11.95 -1.41
N SER A 28 0.67 -12.17 -0.12
CA SER A 28 0.22 -11.23 0.89
C SER A 28 1.29 -10.18 1.10
N LEU A 29 1.11 -9.05 0.43
CA LEU A 29 2.15 -8.03 0.36
C LEU A 29 2.11 -7.13 1.59
N GLY A 30 3.30 -6.81 2.10
CA GLY A 30 3.41 -5.93 3.25
C GLY A 30 3.41 -4.46 2.84
N CYS A 31 2.25 -3.86 2.87
CA CYS A 31 2.09 -2.47 2.47
C CYS A 31 2.13 -1.52 3.67
N VAL A 32 2.61 -0.31 3.43
CA VAL A 32 2.55 0.76 4.41
C VAL A 32 1.92 1.99 3.76
N VAL A 33 1.46 2.94 4.57
CA VAL A 33 0.78 4.11 4.04
C VAL A 33 1.73 5.01 3.25
N GLY A 34 1.32 5.35 2.03
CA GLY A 34 2.11 6.24 1.21
C GLY A 34 2.22 7.62 1.81
N VAL A 35 3.41 7.99 2.26
CA VAL A 35 3.63 9.27 2.90
C VAL A 35 3.76 10.37 1.87
N ILE A 36 2.99 11.43 2.07
CA ILE A 36 2.98 12.58 1.14
C ILE A 36 4.37 13.18 1.00
N GLY A 37 4.81 13.31 -0.25
CA GLY A 37 6.09 13.95 -0.52
C GLY A 37 7.27 13.03 -0.25
N SER A 38 7.00 11.74 -0.14
CA SER A 38 8.05 10.76 0.09
C SER A 38 8.09 9.77 -1.06
N GLN A 39 9.20 9.05 -1.18
CA GLN A 39 9.40 8.14 -2.31
C GLN A 39 9.13 6.70 -1.90
N CYS A 40 8.82 5.87 -2.87
CA CYS A 40 8.64 4.44 -2.62
C CYS A 40 9.58 3.64 -3.51
N GLY A 41 10.37 2.78 -2.88
CA GLY A 41 11.29 1.94 -3.63
C GLY A 41 10.69 0.57 -3.91
N ALA A 42 9.41 0.43 -3.60
CA ALA A 42 8.70 -0.82 -3.82
C ALA A 42 7.45 -0.57 -4.66
N SER A 43 6.57 -1.55 -4.71
CA SER A 43 5.35 -1.43 -5.48
C SER A 43 4.35 -0.50 -4.80
N VAL A 44 3.99 0.57 -5.50
CA VAL A 44 2.98 1.50 -4.99
C VAL A 44 1.60 1.02 -5.39
N LYS A 45 0.88 0.47 -4.42
CA LYS A 45 -0.43 -0.11 -4.68
C LYS A 45 -1.54 0.82 -4.23
N CYS A 46 -2.74 0.54 -4.70
CA CYS A 46 -3.92 1.28 -4.26
C CYS A 46 -4.85 0.31 -3.54
N CYS A 47 -4.67 0.19 -2.24
CA CYS A 47 -5.40 -0.80 -1.46
C CYS A 47 -6.36 -0.12 -0.49
N LYS A 48 -7.31 -0.91 0.01
CA LYS A 48 -8.29 -0.40 0.95
C LYS A 48 -7.74 -0.37 2.37
N ASP A 49 -8.50 0.23 3.27
CA ASP A 49 -8.22 0.15 4.69
C ASP A 49 -8.98 -1.04 5.27
N ASP A 50 -8.84 -2.17 4.60
CA ASP A 50 -9.55 -3.39 4.96
C ASP A 50 -8.60 -4.56 4.88
N VAL A 51 -8.44 -5.26 5.99
CA VAL A 51 -7.49 -6.34 6.09
C VAL A 51 -8.00 -7.45 7.00
N THR A 52 -8.17 -8.63 6.43
CA THR A 52 -8.63 -9.79 7.17
C THR A 52 -7.52 -10.83 7.29
N ASN A 53 -6.39 -10.58 6.64
CA ASN A 53 -5.29 -11.54 6.61
C ASN A 53 -4.00 -10.95 7.18
N THR A 54 -4.12 -9.85 7.91
CA THR A 54 -2.96 -9.21 8.51
C THR A 54 -2.90 -9.50 10.02
N GLY A 55 -1.76 -9.24 10.63
CA GLY A 55 -1.63 -9.48 12.05
C GLY A 55 -0.25 -9.15 12.57
N ASN A 56 0.22 -7.94 12.28
CA ASN A 56 1.54 -7.51 12.73
C ASN A 56 1.70 -6.00 12.54
N SER A 57 2.95 -5.55 12.47
CA SER A 57 3.26 -4.13 12.44
C SER A 57 3.03 -3.51 11.06
N GLY A 58 2.96 -4.36 10.04
CA GLY A 58 2.71 -3.87 8.69
C GLY A 58 1.33 -4.24 8.22
N LEU A 59 0.86 -3.58 7.17
CA LEU A 59 -0.45 -3.88 6.61
C LEU A 59 -0.34 -4.98 5.57
N ILE A 60 -0.55 -6.21 6.00
CA ILE A 60 -0.48 -7.36 5.12
C ILE A 60 -1.77 -7.49 4.30
N ILE A 61 -1.71 -7.05 3.06
CA ILE A 61 -2.85 -7.09 2.18
C ILE A 61 -2.70 -8.21 1.17
N ASN A 62 -3.76 -8.99 0.97
CA ASN A 62 -3.69 -10.15 0.09
C ASN A 62 -4.01 -9.79 -1.35
N ALA A 63 -3.57 -8.60 -1.78
CA ALA A 63 -3.68 -8.14 -3.17
C ALA A 63 -5.12 -7.83 -3.59
N ALA A 64 -6.06 -8.69 -3.21
CA ALA A 64 -7.46 -8.57 -3.62
C ALA A 64 -8.09 -7.28 -3.11
N ASN A 65 -7.58 -6.75 -2.01
CA ASN A 65 -8.11 -5.54 -1.40
C ASN A 65 -7.51 -4.29 -2.06
N CYS A 66 -7.02 -4.45 -3.28
CA CYS A 66 -6.43 -3.34 -4.02
C CYS A 66 -6.97 -3.31 -5.46
N VAL A 67 -7.17 -2.10 -5.98
CA VAL A 67 -7.60 -1.93 -7.37
C VAL A 67 -6.40 -1.88 -8.30
N ALA A 68 -5.27 -1.49 -7.73
CA ALA A 68 -4.03 -1.43 -8.47
C ALA A 68 -2.91 -1.99 -7.63
N SER A 1 13.21 5.60 -10.95
CA SER A 1 11.74 5.73 -11.08
C SER A 1 11.11 6.08 -9.73
N ALA A 2 11.27 7.33 -9.33
CA ALA A 2 10.78 7.77 -8.03
C ALA A 2 9.37 8.34 -8.14
N THR A 3 8.38 7.53 -7.78
CA THR A 3 7.02 8.01 -7.69
C THR A 3 6.83 8.75 -6.38
N THR A 4 6.58 10.05 -6.48
CA THR A 4 6.40 10.87 -5.30
C THR A 4 5.00 10.69 -4.74
N ILE A 5 4.92 10.10 -3.56
CA ILE A 5 3.65 9.73 -2.97
C ILE A 5 3.05 10.86 -2.13
N GLY A 6 1.77 11.12 -2.38
CA GLY A 6 0.98 11.95 -1.52
C GLY A 6 -0.30 11.22 -1.16
N PRO A 7 -0.95 11.56 -0.03
CA PRO A 7 -2.21 10.93 0.39
C PRO A 7 -3.27 10.91 -0.71
N ASN A 8 -3.17 11.86 -1.63
CA ASN A 8 -4.16 12.02 -2.70
C ASN A 8 -3.79 11.20 -3.93
N THR A 9 -3.19 10.05 -3.73
CA THR A 9 -2.88 9.16 -4.83
C THR A 9 -4.10 8.34 -5.21
N CYS A 10 -4.48 7.44 -4.32
CA CYS A 10 -5.70 6.67 -4.48
C CYS A 10 -6.83 7.39 -3.77
N SER A 11 -8.00 7.44 -4.41
CA SER A 11 -9.07 8.32 -3.93
C SER A 11 -10.36 7.99 -4.68
N ILE A 12 -10.57 6.71 -4.92
CA ILE A 12 -11.72 6.25 -5.67
C ILE A 12 -12.62 5.39 -4.78
N ASP A 13 -12.30 4.11 -4.75
CA ASP A 13 -13.10 3.14 -4.01
C ASP A 13 -12.44 2.82 -2.67
N ASP A 14 -12.35 3.84 -1.81
CA ASP A 14 -11.79 3.69 -0.47
C ASP A 14 -10.37 3.14 -0.52
N TYR A 15 -9.68 3.41 -1.61
CA TYR A 15 -8.33 2.91 -1.80
C TYR A 15 -7.32 3.90 -1.27
N LYS A 16 -6.34 3.39 -0.53
CA LYS A 16 -5.33 4.24 0.06
C LYS A 16 -3.96 3.94 -0.54
N PRO A 17 -3.05 4.92 -0.53
CA PRO A 17 -1.68 4.73 -1.03
C PRO A 17 -0.91 3.68 -0.23
N TYR A 18 -0.48 2.63 -0.92
CA TYR A 18 0.27 1.57 -0.30
C TYR A 18 1.50 1.21 -1.12
N CYS A 19 2.66 1.25 -0.48
CA CYS A 19 3.89 0.81 -1.10
C CYS A 19 4.22 -0.59 -0.62
N CYS A 20 3.82 -1.58 -1.39
CA CYS A 20 3.99 -2.97 -0.99
C CYS A 20 5.41 -3.46 -1.31
N GLN A 21 6.09 -3.93 -0.28
CA GLN A 21 7.44 -4.44 -0.42
C GLN A 21 7.41 -5.85 -1.02
N SER A 22 8.59 -6.39 -1.31
CA SER A 22 8.71 -7.71 -1.93
C SER A 22 8.03 -7.73 -3.30
N MET A 23 6.89 -8.40 -3.40
CA MET A 23 6.18 -8.53 -4.66
C MET A 23 4.68 -8.59 -4.40
N SER A 24 3.88 -8.32 -5.43
CA SER A 24 2.45 -8.45 -5.32
C SER A 24 2.03 -9.91 -5.48
N GLY A 25 2.93 -10.70 -6.05
CA GLY A 25 2.70 -12.13 -6.16
C GLY A 25 3.08 -12.87 -4.90
N SER A 26 2.33 -12.61 -3.84
CA SER A 26 2.56 -13.25 -2.55
C SER A 26 1.26 -13.29 -1.75
N ALA A 27 1.31 -13.87 -0.56
CA ALA A 27 0.13 -13.94 0.28
C ALA A 27 -0.04 -12.65 1.07
N SER A 28 0.93 -12.36 1.91
CA SER A 28 0.93 -11.14 2.71
C SER A 28 1.99 -10.18 2.19
N LEU A 29 1.56 -8.99 1.78
CA LEU A 29 2.49 -8.00 1.26
C LEU A 29 2.70 -6.89 2.26
N GLY A 30 3.95 -6.47 2.42
CA GLY A 30 4.25 -5.38 3.33
C GLY A 30 3.99 -4.03 2.69
N CYS A 31 2.73 -3.67 2.59
CA CYS A 31 2.33 -2.39 2.03
C CYS A 31 2.36 -1.31 3.10
N VAL A 32 3.41 -0.50 3.08
CA VAL A 32 3.50 0.62 4.01
C VAL A 32 2.64 1.77 3.53
N VAL A 33 2.14 2.56 4.48
CA VAL A 33 1.27 3.69 4.16
C VAL A 33 2.01 4.69 3.30
N GLY A 34 1.33 5.18 2.26
CA GLY A 34 1.88 6.22 1.43
C GLY A 34 2.07 7.51 2.20
N VAL A 35 3.23 7.66 2.80
CA VAL A 35 3.54 8.83 3.59
C VAL A 35 3.92 9.99 2.69
N ILE A 36 3.49 11.18 3.06
CA ILE A 36 3.80 12.39 2.29
C ILE A 36 5.31 12.61 2.23
N GLY A 37 5.89 12.26 1.09
CA GLY A 37 7.32 12.41 0.91
C GLY A 37 8.00 11.12 0.55
N SER A 38 7.28 10.01 0.72
CA SER A 38 7.81 8.70 0.39
C SER A 38 7.89 8.51 -1.12
N GLN A 39 9.05 8.09 -1.60
CA GLN A 39 9.23 7.80 -3.01
C GLN A 39 9.03 6.32 -3.25
N CYS A 40 7.90 5.97 -3.86
CA CYS A 40 7.54 4.58 -4.08
C CYS A 40 8.36 3.97 -5.21
N GLY A 41 9.31 3.11 -4.84
CA GLY A 41 10.11 2.43 -5.84
C GLY A 41 9.79 0.95 -5.89
N ALA A 42 8.92 0.50 -4.98
CA ALA A 42 8.54 -0.89 -4.92
C ALA A 42 7.32 -1.14 -5.80
N SER A 43 6.15 -0.86 -5.27
CA SER A 43 4.91 -0.99 -6.02
C SER A 43 3.84 -0.08 -5.43
N VAL A 44 3.34 0.84 -6.24
CA VAL A 44 2.27 1.73 -5.82
C VAL A 44 0.93 1.02 -5.97
N LYS A 45 0.41 0.54 -4.87
CA LYS A 45 -0.83 -0.23 -4.89
C LYS A 45 -1.94 0.53 -4.17
N CYS A 46 -3.11 0.53 -4.77
CA CYS A 46 -4.28 1.10 -4.13
C CYS A 46 -5.15 0.00 -3.55
N CYS A 47 -4.97 -0.25 -2.27
CA CYS A 47 -5.71 -1.29 -1.58
C CYS A 47 -6.69 -0.69 -0.58
N LYS A 48 -7.65 -1.49 -0.14
CA LYS A 48 -8.69 -1.01 0.76
C LYS A 48 -8.53 -1.61 2.16
N ASP A 49 -8.13 -2.88 2.20
CA ASP A 49 -8.07 -3.68 3.42
C ASP A 49 -9.31 -3.44 4.31
N ASP A 50 -9.16 -2.64 5.35
CA ASP A 50 -10.25 -2.40 6.30
C ASP A 50 -9.93 -1.24 7.23
N VAL A 51 -8.66 -1.13 7.62
CA VAL A 51 -8.23 -0.11 8.59
C VAL A 51 -8.38 1.29 8.00
N THR A 52 -9.15 2.13 8.67
CA THR A 52 -9.41 3.47 8.19
C THR A 52 -8.29 4.46 8.57
N ASN A 53 -7.57 4.14 9.64
CA ASN A 53 -6.50 5.01 10.13
C ASN A 53 -5.29 4.98 9.21
N THR A 54 -4.97 6.13 8.65
CA THR A 54 -3.83 6.25 7.74
C THR A 54 -2.53 6.58 8.51
N GLY A 55 -2.60 6.55 9.84
CA GLY A 55 -1.45 6.86 10.65
C GLY A 55 -0.63 5.62 10.98
N ASN A 56 -0.96 4.53 10.32
CA ASN A 56 -0.25 3.26 10.52
C ASN A 56 1.16 3.34 9.94
N SER A 57 2.06 2.53 10.47
CA SER A 57 3.43 2.48 9.99
C SER A 57 3.52 1.63 8.71
N GLY A 58 2.81 0.51 8.72
CA GLY A 58 2.81 -0.38 7.57
C GLY A 58 1.76 -1.46 7.71
N LEU A 59 1.02 -1.69 6.64
CA LEU A 59 -0.08 -2.65 6.68
C LEU A 59 0.25 -3.89 5.87
N ILE A 60 0.36 -5.01 6.56
CA ILE A 60 0.62 -6.28 5.90
C ILE A 60 -0.67 -6.86 5.33
N ILE A 61 -1.13 -6.27 4.24
CA ILE A 61 -2.37 -6.69 3.60
C ILE A 61 -2.12 -7.92 2.75
N ASN A 62 -3.12 -8.78 2.67
CA ASN A 62 -3.06 -9.93 1.79
C ASN A 62 -3.52 -9.53 0.39
N ALA A 63 -3.01 -10.23 -0.62
CA ALA A 63 -3.36 -9.93 -2.01
C ALA A 63 -4.83 -10.26 -2.27
N ALA A 64 -5.69 -9.26 -2.14
CA ALA A 64 -7.11 -9.43 -2.36
C ALA A 64 -7.76 -8.13 -2.84
N ASN A 65 -8.02 -7.22 -1.92
CA ASN A 65 -8.70 -5.96 -2.23
C ASN A 65 -7.72 -4.91 -2.74
N CYS A 66 -6.97 -5.27 -3.77
CA CYS A 66 -6.03 -4.37 -4.40
C CYS A 66 -6.31 -4.31 -5.89
N VAL A 67 -6.23 -3.12 -6.46
CA VAL A 67 -6.58 -2.91 -7.88
C VAL A 67 -5.75 -3.79 -8.82
N ALA A 68 -4.43 -3.73 -8.69
CA ALA A 68 -3.56 -4.46 -9.59
C ALA A 68 -2.45 -5.16 -8.81
N SER A 1 8.91 4.39 -12.63
CA SER A 1 9.59 3.53 -11.66
C SER A 1 9.11 3.80 -10.24
N ALA A 2 9.30 5.03 -9.78
CA ALA A 2 8.90 5.41 -8.44
C ALA A 2 7.78 6.45 -8.51
N THR A 3 6.80 6.30 -7.63
CA THR A 3 5.64 7.19 -7.65
C THR A 3 5.62 8.08 -6.41
N THR A 4 5.22 9.33 -6.60
CA THR A 4 5.12 10.27 -5.49
C THR A 4 3.86 10.01 -4.69
N ILE A 5 4.03 9.78 -3.40
CA ILE A 5 2.93 9.35 -2.56
C ILE A 5 2.21 10.51 -1.90
N GLY A 6 0.93 10.29 -1.64
CA GLY A 6 0.10 11.26 -0.98
C GLY A 6 -1.36 10.99 -1.27
N PRO A 7 -2.28 11.75 -0.68
CA PRO A 7 -3.72 11.67 -1.01
C PRO A 7 -4.02 12.11 -2.45
N ASN A 8 -3.21 11.64 -3.38
CA ASN A 8 -3.36 11.97 -4.78
C ASN A 8 -3.29 10.71 -5.62
N THR A 9 -2.35 9.83 -5.28
CA THR A 9 -2.17 8.57 -6.00
C THR A 9 -3.42 7.70 -5.86
N CYS A 10 -3.98 7.68 -4.66
CA CYS A 10 -5.23 6.99 -4.41
C CYS A 10 -5.97 7.67 -3.25
N SER A 11 -7.20 8.07 -3.51
CA SER A 11 -7.99 8.82 -2.54
C SER A 11 -9.41 8.97 -3.08
N ILE A 12 -9.86 7.93 -3.75
CA ILE A 12 -11.12 7.97 -4.46
C ILE A 12 -12.13 7.02 -3.82
N ASP A 13 -12.05 5.75 -4.17
CA ASP A 13 -12.99 4.75 -3.68
C ASP A 13 -12.51 4.14 -2.37
N ASP A 14 -12.36 4.99 -1.35
CA ASP A 14 -11.86 4.56 -0.04
C ASP A 14 -10.55 3.78 -0.19
N TYR A 15 -9.60 4.40 -0.87
CA TYR A 15 -8.33 3.76 -1.16
C TYR A 15 -7.19 4.58 -0.59
N LYS A 16 -6.34 3.92 0.18
CA LYS A 16 -5.15 4.57 0.72
C LYS A 16 -3.93 4.10 -0.04
N PRO A 17 -2.94 4.99 -0.23
CA PRO A 17 -1.69 4.63 -0.91
C PRO A 17 -0.82 3.74 -0.03
N TYR A 18 -0.43 2.60 -0.56
CA TYR A 18 0.31 1.62 0.21
C TYR A 18 1.61 1.23 -0.48
N CYS A 19 2.69 1.26 0.28
CA CYS A 19 3.98 0.84 -0.22
C CYS A 19 4.32 -0.54 0.30
N CYS A 20 4.14 -1.54 -0.56
CA CYS A 20 4.41 -2.92 -0.19
C CYS A 20 5.90 -3.22 -0.32
N GLN A 21 6.50 -3.61 0.78
CA GLN A 21 7.92 -3.93 0.81
C GLN A 21 8.11 -5.42 1.01
N SER A 22 7.41 -5.96 2.02
CA SER A 22 7.34 -7.40 2.26
C SER A 22 8.72 -8.04 2.38
N MET A 23 8.84 -9.27 1.90
CA MET A 23 10.09 -10.01 1.96
C MET A 23 10.44 -10.56 0.58
N SER A 24 11.22 -11.63 0.54
CA SER A 24 11.60 -12.26 -0.72
C SER A 24 10.39 -12.89 -1.40
N GLY A 25 9.78 -13.87 -0.74
CA GLY A 25 8.62 -14.52 -1.29
C GLY A 25 7.36 -14.20 -0.53
N SER A 26 6.62 -13.21 -0.99
CA SER A 26 5.43 -12.78 -0.28
C SER A 26 4.25 -12.54 -1.23
N ALA A 27 3.22 -13.36 -1.07
CA ALA A 27 1.96 -13.15 -1.79
C ALA A 27 1.10 -12.19 -0.99
N SER A 28 0.99 -12.47 0.31
CA SER A 28 0.43 -11.52 1.24
C SER A 28 1.48 -10.48 1.57
N LEU A 29 1.46 -9.38 0.83
CA LEU A 29 2.53 -8.40 0.86
C LEU A 29 2.41 -7.48 2.08
N GLY A 30 3.53 -6.89 2.46
CA GLY A 30 3.57 -6.00 3.60
C GLY A 30 3.56 -4.55 3.17
N CYS A 31 2.37 -3.99 3.02
CA CYS A 31 2.20 -2.62 2.60
C CYS A 31 2.18 -1.67 3.80
N VAL A 32 3.01 -0.64 3.73
CA VAL A 32 2.97 0.42 4.74
C VAL A 32 2.28 1.65 4.15
N VAL A 33 1.74 2.51 5.01
CA VAL A 33 1.08 3.72 4.54
C VAL A 33 2.07 4.58 3.77
N GLY A 34 1.68 4.97 2.57
CA GLY A 34 2.52 5.80 1.75
C GLY A 34 2.76 7.16 2.36
N VAL A 35 4.01 7.55 2.46
CA VAL A 35 4.37 8.82 3.06
C VAL A 35 4.13 9.96 2.07
N ILE A 36 3.32 10.93 2.49
CA ILE A 36 2.94 12.04 1.62
C ILE A 36 4.13 12.94 1.36
N GLY A 37 4.58 12.96 0.11
CA GLY A 37 5.74 13.74 -0.26
C GLY A 37 6.94 12.88 -0.58
N SER A 38 6.86 11.62 -0.17
CA SER A 38 7.92 10.66 -0.42
C SER A 38 7.68 9.95 -1.75
N GLN A 39 8.61 9.09 -2.15
CA GLN A 39 8.54 8.41 -3.43
C GLN A 39 8.88 6.93 -3.29
N CYS A 40 7.86 6.10 -3.21
CA CYS A 40 8.04 4.66 -3.07
C CYS A 40 8.37 4.04 -4.42
N GLY A 41 9.45 3.28 -4.47
CA GLY A 41 9.86 2.64 -5.71
C GLY A 41 9.67 1.14 -5.68
N ALA A 42 9.04 0.64 -4.62
CA ALA A 42 8.76 -0.78 -4.51
C ALA A 42 7.37 -1.08 -5.06
N SER A 43 6.65 -1.97 -4.42
CA SER A 43 5.30 -2.28 -4.84
C SER A 43 4.32 -1.25 -4.26
N VAL A 44 4.25 -0.10 -4.91
CA VAL A 44 3.29 0.93 -4.52
C VAL A 44 1.91 0.57 -5.08
N LYS A 45 1.01 0.18 -4.19
CA LYS A 45 -0.29 -0.32 -4.59
C LYS A 45 -1.41 0.50 -3.99
N CYS A 46 -2.63 0.12 -4.35
CA CYS A 46 -3.82 0.74 -3.81
C CYS A 46 -4.75 -0.36 -3.34
N CYS A 47 -4.95 -0.44 -2.04
CA CYS A 47 -5.67 -1.57 -1.46
C CYS A 47 -6.88 -1.10 -0.67
N LYS A 48 -7.93 -1.92 -0.70
CA LYS A 48 -9.12 -1.65 0.07
C LYS A 48 -8.89 -2.05 1.52
N ASP A 49 -8.93 -1.07 2.39
CA ASP A 49 -8.88 -1.31 3.82
C ASP A 49 -9.71 -0.25 4.54
N ASP A 50 -10.76 -0.70 5.20
CA ASP A 50 -11.55 0.17 6.04
C ASP A 50 -11.43 -0.24 7.51
N VAL A 51 -10.20 -0.57 7.92
CA VAL A 51 -9.94 -0.92 9.31
C VAL A 51 -9.74 0.34 10.15
N THR A 52 -10.45 0.43 11.26
CA THR A 52 -10.39 1.61 12.11
C THR A 52 -9.45 1.40 13.29
N ASN A 53 -8.38 0.66 13.06
CA ASN A 53 -7.40 0.38 14.11
C ASN A 53 -6.02 0.20 13.49
N THR A 54 -5.02 0.86 14.04
CA THR A 54 -3.66 0.76 13.54
C THR A 54 -2.67 0.51 14.66
N GLY A 55 -1.62 -0.25 14.38
CA GLY A 55 -0.62 -0.56 15.37
C GLY A 55 0.26 -1.69 14.91
N ASN A 56 0.76 -1.57 13.68
CA ASN A 56 1.54 -2.61 13.06
C ASN A 56 2.76 -2.03 12.38
N SER A 57 3.75 -2.87 12.09
CA SER A 57 4.93 -2.45 11.36
C SER A 57 4.61 -2.38 9.87
N GLY A 58 3.56 -3.09 9.48
CA GLY A 58 3.08 -3.08 8.13
C GLY A 58 1.74 -3.78 8.02
N LEU A 59 1.00 -3.51 6.97
CA LEU A 59 -0.29 -4.14 6.79
C LEU A 59 -0.17 -5.34 5.87
N ILE A 60 -0.59 -6.49 6.36
CA ILE A 60 -0.54 -7.72 5.59
C ILE A 60 -1.69 -7.77 4.59
N ILE A 61 -1.41 -7.34 3.37
CA ILE A 61 -2.42 -7.28 2.34
C ILE A 61 -2.38 -8.55 1.51
N ASN A 62 -3.55 -9.16 1.28
CA ASN A 62 -3.62 -10.46 0.62
C ASN A 62 -3.64 -10.33 -0.90
N ALA A 63 -3.28 -9.15 -1.39
CA ALA A 63 -3.16 -8.86 -2.83
C ALA A 63 -4.52 -8.75 -3.52
N ALA A 64 -5.43 -9.68 -3.22
CA ALA A 64 -6.73 -9.75 -3.87
C ALA A 64 -7.70 -8.68 -3.35
N ASN A 65 -7.15 -7.66 -2.69
CA ASN A 65 -7.93 -6.51 -2.26
C ASN A 65 -7.27 -5.23 -2.75
N CYS A 66 -6.39 -5.39 -3.73
CA CYS A 66 -5.66 -4.27 -4.32
C CYS A 66 -6.08 -4.08 -5.77
N VAL A 67 -6.21 -2.83 -6.19
CA VAL A 67 -6.53 -2.54 -7.59
C VAL A 67 -5.26 -2.26 -8.38
N ALA A 68 -4.24 -1.82 -7.67
CA ALA A 68 -2.96 -1.48 -8.30
C ALA A 68 -1.85 -2.33 -7.72
N SER A 1 12.65 4.73 -10.95
CA SER A 1 11.35 4.23 -10.46
C SER A 1 11.11 4.64 -9.02
N ALA A 2 10.77 5.90 -8.83
CA ALA A 2 10.53 6.45 -7.50
C ALA A 2 9.35 7.42 -7.55
N THR A 3 8.16 6.88 -7.45
CA THR A 3 6.94 7.68 -7.50
C THR A 3 6.84 8.61 -6.29
N THR A 4 6.54 9.88 -6.55
CA THR A 4 6.34 10.85 -5.48
C THR A 4 4.95 10.69 -4.89
N ILE A 5 4.90 10.19 -3.67
CA ILE A 5 3.63 9.81 -3.05
C ILE A 5 2.87 11.00 -2.48
N GLY A 6 1.59 11.07 -2.84
CA GLY A 6 0.67 12.01 -2.24
C GLY A 6 -0.67 11.35 -2.02
N PRO A 7 -1.45 11.78 -1.02
CA PRO A 7 -2.77 11.18 -0.71
C PRO A 7 -3.81 11.36 -1.83
N ASN A 8 -3.42 12.09 -2.87
CA ASN A 8 -4.31 12.37 -3.99
C ASN A 8 -4.32 11.21 -4.99
N THR A 9 -3.45 10.23 -4.75
CA THR A 9 -3.36 9.06 -5.62
C THR A 9 -4.64 8.23 -5.55
N CYS A 10 -4.76 7.44 -4.50
CA CYS A 10 -5.95 6.66 -4.26
C CYS A 10 -6.74 7.27 -3.10
N SER A 11 -8.03 7.51 -3.31
CA SER A 11 -8.85 8.20 -2.31
C SER A 11 -10.32 8.12 -2.70
N ILE A 12 -10.76 6.93 -3.07
CA ILE A 12 -12.13 6.75 -3.56
C ILE A 12 -12.83 5.64 -2.78
N ASP A 13 -12.67 4.41 -3.25
CA ASP A 13 -13.29 3.25 -2.63
C ASP A 13 -12.46 2.78 -1.42
N ASP A 14 -12.21 3.72 -0.51
CA ASP A 14 -11.34 3.50 0.64
C ASP A 14 -9.98 2.95 0.19
N TYR A 15 -9.64 3.29 -1.05
CA TYR A 15 -8.35 2.94 -1.61
C TYR A 15 -7.32 3.91 -1.07
N LYS A 16 -6.27 3.39 -0.46
CA LYS A 16 -5.24 4.24 0.11
C LYS A 16 -3.91 3.92 -0.56
N PRO A 17 -3.05 4.94 -0.74
CA PRO A 17 -1.72 4.75 -1.33
C PRO A 17 -0.84 3.89 -0.43
N TYR A 18 -0.47 2.73 -0.93
CA TYR A 18 0.31 1.79 -0.14
C TYR A 18 1.57 1.37 -0.89
N CYS A 19 2.68 1.36 -0.17
CA CYS A 19 3.94 0.89 -0.72
C CYS A 19 4.24 -0.50 -0.20
N CYS A 20 3.71 -1.49 -0.89
CA CYS A 20 3.87 -2.89 -0.48
C CYS A 20 5.32 -3.34 -0.63
N GLN A 21 5.93 -3.68 0.50
CA GLN A 21 7.30 -4.16 0.51
C GLN A 21 7.34 -5.68 0.41
N SER A 22 7.84 -6.17 -0.71
CA SER A 22 7.98 -7.60 -0.92
C SER A 22 9.44 -8.00 -0.78
N MET A 23 9.70 -9.01 0.04
CA MET A 23 11.06 -9.43 0.33
C MET A 23 11.61 -10.28 -0.80
N SER A 24 10.89 -11.34 -1.12
CA SER A 24 11.28 -12.23 -2.21
C SER A 24 10.06 -13.04 -2.66
N GLY A 25 9.83 -14.17 -2.02
CA GLY A 25 8.67 -14.98 -2.31
C GLY A 25 7.51 -14.62 -1.41
N SER A 26 7.11 -13.35 -1.44
CA SER A 26 6.05 -12.86 -0.58
C SER A 26 4.70 -12.92 -1.29
N ALA A 27 3.80 -13.72 -0.73
CA ALA A 27 2.44 -13.80 -1.24
C ALA A 27 1.60 -12.70 -0.60
N SER A 28 1.60 -12.68 0.72
CA SER A 28 1.00 -11.60 1.47
C SER A 28 1.97 -10.42 1.53
N LEU A 29 1.52 -9.26 1.08
CA LEU A 29 2.40 -8.11 0.94
C LEU A 29 2.16 -7.09 2.06
N GLY A 30 3.25 -6.55 2.59
CA GLY A 30 3.15 -5.53 3.62
C GLY A 30 3.06 -4.15 3.02
N CYS A 31 1.86 -3.60 2.95
CA CYS A 31 1.64 -2.31 2.34
C CYS A 31 1.65 -1.20 3.39
N VAL A 32 2.75 -0.48 3.46
CA VAL A 32 2.85 0.67 4.35
C VAL A 32 2.24 1.89 3.70
N VAL A 33 1.71 2.81 4.51
CA VAL A 33 1.05 4.00 3.99
C VAL A 33 2.01 4.88 3.22
N GLY A 34 1.58 5.33 2.05
CA GLY A 34 2.38 6.23 1.25
C GLY A 34 2.64 7.54 1.94
N VAL A 35 3.91 7.82 2.21
CA VAL A 35 4.30 9.03 2.91
C VAL A 35 4.31 10.21 1.95
N ILE A 36 3.58 11.26 2.30
CA ILE A 36 3.48 12.46 1.49
C ILE A 36 4.83 13.17 1.43
N GLY A 37 5.41 13.22 0.25
CA GLY A 37 6.71 13.83 0.08
C GLY A 37 7.83 12.81 0.18
N SER A 38 7.51 11.56 -0.15
CA SER A 38 8.49 10.49 -0.16
C SER A 38 8.35 9.67 -1.43
N GLN A 39 9.23 8.69 -1.61
CA GLN A 39 9.25 7.93 -2.85
C GLN A 39 8.85 6.47 -2.62
N CYS A 40 8.01 5.95 -3.50
CA CYS A 40 7.61 4.55 -3.46
C CYS A 40 8.59 3.72 -4.28
N GLY A 41 9.53 3.08 -3.61
CA GLY A 41 10.55 2.32 -4.30
C GLY A 41 10.28 0.83 -4.27
N ALA A 42 9.08 0.44 -3.89
CA ALA A 42 8.72 -0.96 -3.84
C ALA A 42 7.63 -1.28 -4.86
N SER A 43 6.41 -1.50 -4.38
CA SER A 43 5.27 -1.74 -5.25
C SER A 43 4.18 -0.72 -4.94
N VAL A 44 3.82 0.09 -5.93
CA VAL A 44 2.78 1.09 -5.76
C VAL A 44 1.41 0.44 -5.86
N LYS A 45 0.79 0.21 -4.71
CA LYS A 45 -0.47 -0.48 -4.66
C LYS A 45 -1.56 0.40 -4.07
N CYS A 46 -2.53 0.77 -4.90
CA CYS A 46 -3.73 1.43 -4.41
C CYS A 46 -4.69 0.35 -3.91
N CYS A 47 -4.63 0.07 -2.62
CA CYS A 47 -5.42 -1.01 -2.06
C CYS A 47 -6.54 -0.46 -1.21
N LYS A 48 -7.67 -1.15 -1.22
CA LYS A 48 -8.78 -0.77 -0.37
C LYS A 48 -8.58 -1.35 1.01
N ASP A 49 -8.58 -0.49 1.99
CA ASP A 49 -8.28 -0.88 3.36
C ASP A 49 -9.47 -1.58 3.99
N ASP A 50 -9.53 -2.90 3.77
CA ASP A 50 -10.59 -3.73 4.34
C ASP A 50 -9.99 -4.70 5.34
N VAL A 51 -8.70 -4.53 5.59
CA VAL A 51 -7.95 -5.42 6.48
C VAL A 51 -7.56 -4.68 7.77
N THR A 52 -8.37 -3.69 8.12
CA THR A 52 -8.14 -2.87 9.30
C THR A 52 -8.50 -3.61 10.59
N ASN A 53 -8.11 -4.88 10.66
CA ASN A 53 -8.33 -5.69 11.85
C ASN A 53 -7.04 -5.80 12.65
N THR A 54 -5.93 -5.52 11.98
CA THR A 54 -4.62 -5.50 12.61
C THR A 54 -4.46 -4.21 13.41
N GLY A 55 -4.26 -4.34 14.72
CA GLY A 55 -4.14 -3.17 15.58
C GLY A 55 -2.73 -2.59 15.59
N ASN A 56 -2.22 -2.31 14.41
CA ASN A 56 -0.89 -1.70 14.26
C ASN A 56 -0.68 -1.25 12.82
N SER A 57 0.40 -0.52 12.58
CA SER A 57 0.66 0.06 11.26
C SER A 57 1.27 -0.95 10.29
N GLY A 58 1.32 -2.22 10.69
CA GLY A 58 1.82 -3.26 9.81
C GLY A 58 0.72 -3.83 8.95
N LEU A 59 0.27 -3.03 7.99
CA LEU A 59 -0.87 -3.40 7.15
C LEU A 59 -0.47 -4.40 6.08
N ILE A 60 -0.41 -5.66 6.47
CA ILE A 60 -0.15 -6.73 5.53
C ILE A 60 -1.47 -7.13 4.86
N ILE A 61 -1.52 -6.95 3.55
CA ILE A 61 -2.76 -7.16 2.82
C ILE A 61 -2.74 -8.52 2.10
N ASN A 62 -3.93 -9.11 1.96
CA ASN A 62 -4.07 -10.44 1.38
C ASN A 62 -4.03 -10.39 -0.15
N ALA A 63 -3.48 -9.29 -0.69
CA ALA A 63 -3.28 -9.11 -2.14
C ALA A 63 -4.59 -8.89 -2.90
N ALA A 64 -5.61 -9.67 -2.56
CA ALA A 64 -6.90 -9.60 -3.25
C ALA A 64 -7.50 -8.20 -3.21
N ASN A 65 -7.33 -7.51 -2.08
CA ASN A 65 -7.90 -6.18 -1.91
C ASN A 65 -6.99 -5.11 -2.49
N CYS A 66 -6.12 -5.51 -3.40
CA CYS A 66 -5.17 -4.59 -4.01
C CYS A 66 -5.37 -4.55 -5.52
N VAL A 67 -4.79 -3.54 -6.16
CA VAL A 67 -4.86 -3.42 -7.60
C VAL A 67 -3.64 -4.07 -8.26
N ALA A 68 -3.64 -4.11 -9.58
CA ALA A 68 -2.52 -4.68 -10.31
C ALA A 68 -1.44 -3.64 -10.58
N SER A 1 10.23 3.58 -11.37
CA SER A 1 11.29 3.57 -10.33
C SER A 1 10.74 4.07 -8.99
N ALA A 2 11.40 5.07 -8.41
CA ALA A 2 10.95 5.65 -7.15
C ALA A 2 9.83 6.66 -7.39
N THR A 3 8.61 6.18 -7.29
CA THR A 3 7.44 7.02 -7.50
C THR A 3 7.13 7.83 -6.25
N THR A 4 6.81 9.11 -6.45
CA THR A 4 6.43 9.98 -5.35
C THR A 4 4.98 9.72 -4.95
N ILE A 5 4.72 9.68 -3.65
CA ILE A 5 3.41 9.33 -3.15
C ILE A 5 2.74 10.50 -2.45
N GLY A 6 1.57 10.88 -2.96
CA GLY A 6 0.70 11.77 -2.24
C GLY A 6 -0.56 11.05 -1.82
N PRO A 7 -1.18 11.44 -0.69
CA PRO A 7 -2.40 10.80 -0.17
C PRO A 7 -3.52 10.73 -1.21
N ASN A 8 -3.53 11.67 -2.15
CA ASN A 8 -4.56 11.71 -3.17
C ASN A 8 -4.14 10.92 -4.43
N THR A 9 -3.58 9.74 -4.22
CA THR A 9 -3.25 8.85 -5.32
C THR A 9 -4.48 8.02 -5.67
N CYS A 10 -5.31 7.80 -4.67
CA CYS A 10 -6.54 7.04 -4.83
C CYS A 10 -7.62 7.63 -3.93
N SER A 11 -8.80 7.87 -4.49
CA SER A 11 -9.87 8.51 -3.75
C SER A 11 -11.23 8.07 -4.28
N ILE A 12 -11.23 6.99 -5.06
CA ILE A 12 -12.45 6.45 -5.62
C ILE A 12 -13.17 5.63 -4.56
N ASP A 13 -12.69 4.41 -4.37
CA ASP A 13 -13.08 3.59 -3.24
C ASP A 13 -12.29 4.08 -2.03
N ASP A 14 -12.38 3.38 -0.91
CA ASP A 14 -11.54 3.70 0.25
C ASP A 14 -10.12 3.19 0.01
N TYR A 15 -9.57 3.57 -1.14
CA TYR A 15 -8.25 3.12 -1.55
C TYR A 15 -7.19 4.08 -1.05
N LYS A 16 -6.14 3.53 -0.45
CA LYS A 16 -5.03 4.33 0.02
C LYS A 16 -3.74 3.91 -0.68
N PRO A 17 -2.78 4.84 -0.81
CA PRO A 17 -1.45 4.52 -1.33
C PRO A 17 -0.69 3.61 -0.37
N TYR A 18 -0.33 2.43 -0.85
CA TYR A 18 0.37 1.47 -0.01
C TYR A 18 1.64 0.98 -0.67
N CYS A 19 2.75 1.12 0.04
CA CYS A 19 4.02 0.59 -0.40
C CYS A 19 4.11 -0.90 -0.05
N CYS A 20 3.77 -1.75 -0.99
CA CYS A 20 3.70 -3.17 -0.75
C CYS A 20 4.96 -3.88 -1.22
N GLN A 21 5.63 -4.51 -0.29
CA GLN A 21 6.74 -5.39 -0.62
C GLN A 21 6.23 -6.80 -0.81
N SER A 22 6.35 -7.31 -2.02
CA SER A 22 5.84 -8.64 -2.35
C SER A 22 6.61 -9.72 -1.59
N MET A 23 7.85 -9.41 -1.25
CA MET A 23 8.67 -10.32 -0.47
C MET A 23 9.46 -9.54 0.59
N SER A 24 8.75 -8.97 1.55
CA SER A 24 9.38 -8.24 2.64
C SER A 24 10.05 -9.20 3.63
N GLY A 25 11.08 -9.91 3.17
CA GLY A 25 11.72 -10.92 3.98
C GLY A 25 10.77 -12.05 4.32
N SER A 26 9.67 -12.10 3.58
CA SER A 26 8.59 -13.02 3.86
C SER A 26 7.82 -13.32 2.57
N ALA A 27 6.78 -14.13 2.69
CA ALA A 27 5.91 -14.42 1.55
C ALA A 27 4.63 -13.62 1.65
N SER A 28 4.62 -12.65 2.55
CA SER A 28 3.46 -11.80 2.77
C SER A 28 3.64 -10.45 2.08
N LEU A 29 2.54 -9.88 1.62
CA LEU A 29 2.57 -8.58 0.98
C LEU A 29 2.64 -7.47 2.03
N GLY A 30 3.83 -6.91 2.19
CA GLY A 30 4.06 -5.91 3.21
C GLY A 30 3.71 -4.51 2.76
N CYS A 31 2.42 -4.20 2.77
CA CYS A 31 1.93 -2.87 2.46
C CYS A 31 2.10 -1.91 3.64
N VAL A 32 2.82 -0.82 3.40
CA VAL A 32 2.95 0.25 4.37
C VAL A 32 2.28 1.50 3.83
N VAL A 33 1.80 2.38 4.71
CA VAL A 33 1.14 3.60 4.27
C VAL A 33 2.10 4.49 3.49
N GLY A 34 1.69 4.90 2.31
CA GLY A 34 2.49 5.81 1.52
C GLY A 34 2.68 7.13 2.23
N VAL A 35 3.94 7.50 2.44
CA VAL A 35 4.24 8.71 3.19
C VAL A 35 4.07 9.94 2.31
N ILE A 36 3.32 10.90 2.83
CA ILE A 36 3.00 12.12 2.10
C ILE A 36 4.25 12.86 1.66
N GLY A 37 4.48 12.92 0.35
CA GLY A 37 5.59 13.66 -0.18
C GLY A 37 6.88 12.88 -0.14
N SER A 38 6.75 11.57 -0.08
CA SER A 38 7.92 10.70 -0.07
C SER A 38 7.93 9.81 -1.31
N GLN A 39 9.08 9.24 -1.62
CA GLN A 39 9.22 8.40 -2.79
C GLN A 39 9.28 6.93 -2.40
N CYS A 40 8.57 6.11 -3.16
CA CYS A 40 8.53 4.68 -2.89
C CYS A 40 9.23 3.90 -3.98
N GLY A 41 10.19 3.07 -3.59
CA GLY A 41 10.90 2.26 -4.55
C GLY A 41 10.34 0.85 -4.64
N ALA A 42 9.19 0.63 -4.01
CA ALA A 42 8.54 -0.66 -4.04
C ALA A 42 7.26 -0.58 -4.86
N SER A 43 6.46 -1.63 -4.82
CA SER A 43 5.21 -1.68 -5.55
C SER A 43 4.19 -0.74 -4.91
N VAL A 44 3.93 0.39 -5.56
CA VAL A 44 2.92 1.33 -5.10
C VAL A 44 1.53 0.84 -5.49
N LYS A 45 0.80 0.34 -4.50
CA LYS A 45 -0.50 -0.25 -4.76
C LYS A 45 -1.60 0.60 -4.13
N CYS A 46 -2.82 0.39 -4.60
CA CYS A 46 -3.97 1.06 -4.05
C CYS A 46 -4.90 0.05 -3.39
N CYS A 47 -4.83 -0.05 -2.08
CA CYS A 47 -5.59 -1.03 -1.35
C CYS A 47 -6.59 -0.36 -0.42
N LYS A 48 -7.68 -1.06 -0.14
CA LYS A 48 -8.66 -0.57 0.82
C LYS A 48 -8.35 -1.12 2.20
N ASP A 49 -8.77 -0.41 3.23
CA ASP A 49 -8.49 -0.80 4.61
C ASP A 49 -9.41 -1.92 5.06
N ASP A 50 -9.26 -3.09 4.46
CA ASP A 50 -10.10 -4.23 4.79
C ASP A 50 -9.40 -5.16 5.76
N VAL A 51 -8.61 -4.57 6.65
CA VAL A 51 -7.93 -5.32 7.68
C VAL A 51 -8.73 -5.26 8.97
N THR A 52 -9.37 -6.38 9.31
CA THR A 52 -10.25 -6.44 10.46
C THR A 52 -9.48 -6.70 11.76
N ASN A 53 -9.16 -5.61 12.45
CA ASN A 53 -8.47 -5.67 13.74
C ASN A 53 -7.12 -6.38 13.63
N THR A 54 -6.20 -5.79 12.89
CA THR A 54 -4.84 -6.30 12.81
C THR A 54 -4.03 -5.83 14.01
N GLY A 55 -4.27 -6.47 15.16
CA GLY A 55 -3.66 -6.08 16.41
C GLY A 55 -2.15 -6.20 16.41
N ASN A 56 -1.48 -5.11 16.04
CA ASN A 56 -0.01 -5.05 16.04
C ASN A 56 0.59 -6.00 15.01
N SER A 57 -0.24 -6.49 14.10
CA SER A 57 0.22 -7.39 13.04
C SER A 57 0.76 -6.61 11.85
N GLY A 58 0.17 -5.45 11.60
CA GLY A 58 0.59 -4.63 10.48
C GLY A 58 -0.54 -4.34 9.52
N LEU A 59 -0.21 -3.97 8.30
CA LEU A 59 -1.22 -3.68 7.30
C LEU A 59 -1.15 -4.68 6.15
N ILE A 60 -1.56 -5.91 6.44
CA ILE A 60 -1.54 -6.96 5.44
C ILE A 60 -2.77 -6.87 4.53
N ILE A 61 -2.71 -5.95 3.58
CA ILE A 61 -3.77 -5.76 2.61
C ILE A 61 -3.19 -5.64 1.21
N ASN A 62 -3.43 -6.65 0.38
CA ASN A 62 -2.99 -6.64 -1.00
C ASN A 62 -3.43 -7.89 -1.74
N ALA A 63 -3.70 -8.96 -0.98
CA ALA A 63 -4.01 -10.26 -1.57
C ALA A 63 -5.14 -10.16 -2.58
N ALA A 64 -6.27 -9.58 -2.17
CA ALA A 64 -7.40 -9.41 -3.08
C ALA A 64 -8.07 -8.06 -2.87
N ASN A 65 -7.49 -7.24 -2.03
CA ASN A 65 -8.10 -5.95 -1.65
C ASN A 65 -7.45 -4.80 -2.39
N CYS A 66 -6.75 -5.13 -3.48
CA CYS A 66 -6.08 -4.13 -4.28
C CYS A 66 -6.56 -4.20 -5.73
N VAL A 67 -6.39 -3.10 -6.46
CA VAL A 67 -6.73 -3.06 -7.88
C VAL A 67 -5.84 -4.03 -8.66
N ALA A 68 -4.54 -3.86 -8.53
CA ALA A 68 -3.57 -4.72 -9.18
C ALA A 68 -2.25 -4.64 -8.45
N SER A 1 12.86 6.65 -10.90
CA SER A 1 13.51 6.10 -9.69
C SER A 1 12.52 6.02 -8.54
N ALA A 2 12.15 7.17 -7.98
CA ALA A 2 11.26 7.22 -6.84
C ALA A 2 10.14 8.22 -7.07
N THR A 3 8.91 7.74 -7.02
CA THR A 3 7.76 8.59 -7.21
C THR A 3 7.39 9.30 -5.91
N THR A 4 7.01 10.57 -6.02
CA THR A 4 6.57 11.35 -4.88
C THR A 4 5.13 11.01 -4.53
N ILE A 5 4.94 10.39 -3.38
CA ILE A 5 3.63 9.85 -2.99
C ILE A 5 2.74 10.92 -2.37
N GLY A 6 1.52 11.00 -2.90
CA GLY A 6 0.47 11.80 -2.29
C GLY A 6 -0.78 10.98 -2.12
N PRO A 7 -1.53 11.15 -1.04
CA PRO A 7 -2.73 10.34 -0.74
C PRO A 7 -3.79 10.38 -1.83
N ASN A 8 -3.74 11.41 -2.68
CA ASN A 8 -4.73 11.57 -3.75
C ASN A 8 -4.37 10.73 -4.97
N THR A 9 -3.52 9.73 -4.78
CA THR A 9 -3.15 8.82 -5.84
C THR A 9 -4.33 7.93 -6.20
N CYS A 10 -4.99 7.42 -5.17
CA CYS A 10 -6.18 6.60 -5.33
C CYS A 10 -7.38 7.33 -4.76
N SER A 11 -8.47 7.38 -5.52
CA SER A 11 -9.64 8.17 -5.11
C SER A 11 -10.93 7.54 -5.63
N ILE A 12 -10.87 6.26 -5.99
CA ILE A 12 -12.06 5.53 -6.37
C ILE A 12 -12.80 5.12 -5.10
N ASP A 13 -12.17 4.22 -4.38
CA ASP A 13 -12.62 3.84 -3.05
C ASP A 13 -11.77 4.58 -2.03
N ASP A 14 -11.85 4.18 -0.78
CA ASP A 14 -10.92 4.68 0.24
C ASP A 14 -9.60 3.94 0.11
N TYR A 15 -9.12 3.85 -1.12
CA TYR A 15 -7.88 3.15 -1.42
C TYR A 15 -6.70 4.03 -1.08
N LYS A 16 -5.81 3.51 -0.24
CA LYS A 16 -4.63 4.25 0.15
C LYS A 16 -3.44 3.75 -0.63
N PRO A 17 -2.48 4.64 -0.93
CA PRO A 17 -1.24 4.27 -1.61
C PRO A 17 -0.39 3.37 -0.72
N TYR A 18 -0.08 2.19 -1.21
CA TYR A 18 0.63 1.21 -0.42
C TYR A 18 1.89 0.74 -1.11
N CYS A 19 3.01 0.88 -0.42
CA CYS A 19 4.29 0.43 -0.95
C CYS A 19 4.52 -1.04 -0.60
N CYS A 20 4.00 -1.90 -1.46
CA CYS A 20 4.18 -3.33 -1.28
C CYS A 20 5.59 -3.71 -1.70
N GLN A 21 6.47 -3.86 -0.72
CA GLN A 21 7.87 -4.13 -0.97
C GLN A 21 8.04 -5.52 -1.58
N SER A 22 9.05 -5.66 -2.42
CA SER A 22 9.31 -6.91 -3.12
C SER A 22 9.86 -7.97 -2.17
N MET A 23 8.95 -8.67 -1.48
CA MET A 23 9.34 -9.76 -0.62
C MET A 23 9.59 -11.02 -1.45
N SER A 24 8.91 -11.09 -2.59
CA SER A 24 9.11 -12.16 -3.57
C SER A 24 9.01 -13.56 -2.94
N GLY A 25 7.81 -13.94 -2.52
CA GLY A 25 7.62 -15.25 -1.94
C GLY A 25 6.43 -15.29 -1.00
N SER A 26 6.43 -14.38 -0.04
CA SER A 26 5.32 -14.26 0.89
C SER A 26 4.04 -13.92 0.12
N ALA A 27 2.97 -14.65 0.43
CA ALA A 27 1.71 -14.46 -0.27
C ALA A 27 0.97 -13.25 0.29
N SER A 28 1.28 -12.91 1.54
CA SER A 28 0.75 -11.72 2.17
C SER A 28 1.81 -10.62 2.11
N LEU A 29 1.46 -9.50 1.52
CA LEU A 29 2.42 -8.41 1.29
C LEU A 29 2.38 -7.40 2.42
N GLY A 30 3.57 -6.98 2.85
CA GLY A 30 3.68 -5.96 3.87
C GLY A 30 3.76 -4.57 3.27
N CYS A 31 2.65 -4.11 2.72
CA CYS A 31 2.57 -2.80 2.10
C CYS A 31 2.46 -1.69 3.14
N VAL A 32 3.53 -0.93 3.29
CA VAL A 32 3.51 0.22 4.19
C VAL A 32 2.79 1.39 3.53
N VAL A 33 2.04 2.14 4.32
CA VAL A 33 1.27 3.26 3.78
C VAL A 33 2.18 4.32 3.19
N GLY A 34 1.84 4.78 1.99
CA GLY A 34 2.56 5.87 1.37
C GLY A 34 2.18 7.19 1.97
N VAL A 35 3.06 7.75 2.78
CA VAL A 35 2.78 9.01 3.45
C VAL A 35 2.96 10.18 2.50
N ILE A 36 2.31 11.29 2.82
CA ILE A 36 2.39 12.49 2.01
C ILE A 36 3.82 13.03 2.03
N GLY A 37 4.48 13.00 0.88
CA GLY A 37 5.85 13.46 0.80
C GLY A 37 6.84 12.32 0.90
N SER A 38 6.35 11.09 0.84
CA SER A 38 7.21 9.92 0.84
C SER A 38 7.49 9.45 -0.58
N GLN A 39 8.38 8.50 -0.73
CA GLN A 39 8.72 7.97 -2.05
C GLN A 39 8.60 6.45 -2.05
N CYS A 40 8.54 5.86 -3.23
CA CYS A 40 8.40 4.42 -3.36
C CYS A 40 9.32 3.87 -4.44
N GLY A 41 9.80 2.66 -4.23
CA GLY A 41 10.65 2.01 -5.21
C GLY A 41 10.27 0.55 -5.40
N ALA A 42 9.03 0.23 -5.09
CA ALA A 42 8.54 -1.14 -5.21
C ALA A 42 7.14 -1.12 -5.83
N SER A 43 6.33 -2.13 -5.49
CA SER A 43 4.98 -2.23 -5.99
C SER A 43 4.05 -1.26 -5.26
N VAL A 44 3.94 -0.05 -5.78
CA VAL A 44 3.03 0.93 -5.21
C VAL A 44 1.60 0.65 -5.68
N LYS A 45 0.79 0.17 -4.77
CA LYS A 45 -0.58 -0.21 -5.08
C LYS A 45 -1.57 0.65 -4.30
N CYS A 46 -2.85 0.34 -4.43
CA CYS A 46 -3.90 1.07 -3.73
C CYS A 46 -4.88 0.08 -3.12
N CYS A 47 -4.77 -0.13 -1.82
CA CYS A 47 -5.56 -1.16 -1.15
C CYS A 47 -6.40 -0.55 -0.04
N LYS A 48 -7.34 -1.33 0.47
CA LYS A 48 -8.10 -0.96 1.65
C LYS A 48 -7.36 -1.39 2.90
N ASP A 49 -7.46 -0.61 3.97
CA ASP A 49 -6.88 -1.00 5.25
C ASP A 49 -7.94 -1.66 6.11
N ASP A 50 -9.19 -1.38 5.80
CA ASP A 50 -10.33 -1.97 6.50
C ASP A 50 -10.56 -3.40 6.01
N VAL A 51 -9.63 -4.28 6.34
CA VAL A 51 -9.73 -5.70 6.04
C VAL A 51 -8.93 -6.48 7.07
N THR A 52 -7.64 -6.16 7.16
CA THR A 52 -6.80 -6.70 8.20
C THR A 52 -6.80 -5.75 9.40
N ASN A 53 -7.00 -4.47 9.10
CA ASN A 53 -7.07 -3.42 10.11
C ASN A 53 -5.78 -3.33 10.93
N THR A 54 -4.67 -3.58 10.26
CA THR A 54 -3.36 -3.49 10.89
C THR A 54 -2.90 -2.04 10.95
N GLY A 55 -3.65 -1.22 11.68
CA GLY A 55 -3.36 0.21 11.75
C GLY A 55 -2.17 0.51 12.65
N ASN A 56 -1.00 0.09 12.21
CA ASN A 56 0.24 0.39 12.94
C ASN A 56 1.33 0.75 11.95
N SER A 57 2.56 0.33 12.22
CA SER A 57 3.69 0.68 11.38
C SER A 57 3.74 -0.18 10.11
N GLY A 58 3.34 -1.44 10.24
CA GLY A 58 3.42 -2.36 9.12
C GLY A 58 2.09 -2.97 8.78
N LEU A 59 1.43 -2.42 7.77
CA LEU A 59 0.13 -2.92 7.35
C LEU A 59 0.29 -4.07 6.36
N ILE A 60 -0.17 -5.24 6.76
CA ILE A 60 -0.15 -6.39 5.88
C ILE A 60 -1.54 -6.60 5.27
N ILE A 61 -1.61 -6.58 3.95
CA ILE A 61 -2.90 -6.63 3.27
C ILE A 61 -2.95 -7.78 2.27
N ASN A 62 -4.18 -8.11 1.85
CA ASN A 62 -4.39 -9.15 0.85
C ASN A 62 -4.25 -8.55 -0.54
N ALA A 63 -3.73 -9.36 -1.46
CA ALA A 63 -3.38 -8.88 -2.79
C ALA A 63 -4.59 -8.35 -3.56
N ALA A 64 -5.68 -9.10 -3.54
CA ALA A 64 -6.85 -8.77 -4.35
C ALA A 64 -7.76 -7.74 -3.68
N ASN A 65 -7.27 -7.06 -2.65
CA ASN A 65 -8.03 -5.97 -2.04
C ASN A 65 -7.54 -4.63 -2.56
N CYS A 66 -6.80 -4.70 -3.66
CA CYS A 66 -6.30 -3.52 -4.34
C CYS A 66 -7.06 -3.34 -5.65
N VAL A 67 -6.82 -2.24 -6.34
CA VAL A 67 -7.38 -2.04 -7.67
C VAL A 67 -6.87 -3.13 -8.61
N ALA A 68 -5.59 -3.46 -8.45
CA ALA A 68 -4.97 -4.54 -9.18
C ALA A 68 -4.11 -5.36 -8.22
N SER A 1 13.70 3.07 -9.58
CA SER A 1 12.26 3.41 -9.39
C SER A 1 12.05 4.15 -8.08
N ALA A 2 11.57 5.37 -8.16
CA ALA A 2 11.29 6.17 -6.97
C ALA A 2 10.02 6.97 -7.17
N THR A 3 8.88 6.30 -7.00
CA THR A 3 7.59 6.93 -7.18
C THR A 3 7.28 7.91 -6.06
N THR A 4 6.87 9.11 -6.43
CA THR A 4 6.48 10.13 -5.46
C THR A 4 5.09 9.84 -4.92
N ILE A 5 4.96 9.69 -3.61
CA ILE A 5 3.71 9.32 -3.01
C ILE A 5 2.90 10.53 -2.57
N GLY A 6 1.66 10.57 -3.05
CA GLY A 6 0.69 11.54 -2.57
C GLY A 6 -0.65 10.85 -2.34
N PRO A 7 -1.31 11.09 -1.19
CA PRO A 7 -2.60 10.47 -0.85
C PRO A 7 -3.66 10.60 -1.95
N ASN A 8 -3.48 11.57 -2.83
CA ASN A 8 -4.44 11.83 -3.90
C ASN A 8 -4.23 10.89 -5.08
N THR A 9 -3.45 9.84 -4.88
CA THR A 9 -3.29 8.80 -5.89
C THR A 9 -4.54 7.95 -5.95
N CYS A 10 -4.67 7.07 -4.97
CA CYS A 10 -5.88 6.29 -4.81
C CYS A 10 -6.84 7.02 -3.89
N SER A 11 -8.07 7.22 -4.34
CA SER A 11 -9.07 7.94 -3.57
C SER A 11 -10.45 7.67 -4.16
N ILE A 12 -10.59 6.51 -4.81
CA ILE A 12 -11.86 6.11 -5.37
C ILE A 12 -12.74 5.58 -4.25
N ASP A 13 -12.29 4.49 -3.67
CA ASP A 13 -12.87 3.98 -2.44
C ASP A 13 -11.99 4.41 -1.29
N ASP A 14 -11.96 3.64 -0.21
CA ASP A 14 -11.03 3.89 0.88
C ASP A 14 -9.65 3.36 0.52
N TYR A 15 -9.30 3.46 -0.76
CA TYR A 15 -8.02 3.01 -1.26
C TYR A 15 -6.98 4.10 -1.04
N LYS A 16 -5.81 3.70 -0.59
CA LYS A 16 -4.71 4.62 -0.36
C LYS A 16 -3.44 4.10 -1.01
N PRO A 17 -2.45 4.98 -1.23
CA PRO A 17 -1.15 4.57 -1.78
C PRO A 17 -0.38 3.71 -0.78
N TYR A 18 -0.32 2.43 -1.05
CA TYR A 18 0.39 1.50 -0.19
C TYR A 18 1.63 0.95 -0.89
N CYS A 19 2.78 1.15 -0.29
CA CYS A 19 4.03 0.66 -0.84
C CYS A 19 4.20 -0.81 -0.48
N CYS A 20 3.43 -1.63 -1.15
CA CYS A 20 3.42 -3.07 -0.91
C CYS A 20 4.70 -3.71 -1.42
N GLN A 21 5.56 -4.11 -0.49
CA GLN A 21 6.79 -4.79 -0.85
C GLN A 21 6.47 -6.17 -1.40
N SER A 22 6.43 -6.28 -2.72
CA SER A 22 6.10 -7.53 -3.38
C SER A 22 7.34 -8.12 -4.03
N MET A 23 7.69 -9.33 -3.64
CA MET A 23 8.85 -10.02 -4.19
C MET A 23 8.44 -11.41 -4.66
N SER A 24 9.43 -12.25 -4.93
CA SER A 24 9.16 -13.63 -5.29
C SER A 24 8.45 -14.36 -4.14
N GLY A 25 7.19 -14.70 -4.36
CA GLY A 25 6.40 -15.34 -3.32
C GLY A 25 5.49 -14.35 -2.63
N SER A 26 5.93 -13.91 -1.46
CA SER A 26 5.20 -12.92 -0.66
C SER A 26 3.77 -13.38 -0.33
N ALA A 27 3.64 -14.17 0.73
CA ALA A 27 2.33 -14.53 1.24
C ALA A 27 1.81 -13.41 2.13
N SER A 28 2.75 -12.64 2.65
CA SER A 28 2.42 -11.46 3.43
C SER A 28 2.87 -10.21 2.67
N LEU A 29 1.92 -9.50 2.10
CA LEU A 29 2.22 -8.32 1.31
C LEU A 29 2.46 -7.13 2.24
N GLY A 30 3.72 -6.69 2.31
CA GLY A 30 4.08 -5.58 3.18
C GLY A 30 3.64 -4.23 2.64
N CYS A 31 2.35 -3.95 2.77
CA CYS A 31 1.78 -2.69 2.33
C CYS A 31 1.95 -1.61 3.41
N VAL A 32 3.02 -0.85 3.31
CA VAL A 32 3.22 0.30 4.19
C VAL A 32 2.59 1.53 3.56
N VAL A 33 1.93 2.34 4.38
CA VAL A 33 1.24 3.53 3.87
C VAL A 33 2.23 4.56 3.33
N GLY A 34 1.91 5.09 2.16
CA GLY A 34 2.72 6.13 1.58
C GLY A 34 2.35 7.50 2.11
N VAL A 35 3.28 8.12 2.82
CA VAL A 35 3.04 9.44 3.37
C VAL A 35 3.27 10.50 2.29
N ILE A 36 2.62 11.64 2.46
CA ILE A 36 2.70 12.74 1.49
C ILE A 36 4.14 13.22 1.36
N GLY A 37 4.70 13.08 0.16
CA GLY A 37 6.03 13.57 -0.09
C GLY A 37 7.09 12.49 0.08
N SER A 38 6.65 11.29 0.45
CA SER A 38 7.56 10.17 0.62
C SER A 38 7.79 9.47 -0.71
N GLN A 39 8.82 8.65 -0.77
CA GLN A 39 9.14 7.92 -2.00
C GLN A 39 8.82 6.45 -1.82
N CYS A 40 8.26 5.85 -2.86
CA CYS A 40 7.93 4.44 -2.83
C CYS A 40 9.09 3.60 -3.32
N GLY A 41 9.74 2.91 -2.39
CA GLY A 41 10.79 1.99 -2.74
C GLY A 41 10.25 0.71 -3.33
N ALA A 42 8.97 0.46 -3.11
CA ALA A 42 8.31 -0.72 -3.66
C ALA A 42 7.25 -0.29 -4.66
N SER A 43 6.35 -1.20 -5.00
CA SER A 43 5.28 -0.90 -5.93
C SER A 43 4.10 -0.29 -5.20
N VAL A 44 3.62 0.86 -5.71
CA VAL A 44 2.49 1.54 -5.10
C VAL A 44 1.20 0.85 -5.50
N LYS A 45 0.49 0.32 -4.51
CA LYS A 45 -0.76 -0.37 -4.76
C LYS A 45 -1.92 0.43 -4.20
N CYS A 46 -3.06 0.37 -4.89
CA CYS A 46 -4.25 1.06 -4.46
C CYS A 46 -5.12 0.12 -3.65
N CYS A 47 -4.75 -0.07 -2.40
CA CYS A 47 -5.44 -1.00 -1.53
C CYS A 47 -6.24 -0.25 -0.47
N LYS A 48 -7.24 -0.92 0.10
CA LYS A 48 -8.06 -0.32 1.13
C LYS A 48 -7.42 -0.53 2.50
N ASP A 49 -8.20 -0.30 3.55
CA ASP A 49 -7.71 -0.50 4.92
C ASP A 49 -7.46 -1.98 5.18
N ASP A 50 -8.54 -2.76 5.12
CA ASP A 50 -8.48 -4.21 5.31
C ASP A 50 -7.86 -4.54 6.66
N VAL A 51 -8.30 -3.84 7.68
CA VAL A 51 -7.74 -4.00 9.02
C VAL A 51 -8.38 -5.17 9.76
N THR A 52 -7.62 -6.23 9.92
CA THR A 52 -8.04 -7.35 10.76
C THR A 52 -7.73 -7.01 12.21
N ASN A 53 -6.45 -6.80 12.47
CA ASN A 53 -5.99 -6.33 13.77
C ASN A 53 -5.22 -5.04 13.59
N THR A 54 -5.00 -4.31 14.67
CA THR A 54 -4.28 -3.05 14.60
C THR A 54 -2.82 -3.24 14.23
N GLY A 55 -2.53 -3.14 12.94
CA GLY A 55 -1.17 -3.30 12.46
C GLY A 55 -0.95 -2.49 11.19
N ASN A 56 -1.02 -1.18 11.31
CA ASN A 56 -0.93 -0.29 10.16
C ASN A 56 0.53 -0.12 9.71
N SER A 57 1.46 -0.44 10.62
CA SER A 57 2.88 -0.38 10.31
C SER A 57 3.30 -1.63 9.53
N GLY A 58 2.71 -1.79 8.35
CA GLY A 58 2.94 -2.98 7.56
C GLY A 58 1.68 -3.80 7.45
N LEU A 59 0.66 -3.23 6.81
CA LEU A 59 -0.64 -3.88 6.70
C LEU A 59 -0.60 -5.00 5.67
N ILE A 60 -1.12 -6.17 6.05
CA ILE A 60 -1.13 -7.31 5.16
C ILE A 60 -2.32 -7.23 4.21
N ILE A 61 -2.18 -6.42 3.18
CA ILE A 61 -3.21 -6.28 2.16
C ILE A 61 -2.71 -6.87 0.84
N ASN A 62 -3.25 -6.37 -0.28
CA ASN A 62 -2.88 -6.83 -1.62
C ASN A 62 -2.98 -8.35 -1.75
N ALA A 63 -3.82 -8.96 -0.94
CA ALA A 63 -4.01 -10.40 -1.00
C ALA A 63 -5.38 -10.71 -1.58
N ALA A 64 -6.18 -9.67 -1.80
CA ALA A 64 -7.52 -9.83 -2.31
C ALA A 64 -8.08 -8.50 -2.82
N ASN A 65 -8.09 -7.49 -1.96
CA ASN A 65 -8.79 -6.24 -2.26
C ASN A 65 -7.85 -5.16 -2.80
N CYS A 66 -6.95 -5.53 -3.70
CA CYS A 66 -6.12 -4.54 -4.38
C CYS A 66 -6.52 -4.46 -5.84
N VAL A 67 -6.93 -3.28 -6.27
CA VAL A 67 -7.43 -3.09 -7.63
C VAL A 67 -6.32 -2.70 -8.59
N ALA A 68 -5.28 -2.07 -8.06
CA ALA A 68 -4.17 -1.60 -8.89
C ALA A 68 -2.95 -1.37 -8.02
N SER A 1 13.25 4.59 -10.86
CA SER A 1 13.45 5.89 -10.19
C SER A 1 12.75 5.91 -8.84
N ALA A 2 13.07 6.88 -8.01
CA ALA A 2 12.42 7.05 -6.72
C ALA A 2 11.06 7.73 -6.91
N THR A 3 10.03 6.90 -7.10
CA THR A 3 8.68 7.39 -7.35
C THR A 3 8.13 8.15 -6.15
N THR A 4 7.84 9.43 -6.35
CA THR A 4 7.28 10.26 -5.30
C THR A 4 5.77 10.01 -5.17
N ILE A 5 5.34 9.74 -3.94
CA ILE A 5 3.95 9.41 -3.67
C ILE A 5 3.13 10.64 -3.31
N GLY A 6 1.96 10.75 -3.93
CA GLY A 6 0.98 11.73 -3.51
C GLY A 6 -0.26 11.04 -2.95
N PRO A 7 -0.74 11.44 -1.77
CA PRO A 7 -1.85 10.79 -1.06
C PRO A 7 -3.11 10.62 -1.91
N ASN A 8 -3.41 11.60 -2.76
CA ASN A 8 -4.66 11.58 -3.53
C ASN A 8 -4.49 10.81 -4.84
N THR A 9 -3.71 9.74 -4.80
CA THR A 9 -3.58 8.86 -5.94
C THR A 9 -4.76 7.90 -5.97
N CYS A 10 -4.98 7.27 -4.83
CA CYS A 10 -6.12 6.40 -4.64
C CYS A 10 -6.71 6.65 -3.26
N SER A 11 -7.95 7.14 -3.24
CA SER A 11 -8.63 7.47 -1.98
C SER A 11 -10.13 7.54 -2.24
N ILE A 12 -10.56 6.90 -3.32
CA ILE A 12 -11.95 6.94 -3.73
C ILE A 12 -12.79 5.97 -2.90
N ASP A 13 -12.74 4.71 -3.29
CA ASP A 13 -13.49 3.66 -2.60
C ASP A 13 -12.74 3.22 -1.34
N ASP A 14 -12.53 4.17 -0.43
CA ASP A 14 -11.74 3.97 0.79
C ASP A 14 -10.41 3.32 0.46
N TYR A 15 -9.75 3.84 -0.57
CA TYR A 15 -8.48 3.30 -1.01
C TYR A 15 -7.34 4.13 -0.45
N LYS A 16 -6.19 3.50 -0.28
CA LYS A 16 -4.99 4.18 0.12
C LYS A 16 -3.84 3.76 -0.76
N PRO A 17 -2.94 4.68 -1.11
CA PRO A 17 -1.72 4.34 -1.84
C PRO A 17 -0.75 3.57 -0.95
N TYR A 18 -0.68 2.28 -1.15
CA TYR A 18 0.09 1.42 -0.27
C TYR A 18 1.40 0.99 -0.91
N CYS A 19 2.48 1.24 -0.21
CA CYS A 19 3.79 0.77 -0.66
C CYS A 19 4.07 -0.61 -0.09
N CYS A 20 3.73 -1.62 -0.86
CA CYS A 20 3.91 -3.00 -0.44
C CYS A 20 5.32 -3.49 -0.72
N GLN A 21 5.98 -4.00 0.30
CA GLN A 21 7.32 -4.56 0.16
C GLN A 21 7.33 -5.68 -0.87
N SER A 22 7.90 -5.41 -2.03
CA SER A 22 7.92 -6.35 -3.14
C SER A 22 8.94 -7.45 -2.91
N MET A 23 8.45 -8.67 -2.70
CA MET A 23 9.31 -9.83 -2.62
C MET A 23 9.22 -10.62 -3.92
N SER A 24 8.52 -10.05 -4.89
CA SER A 24 8.30 -10.67 -6.20
C SER A 24 7.62 -12.03 -6.03
N GLY A 25 6.32 -11.99 -5.74
CA GLY A 25 5.58 -13.21 -5.52
C GLY A 25 4.84 -13.19 -4.20
N SER A 26 4.79 -12.03 -3.58
CA SER A 26 4.11 -11.87 -2.31
C SER A 26 2.60 -11.83 -2.51
N ALA A 27 1.88 -12.71 -1.81
CA ALA A 27 0.43 -12.71 -1.85
C ALA A 27 -0.09 -11.77 -0.79
N SER A 28 0.42 -11.93 0.42
CA SER A 28 0.17 -11.01 1.51
C SER A 28 1.33 -10.04 1.62
N LEU A 29 1.15 -8.85 1.09
CA LEU A 29 2.25 -7.90 0.97
C LEU A 29 2.25 -6.92 2.14
N GLY A 30 3.44 -6.55 2.59
CA GLY A 30 3.57 -5.57 3.64
C GLY A 30 3.52 -4.16 3.09
N CYS A 31 2.32 -3.60 3.04
CA CYS A 31 2.10 -2.29 2.46
C CYS A 31 2.09 -1.21 3.53
N VAL A 32 2.90 -0.19 3.35
CA VAL A 32 2.89 0.98 4.21
C VAL A 32 2.21 2.14 3.48
N VAL A 33 1.47 2.96 4.20
CA VAL A 33 0.78 4.09 3.59
C VAL A 33 1.77 5.06 2.93
N GLY A 34 1.49 5.40 1.68
CA GLY A 34 2.31 6.37 0.99
C GLY A 34 2.10 7.76 1.55
N VAL A 35 3.12 8.28 2.22
CA VAL A 35 3.07 9.61 2.79
C VAL A 35 3.32 10.65 1.72
N ILE A 36 2.91 11.88 1.99
CA ILE A 36 3.01 12.95 1.02
C ILE A 36 4.47 13.31 0.73
N GLY A 37 4.88 13.11 -0.52
CA GLY A 37 6.22 13.47 -0.92
C GLY A 37 7.24 12.44 -0.51
N SER A 38 6.79 11.21 -0.31
CA SER A 38 7.69 10.12 0.04
C SER A 38 8.10 9.35 -1.20
N GLN A 39 9.41 9.19 -1.40
CA GLN A 39 9.94 8.44 -2.53
C GLN A 39 9.90 6.96 -2.22
N CYS A 40 9.14 6.21 -3.00
CA CYS A 40 8.96 4.79 -2.75
C CYS A 40 9.47 3.95 -3.92
N GLY A 41 10.08 2.82 -3.60
CA GLY A 41 10.57 1.93 -4.62
C GLY A 41 9.96 0.55 -4.53
N ALA A 42 8.94 0.41 -3.68
CA ALA A 42 8.23 -0.85 -3.54
C ALA A 42 6.99 -0.84 -4.42
N SER A 43 6.10 -1.80 -4.23
CA SER A 43 4.90 -1.88 -5.04
C SER A 43 3.83 -0.92 -4.53
N VAL A 44 3.66 0.20 -5.21
CA VAL A 44 2.62 1.16 -4.84
C VAL A 44 1.29 0.71 -5.43
N LYS A 45 0.47 0.11 -4.59
CA LYS A 45 -0.80 -0.44 -5.04
C LYS A 45 -1.96 0.31 -4.41
N CYS A 46 -3.13 0.16 -5.01
CA CYS A 46 -4.33 0.79 -4.49
C CYS A 46 -5.19 -0.23 -3.76
N CYS A 47 -4.98 -0.33 -2.45
CA CYS A 47 -5.72 -1.27 -1.64
C CYS A 47 -6.70 -0.53 -0.74
N LYS A 48 -7.84 -1.13 -0.49
CA LYS A 48 -8.86 -0.49 0.33
C LYS A 48 -8.57 -0.68 1.80
N ASP A 49 -9.10 0.22 2.61
CA ASP A 49 -8.94 0.16 4.06
C ASP A 49 -9.90 -0.87 4.65
N ASP A 50 -9.63 -2.13 4.37
CA ASP A 50 -10.48 -3.22 4.85
C ASP A 50 -10.17 -3.55 6.30
N VAL A 51 -9.22 -2.83 6.87
CA VAL A 51 -8.85 -2.99 8.27
C VAL A 51 -9.25 -1.74 9.05
N THR A 52 -9.02 -1.75 10.35
CA THR A 52 -9.37 -0.61 11.20
C THR A 52 -8.28 0.45 11.21
N ASN A 53 -7.73 0.73 10.02
CA ASN A 53 -6.68 1.75 9.85
C ASN A 53 -5.54 1.56 10.84
N THR A 54 -5.17 0.31 11.08
CA THR A 54 -4.14 0.00 12.06
C THR A 54 -2.81 -0.32 11.39
N GLY A 55 -2.22 0.67 10.74
CA GLY A 55 -0.93 0.48 10.09
C GLY A 55 0.21 0.82 11.03
N ASN A 56 0.56 -0.12 11.90
CA ASN A 56 1.61 0.10 12.89
C ASN A 56 2.99 -0.05 12.25
N SER A 57 3.47 -1.28 12.13
CA SER A 57 4.73 -1.56 11.45
C SER A 57 4.51 -1.62 9.94
N GLY A 58 3.26 -1.43 9.56
CA GLY A 58 2.86 -1.54 8.18
C GLY A 58 1.50 -2.20 8.11
N LEU A 59 1.10 -2.63 6.93
CA LEU A 59 -0.15 -3.34 6.79
C LEU A 59 -0.01 -4.49 5.81
N ILE A 60 -0.01 -5.70 6.33
CA ILE A 60 0.05 -6.88 5.49
C ILE A 60 -1.33 -7.18 4.92
N ILE A 61 -1.52 -6.78 3.68
CA ILE A 61 -2.79 -6.96 3.01
C ILE A 61 -2.62 -7.96 1.87
N ASN A 62 -3.67 -8.71 1.57
CA ASN A 62 -3.64 -9.66 0.48
C ASN A 62 -3.85 -8.92 -0.83
N ALA A 63 -3.06 -9.28 -1.84
CA ALA A 63 -3.06 -8.59 -3.14
C ALA A 63 -4.44 -8.60 -3.79
N ALA A 64 -5.29 -9.53 -3.37
CA ALA A 64 -6.65 -9.65 -3.91
C ALA A 64 -7.50 -8.42 -3.57
N ASN A 65 -7.08 -7.63 -2.58
CA ASN A 65 -7.83 -6.44 -2.19
C ASN A 65 -7.29 -5.21 -2.90
N CYS A 66 -6.25 -5.42 -3.70
CA CYS A 66 -5.64 -4.34 -4.46
C CYS A 66 -6.13 -4.37 -5.90
N VAL A 67 -7.03 -3.46 -6.23
CA VAL A 67 -7.66 -3.45 -7.55
C VAL A 67 -6.70 -2.90 -8.61
N ALA A 68 -5.80 -2.03 -8.19
CA ALA A 68 -4.83 -1.42 -9.07
C ALA A 68 -3.48 -1.37 -8.39
N SER A 1 13.54 5.14 -10.34
CA SER A 1 12.92 3.83 -10.02
C SER A 1 12.15 3.88 -8.70
N ALA A 2 12.05 5.07 -8.12
CA ALA A 2 11.32 5.25 -6.87
C ALA A 2 10.22 6.29 -7.06
N THR A 3 8.99 5.82 -7.13
CA THR A 3 7.84 6.69 -7.34
C THR A 3 7.53 7.52 -6.10
N THR A 4 7.39 8.82 -6.26
CA THR A 4 7.08 9.70 -5.15
C THR A 4 5.60 9.61 -4.81
N ILE A 5 5.30 9.42 -3.54
CA ILE A 5 3.94 9.20 -3.09
C ILE A 5 3.19 10.51 -2.86
N GLY A 6 2.12 10.67 -3.62
CA GLY A 6 1.19 11.75 -3.38
C GLY A 6 -0.14 11.18 -2.90
N PRO A 7 -0.58 11.53 -1.68
CA PRO A 7 -1.81 11.01 -1.06
C PRO A 7 -3.02 10.99 -2.00
N ASN A 8 -3.11 11.97 -2.89
CA ASN A 8 -4.26 12.06 -3.80
C ASN A 8 -4.08 11.16 -5.02
N THR A 9 -3.65 9.94 -4.79
CA THR A 9 -3.55 8.93 -5.84
C THR A 9 -4.82 8.10 -5.85
N CYS A 10 -5.24 7.69 -4.66
CA CYS A 10 -6.46 6.93 -4.47
C CYS A 10 -7.18 7.44 -3.23
N SER A 11 -8.49 7.57 -3.33
CA SER A 11 -9.33 8.06 -2.24
C SER A 11 -10.78 7.83 -2.62
N ILE A 12 -10.99 6.78 -3.39
CA ILE A 12 -12.28 6.48 -3.97
C ILE A 12 -13.04 5.48 -3.11
N ASP A 13 -12.89 4.21 -3.42
CA ASP A 13 -13.54 3.14 -2.68
C ASP A 13 -12.79 2.85 -1.39
N ASP A 14 -12.65 3.87 -0.54
CA ASP A 14 -11.84 3.79 0.68
C ASP A 14 -10.43 3.34 0.35
N TYR A 15 -10.05 3.52 -0.91
CA TYR A 15 -8.75 3.13 -1.40
C TYR A 15 -7.72 4.16 -1.00
N LYS A 16 -6.61 3.71 -0.47
CA LYS A 16 -5.54 4.61 -0.07
C LYS A 16 -4.26 4.21 -0.79
N PRO A 17 -3.34 5.16 -1.01
CA PRO A 17 -2.04 4.86 -1.60
C PRO A 17 -1.20 4.01 -0.66
N TYR A 18 -0.92 2.78 -1.07
CA TYR A 18 -0.19 1.86 -0.22
C TYR A 18 1.11 1.42 -0.89
N CYS A 19 2.20 1.54 -0.14
CA CYS A 19 3.50 1.16 -0.63
C CYS A 19 3.77 -0.30 -0.34
N CYS A 20 3.36 -1.17 -1.25
CA CYS A 20 3.57 -2.60 -1.12
C CYS A 20 5.03 -2.95 -1.35
N GLN A 21 5.75 -3.14 -0.26
CA GLN A 21 7.15 -3.54 -0.30
C GLN A 21 7.42 -4.58 0.77
N SER A 22 8.60 -5.18 0.73
CA SER A 22 8.98 -6.20 1.70
C SER A 22 7.96 -7.35 1.70
N MET A 23 7.97 -8.13 0.62
CA MET A 23 7.02 -9.22 0.47
C MET A 23 7.46 -10.43 1.28
N SER A 24 7.13 -10.41 2.57
CA SER A 24 7.48 -11.48 3.48
C SER A 24 6.83 -12.80 3.05
N GLY A 25 7.61 -13.64 2.39
CA GLY A 25 7.10 -14.91 1.93
C GLY A 25 6.39 -14.79 0.60
N SER A 26 6.62 -13.68 -0.09
CA SER A 26 6.09 -13.43 -1.44
C SER A 26 4.59 -13.14 -1.43
N ALA A 27 3.82 -13.86 -0.62
CA ALA A 27 2.38 -13.71 -0.59
C ALA A 27 1.96 -12.49 0.22
N SER A 28 2.52 -12.36 1.40
CA SER A 28 2.20 -11.23 2.27
C SER A 28 2.98 -9.99 1.87
N LEU A 29 2.26 -8.97 1.41
CA LEU A 29 2.89 -7.72 1.01
C LEU A 29 2.78 -6.69 2.13
N GLY A 30 3.92 -6.10 2.48
CA GLY A 30 3.92 -5.04 3.46
C GLY A 30 3.50 -3.72 2.87
N CYS A 31 2.23 -3.60 2.56
CA CYS A 31 1.68 -2.38 2.00
C CYS A 31 1.47 -1.34 3.09
N VAL A 32 2.47 -0.50 3.30
CA VAL A 32 2.38 0.58 4.27
C VAL A 32 1.70 1.79 3.66
N VAL A 33 1.24 2.71 4.49
CA VAL A 33 0.62 3.93 3.99
C VAL A 33 1.63 4.75 3.22
N GLY A 34 1.22 5.23 2.06
CA GLY A 34 2.08 6.03 1.22
C GLY A 34 2.67 7.22 1.96
N VAL A 35 3.99 7.31 1.95
CA VAL A 35 4.69 8.38 2.65
C VAL A 35 4.65 9.67 1.85
N ILE A 36 3.85 10.61 2.34
CA ILE A 36 3.66 11.90 1.68
C ILE A 36 4.99 12.62 1.48
N GLY A 37 5.38 12.78 0.22
CA GLY A 37 6.59 13.51 -0.09
C GLY A 37 7.79 12.59 -0.19
N SER A 38 7.58 11.31 0.07
CA SER A 38 8.66 10.33 0.01
C SER A 38 8.43 9.37 -1.14
N GLN A 39 9.41 8.53 -1.43
CA GLN A 39 9.34 7.61 -2.55
C GLN A 39 8.99 6.20 -2.09
N CYS A 40 8.36 5.45 -2.97
CA CYS A 40 8.04 4.06 -2.73
C CYS A 40 9.27 3.19 -3.01
N GLY A 41 9.32 2.02 -2.41
CA GLY A 41 10.46 1.15 -2.58
C GLY A 41 10.24 0.09 -3.64
N ALA A 42 9.11 -0.61 -3.54
CA ALA A 42 8.79 -1.69 -4.46
C ALA A 42 7.67 -1.29 -5.41
N SER A 43 6.43 -1.33 -4.91
CA SER A 43 5.29 -1.04 -5.77
C SER A 43 4.22 -0.25 -5.02
N VAL A 44 3.91 0.94 -5.50
CA VAL A 44 2.82 1.73 -4.94
C VAL A 44 1.50 1.29 -5.57
N LYS A 45 0.62 0.76 -4.75
CA LYS A 45 -0.65 0.23 -5.23
C LYS A 45 -1.82 0.84 -4.47
N CYS A 46 -3.01 0.67 -5.01
CA CYS A 46 -4.22 1.11 -4.34
C CYS A 46 -4.87 -0.06 -3.63
N CYS A 47 -4.83 -0.05 -2.30
CA CYS A 47 -5.31 -1.17 -1.52
C CYS A 47 -6.41 -0.73 -0.55
N LYS A 48 -7.15 -1.71 -0.05
CA LYS A 48 -8.22 -1.45 0.90
C LYS A 48 -7.90 -2.14 2.22
N ASP A 49 -7.69 -1.35 3.26
CA ASP A 49 -7.42 -1.88 4.58
C ASP A 49 -8.72 -2.27 5.27
N ASP A 50 -9.36 -3.32 4.76
CA ASP A 50 -10.60 -3.82 5.34
C ASP A 50 -10.35 -4.32 6.76
N VAL A 51 -9.14 -4.81 6.98
CA VAL A 51 -8.71 -5.25 8.30
C VAL A 51 -8.48 -4.03 9.19
N THR A 52 -9.16 -3.99 10.33
CA THR A 52 -9.05 -2.87 11.24
C THR A 52 -8.34 -3.29 12.53
N ASN A 53 -8.41 -4.57 12.84
CA ASN A 53 -7.82 -5.09 14.08
C ASN A 53 -6.30 -5.11 14.00
N THR A 54 -5.77 -5.44 12.83
CA THR A 54 -4.34 -5.45 12.63
C THR A 54 -3.90 -4.19 11.88
N GLY A 55 -2.87 -3.53 12.40
CA GLY A 55 -2.37 -2.32 11.76
C GLY A 55 -1.50 -1.52 12.69
N ASN A 56 -0.25 -1.92 12.82
CA ASN A 56 0.70 -1.25 13.70
C ASN A 56 1.49 -0.20 12.93
N SER A 57 2.71 -0.55 12.54
CA SER A 57 3.55 0.33 11.76
C SER A 57 3.13 0.27 10.30
N GLY A 58 3.28 -0.90 9.72
CA GLY A 58 2.80 -1.14 8.37
C GLY A 58 1.56 -1.99 8.39
N LEU A 59 1.18 -2.51 7.24
CA LEU A 59 -0.01 -3.34 7.15
C LEU A 59 0.22 -4.51 6.22
N ILE A 60 0.07 -5.72 6.75
CA ILE A 60 0.14 -6.92 5.93
C ILE A 60 -1.21 -7.14 5.25
N ILE A 61 -1.32 -6.68 4.02
CA ILE A 61 -2.58 -6.74 3.29
C ILE A 61 -2.54 -7.87 2.27
N ASN A 62 -3.71 -8.42 1.98
CA ASN A 62 -3.82 -9.47 0.97
C ASN A 62 -3.91 -8.83 -0.42
N ALA A 63 -3.10 -9.34 -1.33
CA ALA A 63 -2.91 -8.74 -2.65
C ALA A 63 -4.19 -8.68 -3.49
N ALA A 64 -5.16 -9.53 -3.16
CA ALA A 64 -6.38 -9.65 -3.95
C ALA A 64 -7.20 -8.37 -3.94
N ASN A 65 -7.18 -7.64 -2.82
CA ASN A 65 -7.97 -6.42 -2.71
C ASN A 65 -7.21 -5.21 -3.25
N CYS A 66 -6.00 -5.46 -3.73
CA CYS A 66 -5.19 -4.42 -4.34
C CYS A 66 -5.41 -4.37 -5.84
N VAL A 67 -5.71 -3.21 -6.36
CA VAL A 67 -5.90 -3.05 -7.80
C VAL A 67 -4.56 -2.75 -8.46
N ALA A 68 -4.47 -1.64 -9.17
CA ALA A 68 -3.22 -1.22 -9.78
C ALA A 68 -2.24 -0.79 -8.70
N SER A 1 13.97 4.82 -10.67
CA SER A 1 12.52 5.13 -10.79
C SER A 1 11.82 4.93 -9.45
N ALA A 2 11.53 6.04 -8.78
CA ALA A 2 10.83 5.99 -7.50
C ALA A 2 9.66 6.95 -7.52
N THR A 3 8.49 6.44 -7.18
CA THR A 3 7.26 7.21 -7.23
C THR A 3 7.06 8.02 -5.95
N THR A 4 6.98 9.34 -6.08
CA THR A 4 6.73 10.22 -4.95
C THR A 4 5.24 10.22 -4.60
N ILE A 5 4.93 9.62 -3.46
CA ILE A 5 3.55 9.36 -3.09
C ILE A 5 2.93 10.49 -2.28
N GLY A 6 1.72 10.86 -2.66
CA GLY A 6 0.90 11.76 -1.87
C GLY A 6 -0.43 11.12 -1.54
N PRO A 7 -1.18 11.65 -0.57
CA PRO A 7 -2.46 11.06 -0.15
C PRO A 7 -3.54 11.13 -1.21
N ASN A 8 -3.32 11.93 -2.24
CA ASN A 8 -4.32 12.15 -3.28
C ASN A 8 -4.06 11.25 -4.49
N THR A 9 -3.28 10.19 -4.29
CA THR A 9 -3.00 9.24 -5.35
C THR A 9 -4.19 8.31 -5.56
N CYS A 10 -4.56 7.60 -4.52
CA CYS A 10 -5.69 6.69 -4.56
C CYS A 10 -6.95 7.39 -4.06
N SER A 11 -7.93 7.51 -4.95
CA SER A 11 -9.17 8.22 -4.64
C SER A 11 -10.28 7.73 -5.56
N ILE A 12 -10.09 6.54 -6.12
CA ILE A 12 -11.08 5.96 -7.01
C ILE A 12 -12.20 5.36 -6.18
N ASP A 13 -11.83 4.38 -5.38
CA ASP A 13 -12.71 3.85 -4.37
C ASP A 13 -12.31 4.46 -3.04
N ASP A 14 -12.76 3.89 -1.94
CA ASP A 14 -12.31 4.32 -0.63
C ASP A 14 -10.94 3.68 -0.34
N TYR A 15 -10.06 3.78 -1.31
CA TYR A 15 -8.74 3.16 -1.23
C TYR A 15 -7.73 4.13 -0.64
N LYS A 16 -6.60 3.59 -0.21
CA LYS A 16 -5.50 4.40 0.27
C LYS A 16 -4.21 3.91 -0.37
N PRO A 17 -3.25 4.82 -0.62
CA PRO A 17 -1.97 4.46 -1.23
C PRO A 17 -1.11 3.59 -0.31
N TYR A 18 -0.75 2.42 -0.78
CA TYR A 18 0.08 1.51 0.00
C TYR A 18 1.37 1.17 -0.74
N CYS A 19 2.48 1.33 -0.05
CA CYS A 19 3.79 0.97 -0.59
C CYS A 19 4.10 -0.47 -0.23
N CYS A 20 3.61 -1.39 -1.03
CA CYS A 20 3.76 -2.81 -0.76
C CYS A 20 5.16 -3.28 -1.14
N GLN A 21 5.98 -3.54 -0.12
CA GLN A 21 7.35 -3.97 -0.32
C GLN A 21 7.41 -5.44 -0.75
N SER A 22 6.95 -5.69 -1.97
CA SER A 22 6.96 -7.03 -2.56
C SER A 22 6.27 -8.05 -1.64
N MET A 23 7.05 -8.83 -0.91
CA MET A 23 6.52 -9.87 -0.03
C MET A 23 7.46 -10.07 1.15
N SER A 24 6.91 -10.32 2.32
CA SER A 24 7.71 -10.54 3.51
C SER A 24 8.03 -12.03 3.68
N GLY A 25 7.80 -12.79 2.63
CA GLY A 25 7.99 -14.23 2.69
C GLY A 25 6.70 -14.97 2.41
N SER A 26 5.62 -14.45 2.97
CA SER A 26 4.30 -14.99 2.71
C SER A 26 3.70 -14.36 1.46
N ALA A 27 2.43 -14.64 1.18
CA ALA A 27 1.74 -14.05 0.03
C ALA A 27 1.29 -12.63 0.37
N SER A 28 1.23 -12.34 1.66
CA SER A 28 0.88 -11.01 2.13
C SER A 28 2.02 -10.04 1.89
N LEU A 29 1.71 -8.93 1.23
CA LEU A 29 2.71 -7.93 0.91
C LEU A 29 2.83 -6.92 2.03
N GLY A 30 4.03 -6.39 2.22
CA GLY A 30 4.25 -5.39 3.25
C GLY A 30 3.82 -4.02 2.79
N CYS A 31 2.52 -3.78 2.78
CA CYS A 31 1.97 -2.52 2.35
C CYS A 31 1.89 -1.52 3.50
N VAL A 32 2.86 -0.63 3.57
CA VAL A 32 2.80 0.48 4.50
C VAL A 32 2.10 1.65 3.83
N VAL A 33 1.45 2.50 4.63
CA VAL A 33 0.78 3.68 4.07
C VAL A 33 1.80 4.55 3.35
N GLY A 34 1.47 4.92 2.11
CA GLY A 34 2.34 5.76 1.31
C GLY A 34 2.83 6.95 2.08
N VAL A 35 4.14 7.13 2.11
CA VAL A 35 4.73 8.23 2.87
C VAL A 35 4.58 9.51 2.08
N ILE A 36 3.78 10.43 2.64
CA ILE A 36 3.42 11.65 1.95
C ILE A 36 4.64 12.50 1.62
N GLY A 37 4.95 12.58 0.33
CA GLY A 37 6.06 13.39 -0.11
C GLY A 37 7.34 12.59 -0.20
N SER A 38 7.23 11.28 -0.06
CA SER A 38 8.38 10.41 -0.13
C SER A 38 8.31 9.53 -1.38
N GLN A 39 9.48 9.15 -1.87
CA GLN A 39 9.57 8.26 -3.00
C GLN A 39 9.52 6.82 -2.53
N CYS A 40 8.46 6.11 -2.88
CA CYS A 40 8.32 4.71 -2.48
C CYS A 40 8.88 3.81 -3.56
N GLY A 41 9.84 2.97 -3.19
CA GLY A 41 10.48 2.10 -4.14
C GLY A 41 9.81 0.74 -4.22
N ALA A 42 8.48 0.75 -4.28
CA ALA A 42 7.71 -0.48 -4.36
C ALA A 42 6.52 -0.27 -5.28
N SER A 43 5.71 -1.29 -5.44
CA SER A 43 4.51 -1.19 -6.26
C SER A 43 3.47 -0.30 -5.57
N VAL A 44 3.01 0.72 -6.26
CA VAL A 44 2.03 1.63 -5.71
C VAL A 44 0.64 1.01 -5.81
N LYS A 45 0.20 0.41 -4.70
CA LYS A 45 -1.06 -0.32 -4.69
C LYS A 45 -2.14 0.47 -3.97
N CYS A 46 -3.25 0.70 -4.66
CA CYS A 46 -4.40 1.33 -4.05
C CYS A 46 -5.27 0.25 -3.42
N CYS A 47 -5.01 -0.05 -2.15
CA CYS A 47 -5.70 -1.12 -1.48
C CYS A 47 -6.62 -0.60 -0.39
N LYS A 48 -7.44 -1.49 0.13
CA LYS A 48 -8.33 -1.19 1.22
C LYS A 48 -7.86 -1.88 2.49
N ASP A 49 -7.98 -1.21 3.61
CA ASP A 49 -7.60 -1.80 4.90
C ASP A 49 -8.80 -2.55 5.49
N ASP A 50 -9.33 -3.48 4.71
CA ASP A 50 -10.50 -4.24 5.14
C ASP A 50 -10.25 -5.74 5.05
N VAL A 51 -9.28 -6.21 5.83
CA VAL A 51 -8.96 -7.62 5.87
C VAL A 51 -9.30 -8.20 7.24
N THR A 52 -10.05 -7.42 8.01
CA THR A 52 -10.43 -7.78 9.37
C THR A 52 -9.19 -7.93 10.25
N ASN A 53 -8.23 -7.02 10.07
CA ASN A 53 -7.01 -7.03 10.85
C ASN A 53 -6.30 -5.68 10.76
N THR A 54 -5.86 -5.16 11.90
CA THR A 54 -5.12 -3.91 11.93
C THR A 54 -3.62 -4.17 11.81
N GLY A 55 -3.21 -5.37 12.22
CA GLY A 55 -1.80 -5.70 12.21
C GLY A 55 -1.03 -4.91 13.24
N ASN A 56 0.24 -4.66 12.94
CA ASN A 56 1.08 -3.87 13.84
C ASN A 56 2.24 -3.27 13.07
N SER A 57 3.12 -4.13 12.59
CA SER A 57 4.27 -3.69 11.81
C SER A 57 3.88 -3.49 10.34
N GLY A 58 3.03 -2.50 10.11
CA GLY A 58 2.55 -2.22 8.76
C GLY A 58 1.24 -2.91 8.48
N LEU A 59 0.89 -3.02 7.21
CA LEU A 59 -0.34 -3.69 6.82
C LEU A 59 -0.05 -4.82 5.84
N ILE A 60 -0.22 -6.05 6.30
CA ILE A 60 0.07 -7.21 5.47
C ILE A 60 -1.15 -7.60 4.63
N ILE A 61 -1.36 -6.87 3.56
CA ILE A 61 -2.47 -7.14 2.66
C ILE A 61 -2.15 -8.35 1.80
N ASN A 62 -3.06 -9.31 1.73
CA ASN A 62 -2.84 -10.54 0.98
C ASN A 62 -3.14 -10.36 -0.51
N ALA A 63 -2.70 -9.22 -1.05
CA ALA A 63 -2.83 -8.89 -2.47
C ALA A 63 -4.27 -8.58 -2.90
N ALA A 64 -5.18 -9.50 -2.62
CA ALA A 64 -6.57 -9.39 -3.09
C ALA A 64 -7.39 -8.43 -2.24
N ASN A 65 -6.96 -7.19 -2.17
CA ASN A 65 -7.74 -6.14 -1.50
C ASN A 65 -7.47 -4.79 -2.14
N CYS A 66 -7.08 -4.84 -3.41
CA CYS A 66 -6.79 -3.63 -4.16
C CYS A 66 -7.42 -3.73 -5.55
N VAL A 67 -7.28 -2.68 -6.35
CA VAL A 67 -7.81 -2.68 -7.71
C VAL A 67 -7.05 -3.68 -8.58
N ALA A 68 -5.74 -3.48 -8.68
CA ALA A 68 -4.87 -4.35 -9.47
C ALA A 68 -3.42 -3.99 -9.20
N SER A 1 12.81 2.56 -10.35
CA SER A 1 12.50 4.00 -10.36
C SER A 1 11.99 4.42 -8.99
N ALA A 2 11.91 5.72 -8.76
CA ALA A 2 11.42 6.26 -7.50
C ALA A 2 10.08 6.94 -7.70
N THR A 3 9.05 6.40 -7.07
CA THR A 3 7.71 6.97 -7.16
C THR A 3 7.42 7.86 -5.97
N THR A 4 6.95 9.08 -6.25
CA THR A 4 6.59 10.02 -5.21
C THR A 4 5.14 9.82 -4.79
N ILE A 5 4.93 9.55 -3.50
CA ILE A 5 3.60 9.21 -3.00
C ILE A 5 2.85 10.42 -2.48
N GLY A 6 1.56 10.46 -2.76
CA GLY A 6 0.69 11.49 -2.23
C GLY A 6 -0.74 11.01 -2.15
N PRO A 7 -1.55 11.53 -1.23
CA PRO A 7 -2.96 11.11 -1.07
C PRO A 7 -3.85 11.64 -2.19
N ASN A 8 -3.40 11.50 -3.42
CA ASN A 8 -4.15 11.95 -4.57
C ASN A 8 -4.12 10.90 -5.68
N THR A 9 -3.44 9.79 -5.42
CA THR A 9 -3.38 8.70 -6.37
C THR A 9 -4.73 7.97 -6.42
N CYS A 10 -5.19 7.55 -5.26
CA CYS A 10 -6.49 6.90 -5.15
C CYS A 10 -7.38 7.71 -4.20
N SER A 11 -8.65 7.84 -4.55
CA SER A 11 -9.56 8.70 -3.81
C SER A 11 -11.00 8.33 -4.12
N ILE A 12 -11.20 7.17 -4.74
CA ILE A 12 -12.54 6.72 -5.09
C ILE A 12 -13.21 6.15 -3.85
N ASP A 13 -12.93 4.87 -3.58
CA ASP A 13 -13.38 4.24 -2.36
C ASP A 13 -12.40 4.57 -1.24
N ASP A 14 -12.31 3.69 -0.25
CA ASP A 14 -11.32 3.86 0.80
C ASP A 14 -9.99 3.27 0.35
N TYR A 15 -9.59 3.63 -0.86
CA TYR A 15 -8.33 3.21 -1.41
C TYR A 15 -7.30 4.29 -1.19
N LYS A 16 -6.36 4.01 -0.31
CA LYS A 16 -5.28 4.95 -0.02
C LYS A 16 -3.99 4.44 -0.62
N PRO A 17 -3.02 5.34 -0.88
CA PRO A 17 -1.72 4.93 -1.43
C PRO A 17 -0.97 4.01 -0.48
N TYR A 18 -0.72 2.80 -0.93
CA TYR A 18 -0.05 1.81 -0.12
C TYR A 18 1.21 1.32 -0.81
N CYS A 19 2.34 1.47 -0.13
CA CYS A 19 3.62 1.02 -0.65
C CYS A 19 3.85 -0.44 -0.27
N CYS A 20 3.61 -1.33 -1.21
CA CYS A 20 3.72 -2.76 -0.96
C CYS A 20 5.01 -3.30 -1.52
N GLN A 21 5.68 -4.13 -0.74
CA GLN A 21 6.96 -4.71 -1.14
C GLN A 21 6.81 -6.19 -1.45
N SER A 22 7.91 -6.91 -1.41
CA SER A 22 7.91 -8.34 -1.69
C SER A 22 7.07 -9.10 -0.67
N MET A 23 6.42 -10.16 -1.13
CA MET A 23 5.60 -11.01 -0.26
C MET A 23 6.50 -11.97 0.51
N SER A 24 6.04 -12.37 1.69
CA SER A 24 6.80 -13.26 2.55
C SER A 24 6.93 -14.65 1.93
N GLY A 25 5.93 -15.00 1.14
CA GLY A 25 5.91 -16.28 0.48
C GLY A 25 4.54 -16.58 -0.07
N SER A 26 3.55 -16.53 0.81
CA SER A 26 2.16 -16.68 0.42
C SER A 26 1.64 -15.40 -0.25
N ALA A 27 0.38 -15.41 -0.64
CA ALA A 27 -0.22 -14.26 -1.35
C ALA A 27 -0.61 -13.16 -0.36
N SER A 28 0.35 -12.74 0.46
CA SER A 28 0.14 -11.66 1.41
C SER A 28 1.37 -10.76 1.44
N LEU A 29 1.16 -9.46 1.32
CA LEU A 29 2.25 -8.53 1.21
C LEU A 29 2.10 -7.40 2.25
N GLY A 30 3.18 -6.68 2.47
CA GLY A 30 3.17 -5.62 3.48
C GLY A 30 3.12 -4.25 2.87
N CYS A 31 1.95 -3.85 2.40
CA CYS A 31 1.76 -2.52 1.87
C CYS A 31 1.53 -1.53 3.01
N VAL A 32 2.51 -0.68 3.26
CA VAL A 32 2.40 0.34 4.29
C VAL A 32 1.85 1.62 3.70
N VAL A 33 1.34 2.50 4.56
CA VAL A 33 0.75 3.76 4.11
C VAL A 33 1.80 4.61 3.41
N GLY A 34 1.46 5.09 2.24
CA GLY A 34 2.36 5.91 1.46
C GLY A 34 2.76 7.18 2.18
N VAL A 35 4.05 7.48 2.16
CA VAL A 35 4.55 8.68 2.80
C VAL A 35 4.30 9.89 1.92
N ILE A 36 3.50 10.80 2.42
CA ILE A 36 3.07 11.97 1.66
C ILE A 36 4.24 12.89 1.38
N GLY A 37 4.52 13.12 0.10
CA GLY A 37 5.61 13.98 -0.30
C GLY A 37 6.95 13.28 -0.24
N SER A 38 6.91 11.96 -0.20
CA SER A 38 8.14 11.17 -0.14
C SER A 38 8.16 10.12 -1.24
N GLN A 39 9.34 9.61 -1.56
CA GLN A 39 9.50 8.62 -2.60
C GLN A 39 9.57 7.22 -2.00
N CYS A 40 9.10 6.24 -2.76
CA CYS A 40 9.11 4.85 -2.33
C CYS A 40 9.92 4.00 -3.32
N GLY A 41 10.40 2.86 -2.86
CA GLY A 41 11.17 1.98 -3.72
C GLY A 41 10.44 0.66 -3.96
N ALA A 42 9.16 0.64 -3.65
CA ALA A 42 8.34 -0.54 -3.85
C ALA A 42 7.14 -0.22 -4.73
N SER A 43 6.13 -1.08 -4.68
CA SER A 43 4.95 -0.90 -5.50
C SER A 43 3.90 -0.06 -4.78
N VAL A 44 3.73 1.17 -5.23
CA VAL A 44 2.70 2.04 -4.69
C VAL A 44 1.37 1.76 -5.36
N LYS A 45 0.45 1.17 -4.61
CA LYS A 45 -0.85 0.79 -5.15
C LYS A 45 -1.97 1.27 -4.25
N CYS A 46 -3.19 0.96 -4.63
CA CYS A 46 -4.37 1.26 -3.83
C CYS A 46 -4.92 -0.02 -3.25
N CYS A 47 -4.70 -0.22 -1.96
CA CYS A 47 -5.07 -1.48 -1.32
C CYS A 47 -6.11 -1.25 -0.24
N LYS A 48 -6.97 -2.24 -0.02
CA LYS A 48 -7.95 -2.17 1.03
C LYS A 48 -7.40 -2.80 2.30
N ASP A 49 -7.26 -1.98 3.32
CA ASP A 49 -6.77 -2.42 4.63
C ASP A 49 -7.79 -3.31 5.32
N ASP A 50 -9.06 -2.99 5.13
CA ASP A 50 -10.15 -3.71 5.77
C ASP A 50 -10.41 -5.06 5.10
N VAL A 51 -9.44 -5.93 5.20
CA VAL A 51 -9.60 -7.33 4.84
C VAL A 51 -8.97 -8.17 5.95
N THR A 52 -7.80 -7.74 6.39
CA THR A 52 -7.18 -8.26 7.60
C THR A 52 -7.73 -7.50 8.80
N ASN A 53 -8.00 -6.21 8.58
CA ASN A 53 -8.57 -5.32 9.60
C ASN A 53 -7.58 -5.02 10.72
N THR A 54 -7.21 -6.05 11.47
CA THR A 54 -6.23 -5.91 12.53
C THR A 54 -4.82 -5.95 11.96
N GLY A 55 -3.99 -4.99 12.35
CA GLY A 55 -2.64 -4.92 11.84
C GLY A 55 -1.61 -5.36 12.85
N ASN A 56 -0.34 -5.27 12.48
CA ASN A 56 0.75 -5.64 13.37
C ASN A 56 1.96 -4.75 13.11
N SER A 57 3.08 -5.35 12.76
CA SER A 57 4.27 -4.58 12.39
C SER A 57 4.14 -4.09 10.95
N GLY A 58 3.06 -3.36 10.68
CA GLY A 58 2.77 -2.90 9.35
C GLY A 58 1.41 -3.38 8.89
N LEU A 59 1.05 -3.05 7.66
CA LEU A 59 -0.23 -3.46 7.12
C LEU A 59 -0.05 -4.67 6.20
N ILE A 60 -0.41 -5.85 6.71
CA ILE A 60 -0.33 -7.07 5.92
C ILE A 60 -1.62 -7.26 5.15
N ILE A 61 -1.56 -7.02 3.85
CA ILE A 61 -2.72 -7.11 2.99
C ILE A 61 -2.57 -8.28 2.02
N ASN A 62 -3.64 -9.05 1.87
CA ASN A 62 -3.67 -10.16 0.94
C ASN A 62 -3.61 -9.66 -0.49
N ALA A 63 -3.04 -10.48 -1.37
CA ALA A 63 -2.98 -10.15 -2.78
C ALA A 63 -4.36 -10.15 -3.40
N ALA A 64 -4.46 -9.57 -4.59
CA ALA A 64 -5.71 -9.48 -5.33
C ALA A 64 -6.70 -8.51 -4.67
N ASN A 65 -6.23 -7.78 -3.66
CA ASN A 65 -7.05 -6.77 -3.01
C ASN A 65 -6.42 -5.39 -3.19
N CYS A 66 -5.57 -5.30 -4.20
CA CYS A 66 -4.92 -4.04 -4.52
C CYS A 66 -5.21 -3.67 -5.97
N VAL A 67 -5.43 -2.39 -6.20
CA VAL A 67 -5.64 -1.88 -7.54
C VAL A 67 -4.74 -0.68 -7.77
N ALA A 68 -4.70 -0.18 -8.99
CA ALA A 68 -3.94 1.01 -9.30
C ALA A 68 -4.70 1.88 -10.29
N SER A 1 13.34 2.96 -9.13
CA SER A 1 11.96 3.23 -8.73
C SER A 1 11.93 4.19 -7.55
N ALA A 2 11.25 5.34 -7.73
CA ALA A 2 11.20 6.36 -6.71
C ALA A 2 10.01 7.30 -6.95
N THR A 3 8.80 6.76 -6.87
CA THR A 3 7.61 7.56 -7.11
C THR A 3 7.24 8.36 -5.86
N THR A 4 6.94 9.64 -6.03
CA THR A 4 6.57 10.49 -4.92
C THR A 4 5.12 10.25 -4.51
N ILE A 5 4.93 9.87 -3.26
CA ILE A 5 3.62 9.48 -2.77
C ILE A 5 2.84 10.64 -2.16
N GLY A 6 1.53 10.56 -2.32
CA GLY A 6 0.63 11.50 -1.67
C GLY A 6 -0.71 10.84 -1.40
N PRO A 7 -1.50 11.34 -0.44
CA PRO A 7 -2.81 10.77 -0.11
C PRO A 7 -3.75 10.76 -1.32
N ASN A 8 -3.60 11.76 -2.18
CA ASN A 8 -4.39 11.84 -3.40
C ASN A 8 -3.78 10.95 -4.48
N THR A 9 -3.74 9.66 -4.20
CA THR A 9 -3.27 8.68 -5.15
C THR A 9 -4.45 7.98 -5.80
N CYS A 10 -5.36 7.50 -4.98
CA CYS A 10 -6.56 6.84 -5.46
C CYS A 10 -7.81 7.54 -4.93
N SER A 11 -8.90 7.44 -5.67
CA SER A 11 -10.13 8.16 -5.37
C SER A 11 -11.32 7.37 -5.90
N ILE A 12 -11.08 6.10 -6.13
CA ILE A 12 -12.12 5.19 -6.58
C ILE A 12 -12.96 4.76 -5.38
N ASP A 13 -12.38 3.90 -4.58
CA ASP A 13 -12.94 3.52 -3.31
C ASP A 13 -12.21 4.29 -2.21
N ASP A 14 -12.21 3.77 -1.00
CA ASP A 14 -11.38 4.35 0.05
C ASP A 14 -10.00 3.73 -0.01
N TYR A 15 -9.45 3.72 -1.21
CA TYR A 15 -8.16 3.11 -1.47
C TYR A 15 -7.03 4.10 -1.18
N LYS A 16 -6.28 3.83 -0.13
CA LYS A 16 -5.20 4.71 0.29
C LYS A 16 -3.87 4.23 -0.28
N PRO A 17 -2.90 5.15 -0.42
CA PRO A 17 -1.57 4.83 -0.95
C PRO A 17 -0.81 3.82 -0.10
N TYR A 18 -0.34 2.76 -0.73
CA TYR A 18 0.39 1.72 -0.04
C TYR A 18 1.60 1.27 -0.85
N CYS A 19 2.75 1.20 -0.19
CA CYS A 19 3.96 0.73 -0.83
C CYS A 19 4.08 -0.77 -0.64
N CYS A 20 3.48 -1.51 -1.56
CA CYS A 20 3.45 -2.96 -1.50
C CYS A 20 4.80 -3.55 -1.88
N GLN A 21 5.63 -3.81 -0.87
CA GLN A 21 6.95 -4.37 -1.08
C GLN A 21 6.91 -5.89 -1.01
N SER A 22 6.36 -6.49 -2.05
CA SER A 22 6.25 -7.93 -2.14
C SER A 22 6.26 -8.35 -3.61
N MET A 23 6.63 -9.60 -3.86
CA MET A 23 6.67 -10.11 -5.23
C MET A 23 5.28 -10.51 -5.69
N SER A 24 5.11 -10.67 -6.99
CA SER A 24 3.82 -11.03 -7.56
C SER A 24 3.42 -12.45 -7.13
N GLY A 25 4.40 -13.34 -7.06
CA GLY A 25 4.14 -14.68 -6.59
C GLY A 25 4.47 -14.82 -5.12
N SER A 26 3.71 -14.14 -4.27
CA SER A 26 3.96 -14.15 -2.85
C SER A 26 2.64 -14.17 -2.07
N ALA A 27 2.75 -14.07 -0.74
CA ALA A 27 1.61 -14.09 0.14
C ALA A 27 1.87 -13.12 1.28
N SER A 28 0.83 -12.39 1.65
CA SER A 28 0.91 -11.35 2.68
C SER A 28 1.62 -10.13 2.11
N LEU A 29 0.83 -9.17 1.68
CA LEU A 29 1.36 -7.99 1.01
C LEU A 29 1.91 -6.99 2.01
N GLY A 30 3.22 -6.78 1.94
CA GLY A 30 3.88 -5.83 2.82
C GLY A 30 3.74 -4.40 2.33
N CYS A 31 2.50 -3.93 2.28
CA CYS A 31 2.21 -2.58 1.84
C CYS A 31 2.24 -1.61 3.02
N VAL A 32 3.32 -0.87 3.16
CA VAL A 32 3.40 0.18 4.16
C VAL A 32 2.67 1.42 3.65
N VAL A 33 2.17 2.24 4.57
CA VAL A 33 1.43 3.44 4.17
C VAL A 33 2.31 4.36 3.33
N GLY A 34 1.76 4.83 2.22
CA GLY A 34 2.50 5.73 1.35
C GLY A 34 2.76 7.06 2.03
N VAL A 35 4.03 7.33 2.29
CA VAL A 35 4.40 8.55 2.99
C VAL A 35 4.37 9.74 2.06
N ILE A 36 3.57 10.73 2.43
CA ILE A 36 3.40 11.94 1.65
C ILE A 36 4.73 12.66 1.45
N GLY A 37 5.04 13.01 0.21
CA GLY A 37 6.26 13.74 -0.07
C GLY A 37 7.48 12.86 0.01
N SER A 38 7.28 11.56 -0.03
CA SER A 38 8.38 10.61 0.02
C SER A 38 8.34 9.71 -1.21
N GLN A 39 9.43 8.97 -1.44
CA GLN A 39 9.54 8.15 -2.64
C GLN A 39 9.25 6.69 -2.32
N CYS A 40 8.50 6.05 -3.20
CA CYS A 40 8.24 4.63 -3.10
C CYS A 40 9.13 3.88 -4.07
N GLY A 41 9.84 2.87 -3.57
CA GLY A 41 10.73 2.11 -4.41
C GLY A 41 10.13 0.81 -4.89
N ALA A 42 8.89 0.54 -4.47
CA ALA A 42 8.21 -0.68 -4.84
C ALA A 42 6.92 -0.39 -5.58
N SER A 43 6.06 -1.39 -5.65
CA SER A 43 4.77 -1.27 -6.29
C SER A 43 3.82 -0.41 -5.46
N VAL A 44 3.61 0.83 -5.88
CA VAL A 44 2.69 1.72 -5.20
C VAL A 44 1.26 1.39 -5.60
N LYS A 45 0.50 0.86 -4.66
CA LYS A 45 -0.88 0.47 -4.92
C LYS A 45 -1.81 1.17 -3.93
N CYS A 46 -3.10 1.03 -4.14
CA CYS A 46 -4.08 1.58 -3.21
C CYS A 46 -4.93 0.47 -2.62
N CYS A 47 -4.88 0.34 -1.30
CA CYS A 47 -5.64 -0.70 -0.60
C CYS A 47 -6.58 -0.08 0.42
N LYS A 48 -7.45 -0.90 1.00
CA LYS A 48 -8.41 -0.45 1.99
C LYS A 48 -8.15 -1.08 3.34
N ASP A 49 -8.55 -0.39 4.40
CA ASP A 49 -8.32 -0.87 5.76
C ASP A 49 -9.61 -1.43 6.36
N ASP A 50 -10.14 -2.46 5.73
CA ASP A 50 -11.33 -3.13 6.24
C ASP A 50 -10.94 -4.22 7.24
N VAL A 51 -9.65 -4.54 7.26
CA VAL A 51 -9.11 -5.50 8.21
C VAL A 51 -9.08 -4.87 9.60
N THR A 52 -9.40 -5.65 10.61
CA THR A 52 -9.46 -5.15 11.97
C THR A 52 -8.08 -5.06 12.59
N ASN A 53 -7.17 -5.93 12.17
CA ASN A 53 -5.79 -5.89 12.64
C ASN A 53 -4.98 -4.90 11.82
N THR A 54 -4.95 -3.66 12.27
CA THR A 54 -4.27 -2.59 11.55
C THR A 54 -2.77 -2.84 11.43
N GLY A 55 -2.10 -2.97 12.57
CA GLY A 55 -0.67 -3.19 12.58
C GLY A 55 0.09 -1.91 12.86
N ASN A 56 -0.55 -0.78 12.55
CA ASN A 56 -0.03 0.56 12.85
C ASN A 56 1.11 0.96 11.92
N SER A 57 2.14 0.14 11.82
CA SER A 57 3.29 0.45 11.00
C SER A 57 2.98 0.17 9.52
N GLY A 58 2.56 -1.05 9.24
CA GLY A 58 2.21 -1.41 7.89
C GLY A 58 1.02 -2.33 7.85
N LEU A 59 0.16 -2.15 6.86
CA LEU A 59 -1.03 -2.98 6.73
C LEU A 59 -0.72 -4.17 5.84
N ILE A 60 -0.68 -5.35 6.44
CA ILE A 60 -0.40 -6.56 5.69
C ILE A 60 -1.65 -7.04 4.98
N ILE A 61 -1.75 -6.69 3.71
CA ILE A 61 -2.91 -7.07 2.91
C ILE A 61 -2.86 -8.55 2.56
N ASN A 62 -4.04 -9.13 2.37
CA ASN A 62 -4.14 -10.54 2.02
C ASN A 62 -3.55 -10.77 0.62
N ALA A 63 -4.23 -10.24 -0.40
CA ALA A 63 -3.75 -10.36 -1.77
C ALA A 63 -4.42 -9.33 -2.68
N ALA A 64 -5.47 -9.76 -3.37
CA ALA A 64 -6.10 -8.95 -4.40
C ALA A 64 -7.10 -7.94 -3.81
N ASN A 65 -6.57 -6.85 -3.27
CA ASN A 65 -7.40 -5.73 -2.84
C ASN A 65 -6.59 -4.45 -2.86
N CYS A 66 -5.53 -4.45 -3.66
CA CYS A 66 -4.68 -3.28 -3.82
C CYS A 66 -4.61 -2.89 -5.28
N VAL A 67 -5.57 -2.08 -5.72
CA VAL A 67 -5.66 -1.71 -7.12
C VAL A 67 -4.84 -0.48 -7.44
N ALA A 68 -4.06 -0.57 -8.50
CA ALA A 68 -3.25 0.52 -9.01
C ALA A 68 -2.46 0.02 -10.21
#